data_1GO5
#
_entry.id   1GO5
#
_cell.length_a   1.000
_cell.length_b   1.000
_cell.length_c   1.000
_cell.angle_alpha   90.00
_cell.angle_beta   90.00
_cell.angle_gamma   90.00
#
_symmetry.space_group_name_H-M   'P 1'
#
_entity_poly.entity_id   1
_entity_poly.type   'polypeptide(L)'
_entity_poly.pdbx_seq_one_letter_code
;PAPTPSSSPVPTLSPEQQEMLQAFSTQSGMNLEWSQKCLQDNNWDYTRSAQAFTHLKAKGEIPEVAFMK
;
_entity_poly.pdbx_strand_id   A
#
# COMPACT_ATOMS: atom_id res chain seq x y z
N PRO A 1 -32.38 -8.03 -18.78
CA PRO A 1 -31.01 -8.41 -19.27
C PRO A 1 -30.42 -7.32 -20.17
N ALA A 2 -29.36 -6.68 -19.69
CA ALA A 2 -28.69 -5.64 -20.44
C ALA A 2 -27.43 -5.17 -19.74
N PRO A 3 -26.65 -4.27 -20.38
CA PRO A 3 -25.40 -3.75 -19.80
C PRO A 3 -25.61 -3.20 -18.39
N THR A 4 -26.74 -2.55 -18.17
CA THR A 4 -27.06 -1.99 -16.86
C THR A 4 -27.68 -3.04 -15.95
N PRO A 5 -28.81 -3.64 -16.36
CA PRO A 5 -29.49 -4.67 -15.58
C PRO A 5 -28.88 -6.05 -15.75
N SER A 6 -27.68 -6.24 -15.22
CA SER A 6 -26.98 -7.51 -15.32
C SER A 6 -25.85 -7.60 -14.30
N SER A 7 -25.83 -8.67 -13.52
CA SER A 7 -24.80 -8.86 -12.52
C SER A 7 -24.95 -7.86 -11.37
N SER A 8 -23.97 -7.83 -10.49
CA SER A 8 -23.99 -6.91 -9.35
C SER A 8 -22.58 -6.61 -8.86
N PRO A 9 -21.89 -5.65 -9.48
CA PRO A 9 -20.53 -5.27 -9.10
C PRO A 9 -20.40 -4.99 -7.60
N VAL A 10 -19.17 -4.88 -7.13
CA VAL A 10 -18.91 -4.61 -5.71
C VAL A 10 -17.46 -4.19 -5.50
N PRO A 11 -17.18 -3.57 -4.33
CA PRO A 11 -15.82 -3.11 -4.00
C PRO A 11 -14.78 -4.22 -4.18
N THR A 12 -13.53 -3.82 -4.40
CA THR A 12 -12.44 -4.77 -4.58
C THR A 12 -11.64 -4.92 -3.29
N LEU A 13 -11.60 -3.86 -2.49
CA LEU A 13 -10.86 -3.88 -1.24
C LEU A 13 -11.81 -4.06 -0.06
N SER A 14 -11.24 -4.33 1.12
CA SER A 14 -12.02 -4.53 2.33
C SER A 14 -11.21 -4.04 3.53
N PRO A 15 -11.66 -4.31 4.76
CA PRO A 15 -10.94 -3.87 5.96
C PRO A 15 -9.46 -4.22 5.90
N GLU A 16 -9.12 -5.25 5.10
CA GLU A 16 -7.75 -5.69 4.90
C GLU A 16 -6.79 -4.52 4.80
N GLN A 17 -7.30 -3.44 4.25
CA GLN A 17 -6.53 -2.25 4.03
C GLN A 17 -5.97 -1.69 5.31
N GLN A 18 -6.84 -1.27 6.18
CA GLN A 18 -6.42 -0.69 7.44
C GLN A 18 -5.77 -1.73 8.34
N GLU A 19 -6.05 -3.00 8.08
CA GLU A 19 -5.46 -4.06 8.86
C GLU A 19 -3.96 -4.08 8.60
N MET A 20 -3.59 -3.69 7.38
CA MET A 20 -2.20 -3.67 6.97
C MET A 20 -1.61 -2.27 6.99
N LEU A 21 -2.09 -1.42 6.10
CA LEU A 21 -1.63 -0.02 5.95
C LEU A 21 -1.02 0.54 7.24
N GLN A 22 -1.68 0.29 8.37
CA GLN A 22 -1.18 0.79 9.65
C GLN A 22 0.19 0.20 9.96
N ALA A 23 0.25 -1.13 10.05
CA ALA A 23 1.51 -1.81 10.35
C ALA A 23 2.49 -1.75 9.18
N PHE A 24 2.01 -1.31 8.01
CA PHE A 24 2.85 -1.20 6.83
C PHE A 24 3.53 0.15 6.79
N SER A 25 2.92 1.15 7.42
CA SER A 25 3.49 2.48 7.46
C SER A 25 4.83 2.43 8.16
N THR A 26 4.85 1.82 9.34
CA THR A 26 6.08 1.69 10.12
C THR A 26 6.94 0.55 9.59
N GLN A 27 6.47 -0.14 8.53
CA GLN A 27 7.21 -1.25 7.94
C GLN A 27 8.66 -0.84 7.69
N SER A 28 8.87 0.05 6.72
CA SER A 28 10.21 0.53 6.41
C SER A 28 10.25 2.05 6.44
N GLY A 29 9.27 2.66 7.12
CA GLY A 29 9.21 4.10 7.21
C GLY A 29 8.15 4.73 6.33
N MET A 30 7.40 3.89 5.60
CA MET A 30 6.35 4.40 4.72
C MET A 30 5.29 5.18 5.50
N ASN A 31 4.49 5.98 4.78
CA ASN A 31 3.42 6.76 5.39
C ASN A 31 2.15 5.93 5.51
N LEU A 32 1.03 6.59 5.71
CA LEU A 32 -0.26 5.91 5.81
C LEU A 32 -1.07 6.08 4.54
N GLU A 33 -0.38 6.32 3.42
CA GLU A 33 -1.04 6.50 2.13
C GLU A 33 -0.26 5.90 0.98
N TRP A 34 1.06 5.96 1.05
CA TRP A 34 1.90 5.38 0.00
C TRP A 34 2.08 3.89 0.26
N SER A 35 1.93 3.50 1.52
CA SER A 35 2.05 2.11 1.93
C SER A 35 0.91 1.28 1.34
N GLN A 36 -0.25 1.92 1.17
CA GLN A 36 -1.41 1.24 0.60
C GLN A 36 -1.13 0.75 -0.81
N LYS A 37 -0.65 1.65 -1.66
CA LYS A 37 -0.34 1.29 -3.04
C LYS A 37 0.58 0.09 -3.07
N CYS A 38 1.49 0.03 -2.12
CA CYS A 38 2.42 -1.10 -2.03
C CYS A 38 1.66 -2.38 -1.73
N LEU A 39 0.65 -2.25 -0.87
CA LEU A 39 -0.17 -3.38 -0.48
C LEU A 39 -1.34 -3.58 -1.44
N GLN A 40 -1.29 -2.93 -2.58
CA GLN A 40 -2.36 -3.06 -3.56
C GLN A 40 -1.84 -3.75 -4.82
N ASP A 41 -0.53 -3.62 -5.06
CA ASP A 41 0.10 -4.24 -6.22
C ASP A 41 0.48 -5.68 -5.90
N ASN A 42 0.74 -5.93 -4.62
CA ASN A 42 1.09 -7.28 -4.16
C ASN A 42 -0.13 -8.02 -3.63
N ASN A 43 -1.26 -7.30 -3.48
CA ASN A 43 -2.50 -7.90 -3.00
C ASN A 43 -2.55 -7.99 -1.48
N TRP A 44 -1.94 -7.02 -0.79
CA TRP A 44 -1.95 -7.01 0.66
C TRP A 44 -1.32 -8.27 1.24
N ASP A 45 -0.10 -8.56 0.79
CA ASP A 45 0.64 -9.70 1.31
C ASP A 45 1.28 -9.28 2.61
N TYR A 46 1.70 -8.02 2.63
CA TYR A 46 2.31 -7.38 3.79
C TYR A 46 3.81 -7.61 3.87
N THR A 47 4.30 -8.65 3.20
CA THR A 47 5.71 -8.95 3.23
C THR A 47 6.34 -8.70 1.87
N ARG A 48 5.71 -9.23 0.83
CA ARG A 48 6.21 -9.04 -0.53
C ARG A 48 5.99 -7.62 -1.00
N SER A 49 4.98 -6.97 -0.44
CA SER A 49 4.69 -5.59 -0.77
C SER A 49 5.73 -4.68 -0.15
N ALA A 50 5.73 -4.58 1.17
CA ALA A 50 6.70 -3.75 1.87
C ALA A 50 8.12 -4.17 1.57
N GLN A 51 8.31 -5.37 1.04
CA GLN A 51 9.65 -5.84 0.71
C GLN A 51 10.12 -5.18 -0.58
N ALA A 52 9.19 -5.02 -1.52
CA ALA A 52 9.50 -4.37 -2.79
C ALA A 52 9.51 -2.86 -2.62
N PHE A 53 8.83 -2.39 -1.57
CA PHE A 53 8.75 -0.98 -1.28
C PHE A 53 10.09 -0.50 -0.72
N THR A 54 10.64 -1.26 0.22
CA THR A 54 11.90 -0.90 0.83
C THR A 54 13.00 -0.75 -0.21
N HIS A 55 13.04 -1.66 -1.17
CA HIS A 55 14.04 -1.62 -2.22
C HIS A 55 13.84 -0.38 -3.10
N LEU A 56 12.59 0.09 -3.15
CA LEU A 56 12.24 1.25 -3.95
C LEU A 56 12.49 2.56 -3.20
N LYS A 57 12.58 2.49 -1.87
CA LYS A 57 12.81 3.69 -1.07
C LYS A 57 14.08 4.41 -1.51
N ALA A 58 15.04 3.63 -1.99
CA ALA A 58 16.32 4.19 -2.43
C ALA A 58 16.64 3.77 -3.87
N LYS A 59 15.63 3.36 -4.61
CA LYS A 59 15.82 2.92 -5.99
C LYS A 59 14.78 3.55 -6.92
N GLY A 60 13.50 3.39 -6.56
CA GLY A 60 12.43 3.96 -7.37
C GLY A 60 12.27 5.45 -7.17
N GLU A 61 11.14 5.85 -6.61
CA GLU A 61 10.87 7.26 -6.36
C GLU A 61 9.85 7.43 -5.23
N ILE A 62 10.35 7.44 -4.00
CA ILE A 62 9.48 7.61 -2.84
C ILE A 62 9.59 9.02 -2.28
N PRO A 63 8.60 9.88 -2.55
CA PRO A 63 8.60 11.24 -2.05
C PRO A 63 8.78 11.26 -0.54
N GLU A 64 9.55 12.22 -0.05
CA GLU A 64 9.80 12.32 1.39
C GLU A 64 8.50 12.51 2.16
N VAL A 65 7.53 13.20 1.54
CA VAL A 65 6.23 13.43 2.15
C VAL A 65 5.72 12.16 2.86
N ALA A 66 6.12 11.01 2.32
CA ALA A 66 5.73 9.72 2.89
C ALA A 66 6.36 9.51 4.26
N PHE A 67 7.66 9.24 4.28
CA PHE A 67 8.38 9.00 5.52
C PHE A 67 8.09 10.10 6.54
N MET A 68 8.43 11.33 6.16
CA MET A 68 8.22 12.49 7.04
C MET A 68 8.87 13.73 6.44
N LYS A 69 8.05 14.70 6.06
CA LYS A 69 8.55 15.94 5.48
C LYS A 69 8.62 17.05 6.53
N PRO A 1 -3.75 -24.48 -10.89
CA PRO A 1 -3.82 -25.91 -11.35
C PRO A 1 -3.82 -26.02 -12.87
N ALA A 2 -4.77 -25.35 -13.52
CA ALA A 2 -4.87 -25.39 -14.97
C ALA A 2 -4.44 -24.06 -15.59
N PRO A 3 -3.81 -24.10 -16.76
CA PRO A 3 -3.35 -22.89 -17.46
C PRO A 3 -4.50 -22.06 -18.00
N THR A 4 -4.31 -20.74 -18.04
CA THR A 4 -5.34 -19.83 -18.52
C THR A 4 -4.77 -18.88 -19.58
N PRO A 5 -5.56 -18.57 -20.62
CA PRO A 5 -5.12 -17.67 -21.69
C PRO A 5 -4.58 -16.35 -21.16
N SER A 6 -5.46 -15.58 -20.49
CA SER A 6 -5.06 -14.29 -19.93
C SER A 6 -6.21 -13.69 -19.11
N SER A 7 -5.94 -12.55 -18.49
CA SER A 7 -6.95 -11.88 -17.68
C SER A 7 -6.65 -10.38 -17.58
N SER A 8 -7.45 -9.68 -16.80
CA SER A 8 -7.29 -8.24 -16.63
C SER A 8 -7.39 -7.85 -15.15
N PRO A 9 -6.93 -6.64 -14.80
CA PRO A 9 -6.97 -6.15 -13.41
C PRO A 9 -8.39 -5.86 -12.95
N VAL A 10 -8.77 -6.45 -11.81
CA VAL A 10 -10.11 -6.26 -11.27
C VAL A 10 -10.05 -5.53 -9.92
N PRO A 11 -10.18 -4.20 -9.94
CA PRO A 11 -10.14 -3.38 -8.71
C PRO A 11 -11.10 -3.90 -7.64
N THR A 12 -10.61 -4.01 -6.42
CA THR A 12 -11.43 -4.49 -5.30
C THR A 12 -10.63 -4.53 -4.01
N LEU A 13 -11.21 -4.00 -2.94
CA LEU A 13 -10.53 -3.99 -1.64
C LEU A 13 -11.54 -4.17 -0.51
N SER A 14 -11.04 -4.39 0.69
CA SER A 14 -11.87 -4.59 1.87
C SER A 14 -11.14 -4.08 3.10
N PRO A 15 -11.64 -4.35 4.32
CA PRO A 15 -10.99 -3.89 5.54
C PRO A 15 -9.50 -4.21 5.56
N GLU A 16 -9.11 -5.24 4.79
CA GLU A 16 -7.73 -5.66 4.68
C GLU A 16 -6.77 -4.46 4.60
N GLN A 17 -7.27 -3.41 4.00
CA GLN A 17 -6.50 -2.21 3.79
C GLN A 17 -6.00 -1.59 5.06
N GLN A 18 -6.88 -1.36 5.99
CA GLN A 18 -6.50 -0.75 7.24
C GLN A 18 -5.86 -1.76 8.17
N GLU A 19 -6.21 -3.01 7.98
CA GLU A 19 -5.62 -4.07 8.78
C GLU A 19 -4.13 -4.11 8.53
N MET A 20 -3.74 -3.74 7.32
CA MET A 20 -2.33 -3.74 6.93
C MET A 20 -1.73 -2.35 6.97
N LEU A 21 -2.18 -1.48 6.06
CA LEU A 21 -1.68 -0.09 5.93
C LEU A 21 -1.09 0.46 7.22
N GLN A 22 -1.78 0.24 8.34
CA GLN A 22 -1.30 0.74 9.61
C GLN A 22 0.02 0.07 9.98
N ALA A 23 0.00 -1.25 10.09
CA ALA A 23 1.20 -1.99 10.42
C ALA A 23 2.21 -1.99 9.27
N PHE A 24 1.80 -1.47 8.11
CA PHE A 24 2.67 -1.40 6.95
C PHE A 24 3.37 -0.05 6.89
N SER A 25 2.78 0.95 7.55
CA SER A 25 3.36 2.29 7.57
C SER A 25 4.69 2.27 8.30
N THR A 26 4.74 1.51 9.40
CA THR A 26 5.97 1.39 10.18
C THR A 26 7.01 0.52 9.48
N GLN A 27 6.64 -0.05 8.32
CA GLN A 27 7.54 -0.91 7.54
C GLN A 27 8.97 -0.35 7.53
N SER A 28 9.29 0.47 6.53
CA SER A 28 10.62 1.05 6.43
C SER A 28 10.63 2.46 7.03
N GLY A 29 9.44 3.01 7.27
CA GLY A 29 9.34 4.35 7.84
C GLY A 29 8.56 5.30 6.96
N MET A 30 7.85 4.76 5.97
CA MET A 30 7.05 5.60 5.06
C MET A 30 5.85 6.21 5.78
N ASN A 31 4.84 6.61 5.01
CA ASN A 31 3.64 7.21 5.58
C ASN A 31 2.51 6.19 5.70
N LEU A 32 1.29 6.68 5.88
CA LEU A 32 0.13 5.82 6.01
C LEU A 32 -0.75 5.85 4.76
N GLU A 33 -0.30 6.54 3.71
CA GLU A 33 -1.07 6.63 2.48
C GLU A 33 -0.30 6.10 1.27
N TRP A 34 1.02 6.15 1.34
CA TRP A 34 1.83 5.64 0.23
C TRP A 34 2.02 4.13 0.41
N SER A 35 1.85 3.66 1.64
CA SER A 35 1.97 2.24 1.95
C SER A 35 0.90 1.44 1.22
N GLN A 36 -0.26 2.07 1.00
CA GLN A 36 -1.37 1.42 0.31
C GLN A 36 -0.92 0.91 -1.05
N LYS A 37 -0.24 1.77 -1.81
CA LYS A 37 0.25 1.39 -3.13
C LYS A 37 1.20 0.21 -3.03
N CYS A 38 1.87 0.10 -1.90
CA CYS A 38 2.81 -0.99 -1.66
C CYS A 38 2.07 -2.29 -1.38
N LEU A 39 0.87 -2.15 -0.79
CA LEU A 39 0.05 -3.31 -0.45
C LEU A 39 -1.08 -3.51 -1.45
N GLN A 40 -0.99 -2.85 -2.58
CA GLN A 40 -2.02 -2.98 -3.60
C GLN A 40 -1.46 -3.64 -4.86
N ASP A 41 -0.17 -3.45 -5.09
CA ASP A 41 0.51 -4.04 -6.23
C ASP A 41 0.85 -5.50 -5.93
N ASN A 42 1.06 -5.78 -4.65
CA ASN A 42 1.41 -7.14 -4.21
C ASN A 42 0.17 -7.88 -3.72
N ASN A 43 -0.95 -7.16 -3.55
CA ASN A 43 -2.21 -7.74 -3.10
C ASN A 43 -2.29 -7.88 -1.58
N TRP A 44 -1.69 -6.94 -0.84
CA TRP A 44 -1.74 -6.97 0.60
C TRP A 44 -1.16 -8.26 1.18
N ASP A 45 0.07 -8.57 0.79
CA ASP A 45 0.75 -9.74 1.32
C ASP A 45 1.29 -9.38 2.68
N TYR A 46 1.78 -8.15 2.76
CA TYR A 46 2.31 -7.56 3.97
C TYR A 46 3.80 -7.85 4.17
N THR A 47 4.26 -8.97 3.62
CA THR A 47 5.65 -9.35 3.74
C THR A 47 6.34 -9.14 2.40
N ARG A 48 5.75 -9.69 1.35
CA ARG A 48 6.28 -9.54 0.01
C ARG A 48 6.00 -8.13 -0.50
N SER A 49 4.98 -7.49 0.08
CA SER A 49 4.63 -6.13 -0.30
C SER A 49 5.70 -5.18 0.20
N ALA A 50 5.76 -5.00 1.51
CA ALA A 50 6.76 -4.13 2.10
C ALA A 50 8.16 -4.50 1.62
N GLN A 51 8.34 -5.73 1.18
CA GLN A 51 9.64 -6.19 0.70
C GLN A 51 9.98 -5.49 -0.61
N ALA A 52 9.02 -5.42 -1.51
CA ALA A 52 9.22 -4.76 -2.78
C ALA A 52 9.19 -3.24 -2.61
N PHE A 53 8.59 -2.79 -1.52
CA PHE A 53 8.49 -1.38 -1.21
C PHE A 53 9.85 -0.84 -0.80
N THR A 54 10.58 -1.61 -0.01
CA THR A 54 11.89 -1.18 0.45
C THR A 54 12.79 -0.86 -0.73
N HIS A 55 12.81 -1.76 -1.71
CA HIS A 55 13.62 -1.54 -2.90
C HIS A 55 13.14 -0.31 -3.65
N LEU A 56 11.87 0.02 -3.48
CA LEU A 56 11.27 1.17 -4.14
C LEU A 56 11.55 2.48 -3.39
N LYS A 57 11.90 2.38 -2.10
CA LYS A 57 12.18 3.57 -1.30
C LYS A 57 13.39 4.33 -1.83
N ALA A 58 14.45 3.60 -2.16
CA ALA A 58 15.67 4.22 -2.67
C ALA A 58 15.95 3.86 -4.12
N LYS A 59 14.90 3.44 -4.83
CA LYS A 59 15.05 3.08 -6.24
C LYS A 59 13.86 3.58 -7.05
N GLY A 60 12.66 3.32 -6.56
CA GLY A 60 11.46 3.76 -7.26
C GLY A 60 11.38 5.26 -7.36
N GLU A 61 10.72 5.89 -6.38
CA GLU A 61 10.58 7.35 -6.37
C GLU A 61 9.80 7.81 -5.14
N ILE A 62 10.00 7.13 -4.02
CA ILE A 62 9.32 7.50 -2.79
C ILE A 62 9.78 8.87 -2.30
N PRO A 63 8.90 9.86 -2.25
CA PRO A 63 9.24 11.19 -1.79
C PRO A 63 9.21 11.24 -0.26
N GLU A 64 9.91 12.22 0.30
CA GLU A 64 9.98 12.37 1.76
C GLU A 64 8.61 12.62 2.39
N VAL A 65 7.71 13.25 1.62
CA VAL A 65 6.36 13.52 2.12
C VAL A 65 5.77 12.26 2.76
N ALA A 66 6.22 11.11 2.27
CA ALA A 66 5.77 9.81 2.76
C ALA A 66 6.49 9.44 4.06
N PHE A 67 7.79 9.70 4.11
CA PHE A 67 8.60 9.38 5.29
C PHE A 67 8.51 10.49 6.34
N MET A 68 7.31 10.95 6.65
CA MET A 68 7.11 12.00 7.64
C MET A 68 8.06 13.17 7.39
N LYS A 69 7.84 13.88 6.29
CA LYS A 69 8.68 15.03 5.93
C LYS A 69 8.88 15.95 7.12
N PRO A 1 -22.87 -8.73 -19.11
CA PRO A 1 -21.96 -8.38 -20.23
C PRO A 1 -21.26 -7.04 -20.02
N ALA A 2 -20.20 -7.05 -19.20
CA ALA A 2 -19.45 -5.83 -18.92
C ALA A 2 -20.33 -4.80 -18.22
N PRO A 3 -20.68 -5.04 -16.94
CA PRO A 3 -21.52 -4.11 -16.17
C PRO A 3 -20.80 -2.80 -15.84
N THR A 4 -21.00 -1.80 -16.67
CA THR A 4 -20.37 -0.50 -16.47
C THR A 4 -18.85 -0.62 -16.52
N PRO A 5 -18.17 0.38 -17.11
CA PRO A 5 -16.70 0.38 -17.21
C PRO A 5 -16.03 0.59 -15.86
N SER A 6 -16.49 1.60 -15.12
CA SER A 6 -15.93 1.90 -13.80
C SER A 6 -16.55 3.18 -13.24
N SER A 7 -17.30 3.03 -12.16
CA SER A 7 -17.95 4.17 -11.51
C SER A 7 -18.18 3.90 -10.03
N SER A 8 -17.36 4.53 -9.18
CA SER A 8 -17.47 4.37 -7.74
C SER A 8 -17.50 2.88 -7.37
N PRO A 9 -16.47 2.13 -7.78
CA PRO A 9 -16.37 0.70 -7.47
C PRO A 9 -16.10 0.43 -6.00
N VAL A 10 -17.15 0.01 -5.28
CA VAL A 10 -17.02 -0.29 -3.85
C VAL A 10 -16.14 -1.51 -3.61
N PRO A 11 -16.37 -2.61 -4.38
CA PRO A 11 -15.59 -3.84 -4.22
C PRO A 11 -14.09 -3.60 -4.40
N THR A 12 -13.38 -4.67 -4.76
CA THR A 12 -11.93 -4.60 -4.98
C THR A 12 -11.17 -4.70 -3.65
N LEU A 13 -11.25 -3.66 -2.83
CA LEU A 13 -10.57 -3.64 -1.55
C LEU A 13 -11.58 -3.72 -0.41
N SER A 14 -11.08 -3.95 0.80
CA SER A 14 -11.91 -4.06 1.99
C SER A 14 -11.12 -3.55 3.19
N PRO A 15 -11.63 -3.73 4.43
CA PRO A 15 -10.93 -3.28 5.63
C PRO A 15 -9.46 -3.72 5.64
N GLU A 16 -9.17 -4.79 4.89
CA GLU A 16 -7.82 -5.33 4.79
C GLU A 16 -6.79 -4.21 4.66
N GLN A 17 -7.21 -3.13 4.06
CA GLN A 17 -6.36 -1.99 3.82
C GLN A 17 -5.83 -1.42 5.10
N GLN A 18 -6.71 -0.89 5.90
CA GLN A 18 -6.29 -0.27 7.15
C GLN A 18 -5.75 -1.32 8.12
N GLU A 19 -6.10 -2.57 7.90
CA GLU A 19 -5.60 -3.63 8.75
C GLU A 19 -4.09 -3.74 8.56
N MET A 20 -3.65 -3.44 7.34
CA MET A 20 -2.24 -3.50 7.00
C MET A 20 -1.61 -2.12 6.99
N LEU A 21 -2.00 -1.29 6.02
CA LEU A 21 -1.49 0.07 5.84
C LEU A 21 -0.88 0.67 7.11
N GLN A 22 -1.57 0.52 8.23
CA GLN A 22 -1.09 1.06 9.49
C GLN A 22 0.24 0.39 9.88
N ALA A 23 0.20 -0.92 10.06
CA ALA A 23 1.40 -1.67 10.44
C ALA A 23 2.39 -1.76 9.28
N PHE A 24 1.98 -1.34 8.10
CA PHE A 24 2.85 -1.38 6.94
C PHE A 24 3.64 -0.09 6.80
N SER A 25 3.09 1.00 7.32
CA SER A 25 3.75 2.28 7.26
C SER A 25 5.00 2.24 8.12
N THR A 26 4.93 1.49 9.21
CA THR A 26 6.06 1.34 10.12
C THR A 26 7.10 0.36 9.59
N GLN A 27 6.77 -0.36 8.51
CA GLN A 27 7.70 -1.33 7.93
C GLN A 27 9.08 -0.71 7.75
N SER A 28 9.26 0.02 6.65
CA SER A 28 10.53 0.67 6.39
C SER A 28 10.43 2.19 6.51
N GLY A 29 9.32 2.67 7.09
CA GLY A 29 9.14 4.10 7.25
C GLY A 29 8.03 4.68 6.40
N MET A 30 7.45 3.85 5.52
CA MET A 30 6.38 4.31 4.64
C MET A 30 5.29 5.03 5.44
N ASN A 31 4.46 5.80 4.73
CA ASN A 31 3.37 6.53 5.37
C ASN A 31 2.12 5.66 5.47
N LEU A 32 0.98 6.29 5.66
CA LEU A 32 -0.29 5.57 5.77
C LEU A 32 -1.13 5.74 4.50
N GLU A 33 -0.49 6.19 3.41
CA GLU A 33 -1.21 6.39 2.15
C GLU A 33 -0.44 5.84 0.95
N TRP A 34 0.88 5.87 1.02
CA TRP A 34 1.70 5.34 -0.06
C TRP A 34 1.91 3.85 0.15
N SER A 35 1.82 3.43 1.42
CA SER A 35 1.98 2.03 1.78
C SER A 35 0.83 1.21 1.21
N GLN A 36 -0.35 1.83 1.09
CA GLN A 36 -1.52 1.14 0.55
C GLN A 36 -1.22 0.59 -0.84
N LYS A 37 -0.55 1.41 -1.67
CA LYS A 37 -0.20 1.00 -3.02
C LYS A 37 0.80 -0.15 -2.95
N CYS A 38 1.65 -0.10 -1.93
CA CYS A 38 2.64 -1.14 -1.71
C CYS A 38 1.97 -2.46 -1.38
N LEU A 39 0.78 -2.36 -0.78
CA LEU A 39 0.00 -3.54 -0.41
C LEU A 39 -1.13 -3.79 -1.38
N GLN A 40 -1.02 -3.23 -2.55
CA GLN A 40 -2.05 -3.42 -3.57
C GLN A 40 -1.49 -4.19 -4.77
N ASP A 41 -0.17 -4.17 -4.92
CA ASP A 41 0.49 -4.88 -6.01
C ASP A 41 0.61 -6.36 -5.67
N ASN A 42 0.92 -6.65 -4.42
CA ASN A 42 1.05 -8.03 -3.95
C ASN A 42 -0.27 -8.56 -3.39
N ASN A 43 -1.26 -7.66 -3.28
CA ASN A 43 -2.59 -8.04 -2.78
C ASN A 43 -2.64 -8.05 -1.24
N TRP A 44 -1.90 -7.14 -0.61
CA TRP A 44 -1.91 -7.07 0.84
C TRP A 44 -1.33 -8.33 1.48
N ASP A 45 -0.12 -8.67 1.09
CA ASP A 45 0.57 -9.81 1.66
C ASP A 45 1.18 -9.37 2.97
N TYR A 46 1.65 -8.13 2.97
CA TYR A 46 2.22 -7.49 4.13
C TYR A 46 3.71 -7.76 4.30
N THR A 47 4.19 -8.83 3.67
CA THR A 47 5.60 -9.17 3.78
C THR A 47 6.27 -8.99 2.42
N ARG A 48 5.64 -9.51 1.38
CA ARG A 48 6.17 -9.40 0.03
C ARG A 48 5.97 -7.99 -0.51
N SER A 49 4.96 -7.31 0.02
CA SER A 49 4.68 -5.94 -0.40
C SER A 49 5.79 -5.02 0.07
N ALA A 50 5.89 -4.84 1.39
CA ALA A 50 6.92 -4.00 1.97
C ALA A 50 8.29 -4.32 1.36
N GLN A 51 8.48 -5.54 0.90
CA GLN A 51 9.74 -5.95 0.30
C GLN A 51 10.00 -5.15 -0.97
N ALA A 52 9.01 -5.14 -1.86
CA ALA A 52 9.13 -4.41 -3.11
C ALA A 52 9.09 -2.90 -2.87
N PHE A 53 8.54 -2.52 -1.72
CA PHE A 53 8.44 -1.13 -1.33
C PHE A 53 9.80 -0.56 -0.98
N THR A 54 10.62 -1.38 -0.33
CA THR A 54 11.95 -0.93 0.08
C THR A 54 12.83 -0.65 -1.13
N HIS A 55 12.45 -1.21 -2.29
CA HIS A 55 13.21 -1.01 -3.51
C HIS A 55 13.00 0.40 -4.06
N LEU A 56 11.84 0.98 -3.76
CA LEU A 56 11.52 2.32 -4.24
C LEU A 56 11.93 3.40 -3.23
N LYS A 57 12.13 3.01 -1.98
CA LYS A 57 12.51 3.97 -0.95
C LYS A 57 13.79 4.72 -1.33
N ALA A 58 14.79 3.98 -1.80
CA ALA A 58 16.06 4.57 -2.17
C ALA A 58 16.53 4.09 -3.54
N LYS A 59 15.66 4.22 -4.53
CA LYS A 59 15.97 3.80 -5.89
C LYS A 59 14.81 4.11 -6.82
N GLY A 60 13.60 3.92 -6.30
CA GLY A 60 12.40 4.17 -7.09
C GLY A 60 12.08 5.65 -7.18
N GLU A 61 11.10 6.10 -6.39
CA GLU A 61 10.71 7.49 -6.40
C GLU A 61 9.91 7.86 -5.14
N ILE A 62 10.16 7.14 -4.05
CA ILE A 62 9.47 7.41 -2.80
C ILE A 62 9.89 8.77 -2.24
N PRO A 63 8.95 9.72 -2.15
CA PRO A 63 9.24 11.03 -1.60
C PRO A 63 9.17 11.02 -0.08
N GLU A 64 9.84 11.97 0.55
CA GLU A 64 9.88 12.07 2.01
C GLU A 64 8.49 12.27 2.60
N VAL A 65 7.59 12.91 1.85
CA VAL A 65 6.23 13.14 2.32
C VAL A 65 5.65 11.85 2.91
N ALA A 66 6.12 10.73 2.39
CA ALA A 66 5.68 9.42 2.83
C ALA A 66 6.32 9.03 4.16
N PHE A 67 7.61 9.30 4.29
CA PHE A 67 8.36 8.98 5.50
C PHE A 67 8.21 10.07 6.56
N MET A 68 6.99 10.52 6.80
CA MET A 68 6.73 11.56 7.80
C MET A 68 7.69 12.74 7.63
N LYS A 69 7.54 13.45 6.50
CA LYS A 69 8.39 14.60 6.21
C LYS A 69 8.55 15.50 7.43
N PRO A 1 -24.41 5.91 -9.69
CA PRO A 1 -23.93 6.76 -10.82
C PRO A 1 -24.96 6.82 -11.95
N ALA A 2 -24.97 7.94 -12.67
CA ALA A 2 -25.90 8.13 -13.77
C ALA A 2 -25.78 9.54 -14.35
N PRO A 3 -26.04 10.57 -13.52
CA PRO A 3 -25.97 11.97 -13.96
C PRO A 3 -24.54 12.42 -14.22
N THR A 4 -23.59 11.72 -13.61
CA THR A 4 -22.17 12.05 -13.79
C THR A 4 -21.62 11.44 -15.07
N PRO A 5 -20.75 12.17 -15.77
CA PRO A 5 -20.15 11.70 -17.03
C PRO A 5 -19.16 10.56 -16.80
N SER A 6 -18.27 10.74 -15.83
CA SER A 6 -17.27 9.72 -15.51
C SER A 6 -17.79 8.76 -14.45
N SER A 7 -17.56 7.48 -14.66
CA SER A 7 -18.01 6.45 -13.71
C SER A 7 -17.06 5.25 -13.72
N SER A 8 -16.12 5.25 -12.78
CA SER A 8 -15.16 4.16 -12.68
C SER A 8 -15.74 2.98 -11.91
N PRO A 9 -15.16 1.78 -12.07
CA PRO A 9 -15.62 0.57 -11.39
C PRO A 9 -15.34 0.61 -9.88
N VAL A 10 -16.23 -0.01 -9.12
CA VAL A 10 -16.08 -0.05 -7.66
C VAL A 10 -14.68 -0.51 -7.27
N PRO A 11 -14.18 -0.06 -6.10
CA PRO A 11 -12.85 -0.44 -5.61
C PRO A 11 -12.79 -1.90 -5.18
N THR A 12 -11.73 -2.60 -5.60
CA THR A 12 -11.56 -4.00 -5.25
C THR A 12 -10.73 -4.14 -3.98
N LEU A 13 -11.28 -3.64 -2.86
CA LEU A 13 -10.59 -3.72 -1.58
C LEU A 13 -11.60 -3.93 -0.44
N SER A 14 -11.08 -4.25 0.73
CA SER A 14 -11.91 -4.49 1.90
C SER A 14 -11.15 -4.06 3.16
N PRO A 15 -11.64 -4.36 4.36
CA PRO A 15 -10.96 -3.99 5.61
C PRO A 15 -9.47 -4.35 5.59
N GLU A 16 -9.13 -5.34 4.76
CA GLU A 16 -7.76 -5.81 4.59
C GLU A 16 -6.78 -4.64 4.57
N GLN A 17 -7.26 -3.54 4.05
CA GLN A 17 -6.47 -2.34 3.91
C GLN A 17 -5.96 -1.84 5.23
N GLN A 18 -6.88 -1.42 6.05
CA GLN A 18 -6.50 -0.87 7.35
C GLN A 18 -5.89 -1.95 8.24
N GLU A 19 -6.15 -3.20 7.92
CA GLU A 19 -5.60 -4.29 8.70
C GLU A 19 -4.09 -4.30 8.51
N MET A 20 -3.67 -3.89 7.32
CA MET A 20 -2.26 -3.85 6.97
C MET A 20 -1.70 -2.44 7.05
N LEU A 21 -2.15 -1.58 6.15
CA LEU A 21 -1.72 -0.17 6.04
C LEU A 21 -1.15 0.38 7.34
N GLN A 22 -1.82 0.11 8.46
CA GLN A 22 -1.34 0.60 9.74
C GLN A 22 0.00 -0.02 10.09
N ALA A 23 0.01 -1.36 10.19
CA ALA A 23 1.24 -2.07 10.51
C ALA A 23 2.24 -2.04 9.36
N PHE A 24 1.81 -1.51 8.21
CA PHE A 24 2.67 -1.41 7.04
C PHE A 24 3.31 -0.03 6.97
N SER A 25 2.71 0.94 7.65
CA SER A 25 3.24 2.30 7.66
C SER A 25 4.58 2.32 8.38
N THR A 26 4.66 1.57 9.47
CA THR A 26 5.88 1.48 10.25
C THR A 26 6.96 0.70 9.50
N GLN A 27 6.61 0.11 8.35
CA GLN A 27 7.55 -0.66 7.54
C GLN A 27 8.92 0.01 7.48
N SER A 28 9.16 0.83 6.46
CA SER A 28 10.44 1.51 6.34
C SER A 28 10.36 2.91 6.95
N GLY A 29 9.13 3.42 7.12
CA GLY A 29 8.94 4.72 7.71
C GLY A 29 7.99 5.61 6.92
N MET A 30 7.33 5.05 5.91
CA MET A 30 6.39 5.82 5.09
C MET A 30 5.12 6.16 5.88
N ASN A 31 4.17 6.85 5.23
CA ASN A 31 2.92 7.22 5.88
C ASN A 31 1.84 6.18 5.62
N LEU A 32 0.61 6.48 6.06
CA LEU A 32 -0.51 5.57 5.87
C LEU A 32 -1.18 5.79 4.51
N GLU A 33 -0.48 6.43 3.58
CA GLU A 33 -1.05 6.68 2.26
C GLU A 33 -0.19 6.12 1.14
N TRP A 34 1.12 6.11 1.35
CA TRP A 34 2.02 5.57 0.34
C TRP A 34 2.23 4.08 0.57
N SER A 35 1.95 3.64 1.79
CA SER A 35 2.08 2.23 2.15
C SER A 35 0.96 1.42 1.49
N GLN A 36 -0.22 2.03 1.36
CA GLN A 36 -1.36 1.34 0.73
C GLN A 36 -1.00 0.89 -0.67
N LYS A 37 -0.36 1.76 -1.44
CA LYS A 37 0.03 1.43 -2.80
C LYS A 37 0.98 0.24 -2.80
N CYS A 38 1.78 0.15 -1.75
CA CYS A 38 2.73 -0.94 -1.60
C CYS A 38 2.00 -2.25 -1.35
N LEU A 39 0.85 -2.14 -0.71
CA LEU A 39 0.02 -3.30 -0.39
C LEU A 39 -1.11 -3.48 -1.39
N GLN A 40 -1.03 -2.81 -2.52
CA GLN A 40 -2.06 -2.92 -3.53
C GLN A 40 -1.50 -3.58 -4.79
N ASP A 41 -0.21 -3.36 -5.04
CA ASP A 41 0.45 -3.95 -6.20
C ASP A 41 0.82 -5.39 -5.91
N ASN A 42 1.05 -5.69 -4.63
CA ASN A 42 1.40 -7.03 -4.19
C ASN A 42 0.18 -7.81 -3.72
N ASN A 43 -0.95 -7.12 -3.56
CA ASN A 43 -2.21 -7.73 -3.13
C ASN A 43 -2.29 -7.89 -1.62
N TRP A 44 -1.72 -6.95 -0.87
CA TRP A 44 -1.80 -7.00 0.58
C TRP A 44 -1.21 -8.29 1.14
N ASP A 45 0.06 -8.54 0.84
CA ASP A 45 0.75 -9.70 1.36
C ASP A 45 1.30 -9.36 2.72
N TYR A 46 1.79 -8.12 2.80
CA TYR A 46 2.34 -7.54 4.01
C TYR A 46 3.82 -7.80 4.18
N THR A 47 4.28 -8.91 3.62
CA THR A 47 5.69 -9.27 3.71
C THR A 47 6.35 -9.01 2.37
N ARG A 48 5.77 -9.62 1.33
CA ARG A 48 6.27 -9.44 -0.02
C ARG A 48 5.94 -8.02 -0.50
N SER A 49 4.94 -7.40 0.12
CA SER A 49 4.54 -6.05 -0.21
C SER A 49 5.62 -5.09 0.23
N ALA A 50 5.76 -4.92 1.54
CA ALA A 50 6.77 -4.04 2.09
C ALA A 50 8.15 -4.39 1.55
N GLN A 51 8.37 -5.66 1.22
CA GLN A 51 9.65 -6.09 0.69
C GLN A 51 9.90 -5.46 -0.67
N ALA A 52 8.85 -5.42 -1.49
CA ALA A 52 8.94 -4.81 -2.81
C ALA A 52 8.91 -3.30 -2.72
N PHE A 53 8.40 -2.80 -1.58
CA PHE A 53 8.31 -1.37 -1.35
C PHE A 53 9.67 -0.78 -1.03
N THR A 54 10.49 -1.56 -0.32
CA THR A 54 11.82 -1.10 0.05
C THR A 54 12.68 -0.87 -1.18
N HIS A 55 12.56 -1.75 -2.16
CA HIS A 55 13.31 -1.62 -3.40
C HIS A 55 13.05 -0.28 -4.06
N LEU A 56 11.87 0.27 -3.80
CA LEU A 56 11.45 1.55 -4.36
C LEU A 56 12.01 2.72 -3.55
N LYS A 57 11.98 2.56 -2.25
CA LYS A 57 12.46 3.61 -1.34
C LYS A 57 13.81 4.15 -1.79
N ALA A 58 14.63 3.27 -2.36
CA ALA A 58 15.97 3.66 -2.82
C ALA A 58 16.05 3.77 -4.34
N LYS A 59 15.37 2.86 -5.03
CA LYS A 59 15.38 2.85 -6.49
C LYS A 59 15.10 4.24 -7.04
N GLY A 60 14.22 4.97 -6.37
CA GLY A 60 13.88 6.31 -6.79
C GLY A 60 12.45 6.68 -6.45
N GLU A 61 11.61 5.68 -6.19
CA GLU A 61 10.22 5.90 -5.85
C GLU A 61 10.10 6.51 -4.46
N ILE A 62 8.88 6.50 -3.92
CA ILE A 62 8.60 7.05 -2.60
C ILE A 62 9.17 8.46 -2.44
N PRO A 63 8.32 9.48 -2.44
CA PRO A 63 8.80 10.84 -2.22
C PRO A 63 9.14 11.00 -0.75
N GLU A 64 10.01 11.95 -0.43
CA GLU A 64 10.41 12.13 0.96
C GLU A 64 9.21 12.29 1.89
N VAL A 65 8.17 12.94 1.41
CA VAL A 65 6.95 13.15 2.20
C VAL A 65 6.51 11.84 2.85
N ALA A 66 6.57 10.74 2.10
CA ALA A 66 6.19 9.44 2.61
C ALA A 66 6.81 9.18 3.98
N PHE A 67 8.12 9.41 4.08
CA PHE A 67 8.84 9.20 5.32
C PHE A 67 8.78 10.45 6.21
N MET A 68 7.58 10.98 6.40
CA MET A 68 7.38 12.17 7.22
C MET A 68 8.38 13.26 6.85
N LYS A 69 7.99 14.10 5.89
CA LYS A 69 8.86 15.20 5.44
C LYS A 69 8.03 16.40 5.02
N PRO A 1 -20.07 11.66 -15.38
CA PRO A 1 -19.61 11.18 -16.71
C PRO A 1 -18.74 9.92 -16.62
N ALA A 2 -17.76 9.95 -15.74
CA ALA A 2 -16.86 8.82 -15.54
C ALA A 2 -16.16 8.45 -16.86
N PRO A 3 -15.18 9.25 -17.29
CA PRO A 3 -14.44 8.99 -18.52
C PRO A 3 -13.89 7.57 -18.59
N THR A 4 -13.26 7.14 -17.49
CA THR A 4 -12.69 5.80 -17.43
C THR A 4 -12.65 5.30 -15.99
N PRO A 5 -12.52 3.98 -15.80
CA PRO A 5 -12.47 3.37 -14.45
C PRO A 5 -11.18 3.71 -13.72
N SER A 6 -10.15 4.08 -14.47
CA SER A 6 -8.86 4.43 -13.88
C SER A 6 -8.17 3.19 -13.32
N SER A 7 -8.25 2.08 -14.06
CA SER A 7 -7.63 0.83 -13.61
C SER A 7 -8.37 0.25 -12.42
N SER A 8 -8.42 -1.08 -12.35
CA SER A 8 -9.11 -1.76 -11.26
C SER A 8 -10.55 -1.28 -11.13
N PRO A 9 -11.43 -1.73 -12.03
CA PRO A 9 -12.85 -1.34 -12.01
C PRO A 9 -13.60 -1.95 -10.83
N VAL A 10 -14.18 -1.09 -10.00
CA VAL A 10 -14.93 -1.54 -8.84
C VAL A 10 -13.99 -2.07 -7.75
N PRO A 11 -13.63 -1.21 -6.78
CA PRO A 11 -12.73 -1.59 -5.69
C PRO A 11 -13.19 -2.85 -4.98
N THR A 12 -12.24 -3.71 -4.64
CA THR A 12 -12.56 -4.97 -3.95
C THR A 12 -11.70 -5.12 -2.69
N LEU A 13 -11.74 -4.11 -1.84
CA LEU A 13 -10.98 -4.12 -0.59
C LEU A 13 -11.88 -4.48 0.60
N SER A 14 -11.42 -4.13 1.79
CA SER A 14 -12.14 -4.40 3.02
C SER A 14 -11.29 -3.95 4.21
N PRO A 15 -11.69 -4.26 5.45
CA PRO A 15 -10.91 -3.87 6.63
C PRO A 15 -9.43 -4.21 6.47
N GLU A 16 -9.15 -5.20 5.61
CA GLU A 16 -7.79 -5.64 5.32
C GLU A 16 -6.85 -4.46 5.18
N GLN A 17 -7.30 -3.50 4.42
CA GLN A 17 -6.53 -2.32 4.11
C GLN A 17 -5.92 -1.66 5.32
N GLN A 18 -6.73 -1.48 6.33
CA GLN A 18 -6.25 -0.81 7.54
C GLN A 18 -5.50 -1.77 8.43
N GLU A 19 -5.83 -3.05 8.33
CA GLU A 19 -5.16 -4.05 9.11
C GLU A 19 -3.69 -4.10 8.71
N MET A 20 -3.41 -3.74 7.46
CA MET A 20 -2.06 -3.76 6.95
C MET A 20 -1.43 -2.37 6.89
N LEU A 21 -1.99 -1.49 6.07
CA LEU A 21 -1.50 -0.12 5.88
C LEU A 21 -0.78 0.43 7.11
N GLN A 22 -1.40 0.29 8.27
CA GLN A 22 -0.82 0.79 9.51
C GLN A 22 0.54 0.15 9.77
N ALA A 23 0.56 -1.18 9.83
CA ALA A 23 1.80 -1.91 10.10
C ALA A 23 2.76 -1.87 8.90
N PHE A 24 2.25 -1.42 7.76
CA PHE A 24 3.07 -1.32 6.55
C PHE A 24 3.83 0.00 6.51
N SER A 25 3.25 1.01 7.16
CA SER A 25 3.86 2.32 7.21
C SER A 25 5.19 2.27 7.96
N THR A 26 5.22 1.44 9.00
CA THR A 26 6.43 1.29 9.81
C THR A 26 7.58 0.67 9.00
N GLN A 27 7.27 0.10 7.85
CA GLN A 27 8.29 -0.53 7.00
C GLN A 27 9.51 0.39 6.83
N SER A 28 9.55 1.15 5.73
CA SER A 28 10.67 2.06 5.52
C SER A 28 10.40 3.42 6.16
N GLY A 29 9.30 3.51 6.92
CA GLY A 29 8.94 4.75 7.58
C GLY A 29 8.03 5.62 6.71
N MET A 30 7.51 5.05 5.63
CA MET A 30 6.62 5.78 4.73
C MET A 30 5.41 6.35 5.47
N ASN A 31 4.37 6.68 4.70
CA ASN A 31 3.14 7.22 5.26
C ASN A 31 2.08 6.13 5.40
N LEU A 32 0.86 6.54 5.75
CA LEU A 32 -0.24 5.59 5.90
C LEU A 32 -1.17 5.62 4.68
N GLU A 33 -0.70 6.19 3.58
CA GLU A 33 -1.51 6.28 2.36
C GLU A 33 -0.77 5.69 1.16
N TRP A 34 0.54 5.84 1.13
CA TRP A 34 1.32 5.31 0.03
C TRP A 34 1.48 3.80 0.23
N SER A 35 1.48 3.39 1.49
CA SER A 35 1.60 1.98 1.85
C SER A 35 0.49 1.17 1.19
N GLN A 36 -0.65 1.82 0.95
CA GLN A 36 -1.79 1.15 0.32
C GLN A 36 -1.42 0.63 -1.06
N LYS A 37 -0.90 1.51 -1.90
CA LYS A 37 -0.51 1.13 -3.26
C LYS A 37 0.40 -0.09 -3.24
N CYS A 38 1.32 -0.11 -2.28
CA CYS A 38 2.25 -1.23 -2.14
C CYS A 38 1.49 -2.51 -1.80
N LEU A 39 0.46 -2.37 -0.98
CA LEU A 39 -0.36 -3.50 -0.56
C LEU A 39 -1.56 -3.70 -1.47
N GLN A 40 -1.56 -3.05 -2.61
CA GLN A 40 -2.67 -3.18 -3.55
C GLN A 40 -2.20 -3.85 -4.85
N ASP A 41 -0.89 -3.86 -5.08
CA ASP A 41 -0.32 -4.48 -6.26
C ASP A 41 -0.08 -5.97 -6.02
N ASN A 42 0.28 -6.31 -4.78
CA ASN A 42 0.52 -7.69 -4.41
C ASN A 42 -0.71 -8.31 -3.75
N ASN A 43 -1.75 -7.50 -3.52
CA ASN A 43 -2.99 -7.97 -2.92
C ASN A 43 -2.92 -8.03 -1.40
N TRP A 44 -2.19 -7.10 -0.79
CA TRP A 44 -2.10 -7.06 0.66
C TRP A 44 -1.42 -8.30 1.23
N ASP A 45 -0.30 -8.68 0.63
CA ASP A 45 0.45 -9.82 1.13
C ASP A 45 1.15 -9.38 2.41
N TYR A 46 1.58 -8.12 2.40
CA TYR A 46 2.23 -7.48 3.53
C TYR A 46 3.74 -7.68 3.51
N THR A 47 4.19 -8.75 2.87
CA THR A 47 5.61 -9.02 2.81
C THR A 47 6.14 -8.74 1.40
N ARG A 48 5.46 -9.28 0.40
CA ARG A 48 5.86 -9.07 -0.99
C ARG A 48 5.64 -7.63 -1.39
N SER A 49 4.69 -6.97 -0.74
CA SER A 49 4.40 -5.57 -1.03
C SER A 49 5.52 -4.70 -0.49
N ALA A 50 5.61 -4.64 0.84
CA ALA A 50 6.67 -3.84 1.47
C ALA A 50 8.05 -4.32 1.06
N GLN A 51 8.14 -5.52 0.48
CA GLN A 51 9.43 -6.05 0.05
C GLN A 51 9.86 -5.35 -1.24
N ALA A 52 8.89 -5.13 -2.12
CA ALA A 52 9.17 -4.44 -3.39
C ALA A 52 9.25 -2.94 -3.16
N PHE A 53 8.62 -2.48 -2.09
CA PHE A 53 8.61 -1.07 -1.74
C PHE A 53 9.95 -0.68 -1.14
N THR A 54 10.55 -1.58 -0.37
CA THR A 54 11.83 -1.33 0.26
C THR A 54 12.90 -1.09 -0.80
N HIS A 55 12.82 -1.83 -1.89
CA HIS A 55 13.77 -1.70 -2.97
C HIS A 55 13.67 -0.31 -3.60
N LEU A 56 12.50 0.31 -3.48
CA LEU A 56 12.28 1.63 -4.05
C LEU A 56 12.69 2.74 -3.08
N LYS A 57 12.59 2.49 -1.77
CA LYS A 57 12.96 3.49 -0.78
C LYS A 57 14.47 3.65 -0.72
N ALA A 58 15.19 2.54 -0.86
CA ALA A 58 16.64 2.55 -0.83
C ALA A 58 17.21 2.81 -2.22
N LYS A 59 16.62 2.19 -3.23
CA LYS A 59 17.07 2.37 -4.61
C LYS A 59 16.32 3.51 -5.28
N GLY A 60 15.00 3.43 -5.27
CA GLY A 60 14.19 4.47 -5.87
C GLY A 60 14.26 5.77 -5.08
N GLU A 61 13.10 6.28 -4.67
CA GLU A 61 13.04 7.51 -3.89
C GLU A 61 11.61 8.01 -3.73
N ILE A 62 10.81 7.31 -2.93
CA ILE A 62 9.44 7.71 -2.69
C ILE A 62 9.40 9.17 -2.22
N PRO A 63 8.38 9.92 -2.66
CA PRO A 63 8.25 11.32 -2.24
C PRO A 63 8.35 11.43 -0.73
N GLU A 64 9.02 12.47 -0.25
CA GLU A 64 9.19 12.66 1.18
C GLU A 64 7.84 12.80 1.87
N VAL A 65 6.87 13.37 1.15
CA VAL A 65 5.52 13.56 1.67
C VAL A 65 5.04 12.30 2.39
N ALA A 66 5.55 11.17 1.92
CA ALA A 66 5.21 9.87 2.48
C ALA A 66 5.85 9.66 3.85
N PHE A 67 7.16 9.45 3.85
CA PHE A 67 7.90 9.21 5.09
C PHE A 67 7.52 10.22 6.16
N MET A 68 7.73 11.50 5.88
CA MET A 68 7.42 12.56 6.83
C MET A 68 7.66 13.93 6.20
N LYS A 69 6.59 14.72 6.07
CA LYS A 69 6.69 16.06 5.49
C LYS A 69 5.75 17.02 6.19
N PRO A 1 -17.65 -31.42 0.85
CA PRO A 1 -18.60 -32.33 0.16
C PRO A 1 -18.96 -31.83 -1.24
N ALA A 2 -19.51 -30.62 -1.32
CA ALA A 2 -19.90 -30.03 -2.59
C ALA A 2 -18.85 -29.04 -3.08
N PRO A 3 -18.71 -28.87 -4.40
CA PRO A 3 -17.74 -27.95 -4.98
C PRO A 3 -18.12 -26.49 -4.75
N THR A 4 -17.47 -25.59 -5.47
CA THR A 4 -17.74 -24.16 -5.35
C THR A 4 -17.18 -23.39 -6.54
N PRO A 5 -18.01 -23.15 -7.56
CA PRO A 5 -17.59 -22.42 -8.76
C PRO A 5 -16.93 -21.08 -8.44
N SER A 6 -17.23 -20.56 -7.24
CA SER A 6 -16.66 -19.29 -6.80
C SER A 6 -15.50 -19.52 -5.84
N SER A 7 -14.51 -20.28 -6.28
CA SER A 7 -13.34 -20.57 -5.46
C SER A 7 -12.48 -19.33 -5.28
N SER A 8 -12.08 -18.73 -6.39
CA SER A 8 -11.25 -17.53 -6.36
C SER A 8 -11.85 -16.48 -5.44
N PRO A 9 -11.01 -15.63 -4.83
CA PRO A 9 -11.45 -14.57 -3.92
C PRO A 9 -12.20 -13.46 -4.65
N VAL A 10 -13.12 -12.82 -3.96
CA VAL A 10 -13.90 -11.73 -4.54
C VAL A 10 -13.06 -10.46 -4.67
N PRO A 11 -13.29 -9.67 -5.73
CA PRO A 11 -12.56 -8.42 -5.96
C PRO A 11 -12.93 -7.33 -4.96
N THR A 12 -12.54 -6.10 -5.26
CA THR A 12 -12.82 -4.98 -4.38
C THR A 12 -12.09 -5.11 -3.05
N LEU A 13 -11.58 -4.00 -2.55
CA LEU A 13 -10.85 -3.99 -1.29
C LEU A 13 -11.80 -4.19 -0.11
N SER A 14 -11.23 -4.43 1.07
CA SER A 14 -12.01 -4.65 2.28
C SER A 14 -11.22 -4.15 3.49
N PRO A 15 -11.67 -4.43 4.72
CA PRO A 15 -10.97 -3.98 5.92
C PRO A 15 -9.47 -4.29 5.86
N GLU A 16 -9.12 -5.30 5.08
CA GLU A 16 -7.73 -5.72 4.88
C GLU A 16 -6.79 -4.52 4.77
N GLN A 17 -7.33 -3.46 4.21
CA GLN A 17 -6.58 -2.26 3.97
C GLN A 17 -6.03 -1.63 5.23
N GLN A 18 -6.88 -1.42 6.19
CA GLN A 18 -6.45 -0.80 7.43
C GLN A 18 -5.76 -1.81 8.33
N GLU A 19 -6.10 -3.08 8.14
CA GLU A 19 -5.47 -4.13 8.92
C GLU A 19 -3.99 -4.16 8.60
N MET A 20 -3.64 -3.78 7.38
CA MET A 20 -2.27 -3.78 6.94
C MET A 20 -1.65 -2.40 6.94
N LEU A 21 -2.15 -1.53 6.06
CA LEU A 21 -1.64 -0.16 5.91
C LEU A 21 -1.08 0.43 7.20
N GLN A 22 -1.81 0.26 8.30
CA GLN A 22 -1.37 0.77 9.58
C GLN A 22 -0.04 0.16 9.99
N ALA A 23 0.00 -1.17 10.05
CA ALA A 23 1.22 -1.87 10.42
C ALA A 23 2.21 -1.92 9.26
N PHE A 24 1.81 -1.39 8.11
CA PHE A 24 2.67 -1.37 6.93
C PHE A 24 3.37 -0.01 6.81
N SER A 25 2.80 1.00 7.46
CA SER A 25 3.40 2.33 7.42
C SER A 25 4.67 2.36 8.24
N THR A 26 4.64 1.67 9.38
CA THR A 26 5.80 1.61 10.26
C THR A 26 6.88 0.67 9.71
N GLN A 27 6.59 0.02 8.56
CA GLN A 27 7.56 -0.89 7.95
C GLN A 27 8.92 -0.23 7.82
N SER A 28 9.17 0.41 6.66
CA SER A 28 10.45 1.07 6.47
C SER A 28 10.40 2.50 7.04
N GLY A 29 9.20 3.01 7.26
CA GLY A 29 9.04 4.34 7.80
C GLY A 29 8.23 5.25 6.88
N MET A 30 7.51 4.66 5.93
CA MET A 30 6.70 5.45 5.00
C MET A 30 5.43 5.96 5.66
N ASN A 31 4.54 6.54 4.85
CA ASN A 31 3.28 7.09 5.34
C ASN A 31 2.19 6.03 5.35
N LEU A 32 0.93 6.49 5.48
CA LEU A 32 -0.20 5.58 5.50
C LEU A 32 -1.00 5.63 4.20
N GLU A 33 -0.49 6.37 3.21
CA GLU A 33 -1.17 6.48 1.92
C GLU A 33 -0.31 5.92 0.79
N TRP A 34 1.00 5.97 0.96
CA TRP A 34 1.90 5.44 -0.05
C TRP A 34 2.11 3.95 0.19
N SER A 35 1.92 3.54 1.44
CA SER A 35 2.05 2.15 1.82
C SER A 35 0.97 1.31 1.14
N GLN A 36 -0.19 1.91 0.90
CA GLN A 36 -1.30 1.22 0.24
C GLN A 36 -0.88 0.69 -1.12
N LYS A 37 -0.28 1.56 -1.93
CA LYS A 37 0.17 1.17 -3.27
C LYS A 37 1.05 -0.08 -3.17
N CYS A 38 1.77 -0.19 -2.07
CA CYS A 38 2.63 -1.33 -1.83
C CYS A 38 1.81 -2.57 -1.57
N LEU A 39 0.76 -2.40 -0.79
CA LEU A 39 -0.13 -3.50 -0.44
C LEU A 39 -1.30 -3.62 -1.42
N GLN A 40 -1.19 -2.97 -2.55
CA GLN A 40 -2.24 -3.04 -3.55
C GLN A 40 -1.72 -3.70 -4.81
N ASP A 41 -0.43 -3.53 -5.08
CA ASP A 41 0.21 -4.13 -6.24
C ASP A 41 0.55 -5.59 -5.94
N ASN A 42 0.80 -5.87 -4.66
CA ASN A 42 1.13 -7.22 -4.21
C ASN A 42 -0.11 -7.95 -3.71
N ASN A 43 -1.20 -7.20 -3.50
CA ASN A 43 -2.48 -7.76 -3.04
C ASN A 43 -2.55 -7.89 -1.52
N TRP A 44 -1.90 -6.97 -0.81
CA TRP A 44 -1.94 -6.99 0.64
C TRP A 44 -1.33 -8.26 1.22
N ASP A 45 -0.08 -8.52 0.86
CA ASP A 45 0.63 -9.67 1.40
C ASP A 45 1.20 -9.28 2.75
N TYR A 46 1.66 -8.05 2.81
CA TYR A 46 2.21 -7.44 4.02
C TYR A 46 3.70 -7.73 4.19
N THR A 47 4.17 -8.81 3.59
CA THR A 47 5.58 -9.16 3.70
C THR A 47 6.27 -8.94 2.36
N ARG A 48 5.70 -9.51 1.32
CA ARG A 48 6.25 -9.38 -0.02
C ARG A 48 5.98 -7.98 -0.56
N SER A 49 4.94 -7.33 -0.03
CA SER A 49 4.60 -5.98 -0.45
C SER A 49 5.66 -5.01 0.05
N ALA A 50 5.74 -4.84 1.36
CA ALA A 50 6.73 -3.95 1.95
C ALA A 50 8.13 -4.28 1.47
N GLN A 51 8.38 -5.56 1.17
CA GLN A 51 9.68 -5.97 0.69
C GLN A 51 10.00 -5.32 -0.64
N ALA A 52 9.00 -5.27 -1.51
CA ALA A 52 9.16 -4.64 -2.82
C ALA A 52 9.12 -3.13 -2.69
N PHE A 53 8.53 -2.65 -1.60
CA PHE A 53 8.42 -1.23 -1.35
C PHE A 53 9.77 -0.65 -0.95
N THR A 54 10.57 -1.45 -0.25
CA THR A 54 11.87 -1.00 0.21
C THR A 54 12.81 -0.78 -0.97
N HIS A 55 12.55 -1.47 -2.07
CA HIS A 55 13.39 -1.34 -3.25
C HIS A 55 13.19 0.04 -3.91
N LEU A 56 12.00 0.59 -3.74
CA LEU A 56 11.69 1.89 -4.32
C LEU A 56 12.11 3.04 -3.40
N LYS A 57 12.15 2.80 -2.10
CA LYS A 57 12.52 3.83 -1.14
C LYS A 57 13.81 4.53 -1.55
N ALA A 58 14.66 3.83 -2.29
CA ALA A 58 15.93 4.39 -2.73
C ALA A 58 16.06 4.38 -4.25
N LYS A 59 15.86 3.22 -4.85
CA LYS A 59 15.97 3.08 -6.31
C LYS A 59 14.71 3.58 -6.99
N GLY A 60 13.60 3.50 -6.28
CA GLY A 60 12.32 3.92 -6.82
C GLY A 60 12.16 5.43 -6.84
N GLU A 61 11.01 5.89 -6.36
CA GLU A 61 10.74 7.32 -6.33
C GLU A 61 9.88 7.69 -5.11
N ILE A 62 10.35 7.35 -3.93
CA ILE A 62 9.63 7.66 -2.70
C ILE A 62 10.15 8.96 -2.09
N PRO A 63 9.36 10.03 -2.15
CA PRO A 63 9.75 11.29 -1.56
C PRO A 63 9.58 11.23 -0.05
N GLU A 64 10.23 12.15 0.66
CA GLU A 64 10.16 12.19 2.11
C GLU A 64 8.72 12.33 2.59
N VAL A 65 7.88 12.95 1.75
CA VAL A 65 6.47 13.13 2.06
C VAL A 65 5.90 11.86 2.68
N ALA A 66 6.35 10.73 2.16
CA ALA A 66 5.94 9.43 2.64
C ALA A 66 6.56 9.13 4.00
N PHE A 67 7.87 9.40 4.11
CA PHE A 67 8.60 9.17 5.35
C PHE A 67 8.48 10.38 6.28
N MET A 68 7.26 10.86 6.50
CA MET A 68 7.03 12.00 7.36
C MET A 68 7.57 13.27 6.71
N LYS A 69 6.78 14.34 6.74
CA LYS A 69 7.17 15.60 6.15
C LYS A 69 6.43 16.77 6.81
N PRO A 1 -7.48 9.63 -10.15
CA PRO A 1 -8.79 8.94 -9.99
C PRO A 1 -9.12 8.66 -8.52
N ALA A 2 -9.96 9.51 -7.94
CA ALA A 2 -10.36 9.36 -6.55
C ALA A 2 -11.82 8.98 -6.43
N PRO A 3 -12.12 7.67 -6.35
CA PRO A 3 -13.49 7.17 -6.25
C PRO A 3 -14.11 7.48 -4.88
N THR A 4 -14.75 8.65 -4.79
CA THR A 4 -15.39 9.07 -3.54
C THR A 4 -16.75 8.41 -3.38
N PRO A 5 -17.62 8.51 -4.40
CA PRO A 5 -18.95 7.92 -4.36
C PRO A 5 -18.92 6.44 -3.98
N SER A 6 -17.91 5.72 -4.46
CA SER A 6 -17.77 4.30 -4.17
C SER A 6 -18.94 3.51 -4.73
N SER A 7 -18.76 2.96 -5.92
CA SER A 7 -19.81 2.17 -6.57
C SER A 7 -19.22 1.28 -7.66
N SER A 8 -19.13 -0.02 -7.37
CA SER A 8 -18.59 -0.98 -8.32
C SER A 8 -19.33 -2.31 -8.23
N PRO A 9 -19.30 -3.11 -9.31
CA PRO A 9 -19.96 -4.41 -9.35
C PRO A 9 -19.59 -5.29 -8.17
N VAL A 10 -18.31 -5.65 -8.07
CA VAL A 10 -17.82 -6.49 -6.99
C VAL A 10 -16.76 -5.76 -6.17
N PRO A 11 -16.79 -5.92 -4.83
CA PRO A 11 -15.82 -5.27 -3.93
C PRO A 11 -14.38 -5.54 -4.35
N THR A 12 -13.54 -4.51 -4.24
CA THR A 12 -12.13 -4.62 -4.61
C THR A 12 -11.25 -4.70 -3.38
N LEU A 13 -11.68 -4.03 -2.30
CA LEU A 13 -10.93 -4.03 -1.06
C LEU A 13 -11.86 -4.19 0.14
N SER A 14 -11.28 -4.44 1.30
CA SER A 14 -12.04 -4.63 2.54
C SER A 14 -11.22 -4.11 3.71
N PRO A 15 -11.65 -4.36 4.96
CA PRO A 15 -10.91 -3.89 6.15
C PRO A 15 -9.43 -4.24 6.06
N GLU A 16 -9.11 -5.27 5.28
CA GLU A 16 -7.74 -5.73 5.07
C GLU A 16 -6.78 -4.55 4.93
N GLN A 17 -7.30 -3.48 4.38
CA GLN A 17 -6.54 -2.29 4.13
C GLN A 17 -5.97 -1.71 5.39
N GLN A 18 -6.83 -1.25 6.25
CA GLN A 18 -6.40 -0.64 7.48
C GLN A 18 -5.75 -1.66 8.40
N GLU A 19 -6.03 -2.93 8.17
CA GLU A 19 -5.42 -3.97 8.98
C GLU A 19 -3.93 -4.02 8.70
N MET A 20 -3.57 -3.66 7.47
CA MET A 20 -2.19 -3.65 7.05
C MET A 20 -1.61 -2.26 7.03
N LEU A 21 -2.09 -1.42 6.11
CA LEU A 21 -1.64 -0.03 5.94
C LEU A 21 -0.98 0.56 7.18
N GLN A 22 -1.62 0.38 8.34
CA GLN A 22 -1.07 0.90 9.58
C GLN A 22 0.28 0.28 9.89
N ALA A 23 0.30 -1.04 10.02
CA ALA A 23 1.53 -1.75 10.32
C ALA A 23 2.49 -1.78 9.13
N PHE A 24 2.01 -1.33 7.96
CA PHE A 24 2.84 -1.31 6.78
C PHE A 24 3.61 0.01 6.67
N SER A 25 3.03 1.06 7.23
CA SER A 25 3.66 2.36 7.22
C SER A 25 4.93 2.34 8.07
N THR A 26 4.89 1.52 9.13
CA THR A 26 6.03 1.39 10.03
C THR A 26 7.14 0.54 9.41
N GLN A 27 6.83 -0.16 8.31
CA GLN A 27 7.83 -1.00 7.64
C GLN A 27 9.13 -0.24 7.44
N SER A 28 9.22 0.53 6.36
CA SER A 28 10.43 1.30 6.10
C SER A 28 10.19 2.78 6.37
N GLY A 29 9.18 3.07 7.18
CA GLY A 29 8.86 4.45 7.52
C GLY A 29 7.78 5.05 6.65
N MET A 30 7.28 4.29 5.69
CA MET A 30 6.24 4.77 4.78
C MET A 30 5.06 5.38 5.53
N ASN A 31 4.28 6.19 4.82
CA ASN A 31 3.11 6.82 5.41
C ASN A 31 1.96 5.82 5.46
N LEU A 32 0.78 6.27 5.87
CA LEU A 32 -0.37 5.39 5.94
C LEU A 32 -1.27 5.60 4.73
N GLU A 33 -0.67 6.03 3.62
CA GLU A 33 -1.41 6.28 2.39
C GLU A 33 -0.68 5.70 1.18
N TRP A 34 0.64 5.82 1.17
CA TRP A 34 1.45 5.28 0.08
C TRP A 34 1.61 3.79 0.27
N SER A 35 1.59 3.37 1.54
CA SER A 35 1.73 1.97 1.90
C SER A 35 0.55 1.15 1.40
N GLN A 36 -0.61 1.80 1.21
CA GLN A 36 -1.79 1.11 0.75
C GLN A 36 -1.61 0.65 -0.70
N LYS A 37 -1.08 1.54 -1.54
CA LYS A 37 -0.84 1.21 -2.94
C LYS A 37 0.16 0.07 -3.04
N CYS A 38 1.11 0.07 -2.12
CA CYS A 38 2.12 -0.98 -2.07
C CYS A 38 1.45 -2.31 -1.73
N LEU A 39 0.44 -2.23 -0.89
CA LEU A 39 -0.31 -3.41 -0.48
C LEU A 39 -1.49 -3.67 -1.40
N GLN A 40 -1.48 -3.06 -2.56
CA GLN A 40 -2.55 -3.24 -3.51
C GLN A 40 -2.04 -3.94 -4.76
N ASP A 41 -0.76 -3.71 -5.09
CA ASP A 41 -0.13 -4.34 -6.23
C ASP A 41 0.23 -5.78 -5.89
N ASN A 42 0.53 -6.02 -4.62
CA ASN A 42 0.89 -7.35 -4.14
C ASN A 42 -0.33 -8.08 -3.58
N ASN A 43 -1.43 -7.34 -3.37
CA ASN A 43 -2.67 -7.91 -2.85
C ASN A 43 -2.68 -7.99 -1.32
N TRP A 44 -2.01 -7.04 -0.66
CA TRP A 44 -1.98 -7.02 0.79
C TRP A 44 -1.31 -8.26 1.37
N ASP A 45 -0.13 -8.57 0.86
CA ASP A 45 0.64 -9.70 1.36
C ASP A 45 1.29 -9.27 2.65
N TYR A 46 1.71 -8.01 2.67
CA TYR A 46 2.32 -7.38 3.83
C TYR A 46 3.82 -7.62 3.92
N THR A 47 4.30 -8.64 3.24
CA THR A 47 5.72 -8.95 3.27
C THR A 47 6.35 -8.72 1.90
N ARG A 48 5.67 -9.21 0.86
CA ARG A 48 6.15 -9.05 -0.50
C ARG A 48 5.91 -7.63 -0.99
N SER A 49 4.91 -6.97 -0.42
CA SER A 49 4.60 -5.61 -0.78
C SER A 49 5.68 -4.68 -0.27
N ALA A 50 5.77 -4.53 1.04
CA ALA A 50 6.78 -3.68 1.66
C ALA A 50 8.17 -4.04 1.14
N GLN A 51 8.33 -5.27 0.66
CA GLN A 51 9.63 -5.71 0.14
C GLN A 51 9.95 -4.95 -1.15
N ALA A 52 8.97 -4.88 -2.04
CA ALA A 52 9.13 -4.17 -3.30
C ALA A 52 9.12 -2.67 -3.06
N PHE A 53 8.56 -2.25 -1.93
CA PHE A 53 8.48 -0.85 -1.59
C PHE A 53 9.84 -0.32 -1.13
N THR A 54 10.60 -1.15 -0.43
CA THR A 54 11.91 -0.73 0.02
C THR A 54 12.86 -0.64 -1.16
N HIS A 55 12.60 -1.47 -2.17
CA HIS A 55 13.41 -1.47 -3.37
C HIS A 55 13.43 -0.06 -3.97
N LEU A 56 12.34 0.68 -3.73
CA LEU A 56 12.23 2.04 -4.24
C LEU A 56 12.90 3.04 -3.31
N LYS A 57 12.73 2.83 -2.00
CA LYS A 57 13.33 3.73 -1.02
C LYS A 57 14.85 3.75 -1.15
N ALA A 58 15.40 2.67 -1.68
CA ALA A 58 16.85 2.55 -1.85
C ALA A 58 17.29 2.97 -3.25
N LYS A 59 16.72 2.32 -4.27
CA LYS A 59 17.06 2.63 -5.65
C LYS A 59 16.04 3.57 -6.27
N GLY A 60 14.77 3.30 -5.98
CA GLY A 60 13.70 4.13 -6.51
C GLY A 60 13.82 5.57 -6.07
N GLU A 61 12.94 5.98 -5.16
CA GLU A 61 12.97 7.35 -4.65
C GLU A 61 11.90 7.57 -3.59
N ILE A 62 10.65 7.42 -3.99
CA ILE A 62 9.52 7.61 -3.07
C ILE A 62 9.51 9.03 -2.51
N PRO A 63 8.41 9.76 -2.66
CA PRO A 63 8.30 11.13 -2.14
C PRO A 63 8.46 11.15 -0.62
N GLU A 64 9.20 12.12 -0.11
CA GLU A 64 9.43 12.24 1.32
C GLU A 64 8.12 12.47 2.06
N VAL A 65 7.17 13.10 1.39
CA VAL A 65 5.85 13.36 1.97
C VAL A 65 5.34 12.10 2.68
N ALA A 66 5.74 10.95 2.15
CA ALA A 66 5.37 9.66 2.72
C ALA A 66 6.15 9.43 4.01
N PHE A 67 7.46 9.62 3.93
CA PHE A 67 8.35 9.43 5.07
C PHE A 67 8.48 10.74 5.87
N MET A 68 7.34 11.37 6.15
CA MET A 68 7.34 12.62 6.91
C MET A 68 8.14 13.69 6.19
N LYS A 69 7.48 14.77 5.81
CA LYS A 69 8.13 15.87 5.11
C LYS A 69 8.48 17.00 6.08
N PRO A 1 -23.78 13.48 -6.29
CA PRO A 1 -24.64 14.57 -5.74
C PRO A 1 -26.00 14.04 -5.27
N ALA A 2 -26.97 14.94 -5.17
CA ALA A 2 -28.31 14.57 -4.73
C ALA A 2 -28.87 13.42 -5.57
N PRO A 3 -29.06 13.66 -6.88
CA PRO A 3 -29.59 12.64 -7.78
C PRO A 3 -28.60 11.51 -8.04
N THR A 4 -28.87 10.69 -9.05
CA THR A 4 -28.00 9.58 -9.39
C THR A 4 -27.96 8.55 -8.26
N PRO A 5 -29.11 7.93 -7.94
CA PRO A 5 -29.20 6.93 -6.88
C PRO A 5 -28.15 5.83 -7.02
N SER A 6 -27.66 5.64 -8.24
CA SER A 6 -26.65 4.63 -8.51
C SER A 6 -25.43 4.82 -7.60
N SER A 7 -25.10 3.79 -6.84
CA SER A 7 -23.96 3.84 -5.94
C SER A 7 -23.34 2.45 -5.75
N SER A 8 -22.44 2.09 -6.65
CA SER A 8 -21.79 0.79 -6.59
C SER A 8 -20.26 0.94 -6.71
N PRO A 9 -19.59 1.30 -5.61
CA PRO A 9 -18.14 1.48 -5.60
C PRO A 9 -17.40 0.28 -6.18
N VAL A 10 -16.56 0.53 -7.17
CA VAL A 10 -15.79 -0.54 -7.82
C VAL A 10 -14.61 -1.01 -6.97
N PRO A 11 -13.96 -0.14 -6.15
CA PRO A 11 -12.83 -0.55 -5.32
C PRO A 11 -13.08 -1.88 -4.62
N THR A 12 -12.18 -2.84 -4.85
CA THR A 12 -12.30 -4.15 -4.23
C THR A 12 -11.36 -4.28 -3.03
N LEU A 13 -11.89 -4.00 -1.85
CA LEU A 13 -11.11 -4.09 -0.63
C LEU A 13 -11.99 -4.43 0.57
N SER A 14 -11.48 -4.15 1.76
CA SER A 14 -12.18 -4.42 3.01
C SER A 14 -11.33 -3.91 4.17
N PRO A 15 -11.71 -4.19 5.43
CA PRO A 15 -10.92 -3.75 6.58
C PRO A 15 -9.44 -4.11 6.42
N GLU A 16 -9.17 -5.12 5.61
CA GLU A 16 -7.82 -5.59 5.33
C GLU A 16 -6.87 -4.43 5.14
N GLN A 17 -7.35 -3.45 4.39
CA GLN A 17 -6.58 -2.30 4.04
C GLN A 17 -5.97 -1.62 5.25
N GLN A 18 -6.80 -1.22 6.17
CA GLN A 18 -6.32 -0.52 7.35
C GLN A 18 -5.65 -1.47 8.32
N GLU A 19 -5.91 -2.76 8.17
CA GLU A 19 -5.30 -3.74 9.03
C GLU A 19 -3.83 -3.86 8.68
N MET A 20 -3.50 -3.56 7.42
CA MET A 20 -2.14 -3.63 6.96
C MET A 20 -1.47 -2.27 6.86
N LEU A 21 -1.99 -1.42 5.97
CA LEU A 21 -1.46 -0.08 5.72
C LEU A 21 -0.75 0.52 6.94
N GLN A 22 -1.38 0.44 8.10
CA GLN A 22 -0.80 0.99 9.31
C GLN A 22 0.54 0.32 9.63
N ALA A 23 0.52 -1.00 9.75
CA ALA A 23 1.72 -1.76 10.07
C ALA A 23 2.70 -1.79 8.90
N PHE A 24 2.24 -1.36 7.72
CA PHE A 24 3.09 -1.34 6.53
C PHE A 24 3.90 -0.06 6.46
N SER A 25 3.34 1.02 6.99
CA SER A 25 4.02 2.31 6.99
C SER A 25 5.31 2.23 7.78
N THR A 26 5.27 1.51 8.89
CA THR A 26 6.44 1.35 9.74
C THR A 26 7.61 0.71 8.99
N GLN A 27 7.31 0.01 7.89
CA GLN A 27 8.34 -0.66 7.09
C GLN A 27 9.54 0.26 6.88
N SER A 28 9.57 0.99 5.76
CA SER A 28 10.68 1.90 5.49
C SER A 28 10.39 3.28 6.07
N GLY A 29 9.34 3.38 6.89
CA GLY A 29 8.98 4.64 7.49
C GLY A 29 7.96 5.40 6.66
N MET A 30 7.44 4.75 5.61
CA MET A 30 6.45 5.40 4.72
C MET A 30 5.30 5.99 5.51
N ASN A 31 4.30 6.49 4.78
CA ASN A 31 3.12 7.11 5.39
C ASN A 31 2.02 6.07 5.59
N LEU A 32 0.81 6.56 5.86
CA LEU A 32 -0.33 5.68 6.08
C LEU A 32 -1.30 5.78 4.90
N GLU A 33 -0.76 6.11 3.74
CA GLU A 33 -1.58 6.24 2.52
C GLU A 33 -0.86 5.74 1.29
N TRP A 34 0.44 5.95 1.21
CA TRP A 34 1.21 5.49 0.06
C TRP A 34 1.39 3.97 0.16
N SER A 35 1.44 3.49 1.40
CA SER A 35 1.60 2.08 1.66
C SER A 35 0.48 1.28 0.98
N GLN A 36 -0.67 1.92 0.81
CA GLN A 36 -1.82 1.28 0.17
C GLN A 36 -1.44 0.75 -1.21
N LYS A 37 -0.81 1.60 -2.02
CA LYS A 37 -0.39 1.22 -3.36
C LYS A 37 0.59 0.05 -3.31
N CYS A 38 1.31 -0.05 -2.20
CA CYS A 38 2.29 -1.12 -2.02
C CYS A 38 1.58 -2.41 -1.66
N LEU A 39 0.42 -2.30 -1.03
CA LEU A 39 -0.35 -3.46 -0.61
C LEU A 39 -1.55 -3.71 -1.53
N GLN A 40 -1.55 -3.07 -2.68
CA GLN A 40 -2.64 -3.25 -3.62
C GLN A 40 -2.15 -3.89 -4.91
N ASP A 41 -0.83 -3.91 -5.10
CA ASP A 41 -0.23 -4.52 -6.29
C ASP A 41 0.03 -5.99 -6.04
N ASN A 42 0.31 -6.33 -4.79
CA ASN A 42 0.58 -7.71 -4.39
C ASN A 42 -0.63 -8.35 -3.71
N ASN A 43 -1.68 -7.54 -3.46
CA ASN A 43 -2.90 -8.01 -2.84
C ASN A 43 -2.81 -8.03 -1.30
N TRP A 44 -2.07 -7.08 -0.73
CA TRP A 44 -1.97 -7.00 0.71
C TRP A 44 -1.28 -8.22 1.31
N ASP A 45 -0.20 -8.67 0.66
CA ASP A 45 0.56 -9.80 1.19
C ASP A 45 1.23 -9.37 2.47
N TYR A 46 1.67 -8.11 2.46
CA TYR A 46 2.31 -7.49 3.60
C TYR A 46 3.81 -7.71 3.64
N THR A 47 4.26 -8.80 3.04
CA THR A 47 5.68 -9.11 3.03
C THR A 47 6.26 -8.89 1.65
N ARG A 48 5.62 -9.47 0.65
CA ARG A 48 6.06 -9.31 -0.74
C ARG A 48 5.85 -7.88 -1.20
N SER A 49 4.88 -7.21 -0.60
CA SER A 49 4.60 -5.83 -0.94
C SER A 49 5.69 -4.93 -0.41
N ALA A 50 5.77 -4.81 0.90
CA ALA A 50 6.80 -3.99 1.54
C ALA A 50 8.20 -4.47 1.16
N GLN A 51 8.30 -5.69 0.65
CA GLN A 51 9.60 -6.22 0.23
C GLN A 51 10.04 -5.57 -1.06
N ALA A 52 9.08 -5.36 -1.97
CA ALA A 52 9.37 -4.72 -3.24
C ALA A 52 9.41 -3.20 -3.08
N PHE A 53 8.77 -2.73 -2.01
CA PHE A 53 8.71 -1.31 -1.71
C PHE A 53 10.04 -0.85 -1.13
N THR A 54 10.66 -1.71 -0.33
CA THR A 54 11.94 -1.37 0.27
C THR A 54 12.99 -1.12 -0.79
N HIS A 55 12.93 -1.90 -1.86
CA HIS A 55 13.86 -1.76 -2.96
C HIS A 55 13.70 -0.41 -3.64
N LEU A 56 12.50 0.14 -3.54
CA LEU A 56 12.19 1.44 -4.16
C LEU A 56 12.59 2.61 -3.25
N LYS A 57 12.52 2.41 -1.94
CA LYS A 57 12.88 3.46 -0.99
C LYS A 57 14.39 3.68 -0.99
N ALA A 58 15.14 2.59 -1.10
CA ALA A 58 16.59 2.64 -1.13
C ALA A 58 17.09 2.99 -2.52
N LYS A 59 16.50 2.37 -3.54
CA LYS A 59 16.89 2.61 -4.92
C LYS A 59 16.08 3.75 -5.51
N GLY A 60 14.75 3.59 -5.53
CA GLY A 60 13.89 4.62 -6.06
C GLY A 60 13.98 5.92 -5.28
N GLU A 61 12.85 6.46 -4.88
CA GLU A 61 12.83 7.71 -4.12
C GLU A 61 11.41 8.20 -3.87
N ILE A 62 10.65 7.46 -3.06
CA ILE A 62 9.30 7.84 -2.74
C ILE A 62 9.27 9.27 -2.19
N PRO A 63 8.22 10.04 -2.49
CA PRO A 63 8.11 11.41 -2.00
C PRO A 63 8.28 11.45 -0.49
N GLU A 64 8.97 12.47 0.01
CA GLU A 64 9.20 12.61 1.44
C GLU A 64 7.87 12.73 2.17
N VAL A 65 6.91 13.40 1.53
CA VAL A 65 5.57 13.60 2.07
C VAL A 65 5.07 12.30 2.73
N ALA A 66 5.51 11.19 2.18
CA ALA A 66 5.13 9.87 2.67
C ALA A 66 5.82 9.54 3.99
N PHE A 67 7.14 9.42 3.96
CA PHE A 67 7.91 9.08 5.14
C PHE A 67 7.57 9.96 6.34
N MET A 68 7.72 11.27 6.18
CA MET A 68 7.42 12.19 7.28
C MET A 68 7.47 13.65 6.83
N LYS A 69 8.39 13.97 5.92
CA LYS A 69 8.55 15.32 5.41
C LYS A 69 8.62 16.33 6.56
N PRO A 1 -19.03 -20.41 -13.32
CA PRO A 1 -18.62 -19.22 -14.13
C PRO A 1 -19.80 -18.30 -14.46
N ALA A 2 -20.09 -17.38 -13.55
CA ALA A 2 -21.19 -16.44 -13.75
C ALA A 2 -20.90 -15.48 -14.91
N PRO A 3 -21.95 -14.84 -15.45
CA PRO A 3 -21.80 -13.90 -16.57
C PRO A 3 -21.12 -12.61 -16.14
N THR A 4 -20.06 -12.24 -16.87
CA THR A 4 -19.32 -11.02 -16.56
C THR A 4 -18.75 -11.07 -15.15
N PRO A 5 -17.66 -11.83 -14.95
CA PRO A 5 -17.02 -11.95 -13.64
C PRO A 5 -16.71 -10.59 -13.01
N SER A 6 -16.13 -9.69 -13.80
CA SER A 6 -15.79 -8.37 -13.32
C SER A 6 -15.76 -7.36 -14.47
N SER A 7 -15.78 -6.08 -14.13
CA SER A 7 -15.76 -5.02 -15.14
C SER A 7 -15.16 -3.74 -14.56
N SER A 8 -15.65 -3.33 -13.40
CA SER A 8 -15.16 -2.12 -12.74
C SER A 8 -16.00 -1.78 -11.52
N PRO A 9 -17.33 -1.67 -11.68
CA PRO A 9 -18.24 -1.35 -10.58
C PRO A 9 -17.96 -2.19 -9.34
N VAL A 10 -18.55 -1.80 -8.22
CA VAL A 10 -18.36 -2.52 -6.97
C VAL A 10 -16.93 -2.42 -6.48
N PRO A 11 -16.73 -2.20 -5.16
CA PRO A 11 -15.38 -2.08 -4.58
C PRO A 11 -14.63 -3.41 -4.58
N THR A 12 -13.42 -3.41 -4.02
CA THR A 12 -12.61 -4.61 -3.96
C THR A 12 -11.62 -4.53 -2.81
N LEU A 13 -12.13 -4.41 -1.58
CA LEU A 13 -11.28 -4.34 -0.41
C LEU A 13 -12.11 -4.52 0.86
N SER A 14 -11.42 -4.68 1.99
CA SER A 14 -12.07 -4.89 3.28
C SER A 14 -11.20 -4.30 4.38
N PRO A 15 -11.51 -4.55 5.66
CA PRO A 15 -10.70 -4.02 6.77
C PRO A 15 -9.22 -4.28 6.58
N GLU A 16 -8.90 -5.32 5.80
CA GLU A 16 -7.53 -5.70 5.50
C GLU A 16 -6.65 -4.47 5.26
N GLN A 17 -7.27 -3.47 4.69
CA GLN A 17 -6.60 -2.24 4.33
C GLN A 17 -5.96 -1.55 5.50
N GLN A 18 -6.74 -1.27 6.50
CA GLN A 18 -6.21 -0.57 7.67
C GLN A 18 -5.45 -1.52 8.57
N GLU A 19 -5.71 -2.81 8.45
CA GLU A 19 -5.01 -3.80 9.24
C GLU A 19 -3.57 -3.88 8.78
N MET A 20 -3.35 -3.55 7.50
CA MET A 20 -2.02 -3.62 6.94
C MET A 20 -1.36 -2.25 6.79
N LEU A 21 -1.95 -1.39 5.98
CA LEU A 21 -1.43 -0.04 5.72
C LEU A 21 -0.70 0.55 6.93
N GLN A 22 -1.35 0.51 8.09
CA GLN A 22 -0.76 1.06 9.30
C GLN A 22 0.58 0.40 9.62
N ALA A 23 0.59 -0.93 9.66
CA ALA A 23 1.81 -1.66 9.97
C ALA A 23 2.75 -1.76 8.77
N PHE A 24 2.29 -1.27 7.61
CA PHE A 24 3.10 -1.30 6.40
C PHE A 24 3.92 -0.03 6.30
N SER A 25 3.39 1.04 6.86
CA SER A 25 4.08 2.32 6.84
C SER A 25 5.35 2.23 7.68
N THR A 26 5.27 1.51 8.78
CA THR A 26 6.41 1.33 9.67
C THR A 26 7.58 0.67 8.93
N GLN A 27 7.28 0.03 7.79
CA GLN A 27 8.30 -0.64 7.00
C GLN A 27 9.50 0.28 6.78
N SER A 28 9.50 1.05 5.69
CA SER A 28 10.59 1.96 5.43
C SER A 28 10.29 3.36 5.98
N GLY A 29 9.22 3.46 6.79
CA GLY A 29 8.83 4.73 7.36
C GLY A 29 7.78 5.42 6.50
N MET A 30 7.12 4.65 5.64
CA MET A 30 6.09 5.19 4.75
C MET A 30 4.98 5.91 5.48
N ASN A 31 3.97 6.31 4.73
CA ASN A 31 2.81 7.01 5.26
C ASN A 31 1.63 6.06 5.37
N LEU A 32 0.45 6.61 5.64
CA LEU A 32 -0.76 5.81 5.76
C LEU A 32 -1.62 5.94 4.51
N GLU A 33 -0.96 6.10 3.36
CA GLU A 33 -1.68 6.24 2.09
C GLU A 33 -0.89 5.71 0.92
N TRP A 34 0.43 5.88 0.94
CA TRP A 34 1.27 5.38 -0.13
C TRP A 34 1.47 3.88 0.02
N SER A 35 1.55 3.45 1.29
CA SER A 35 1.73 2.05 1.60
C SER A 35 0.57 1.23 1.03
N GLN A 36 -0.57 1.89 0.83
CA GLN A 36 -1.75 1.22 0.28
C GLN A 36 -1.44 0.66 -1.11
N LYS A 37 -0.94 1.52 -2.00
CA LYS A 37 -0.61 1.11 -3.36
C LYS A 37 0.26 -0.14 -3.34
N CYS A 38 1.21 -0.18 -2.41
CA CYS A 38 2.10 -1.32 -2.28
C CYS A 38 1.31 -2.57 -1.92
N LEU A 39 0.32 -2.39 -1.05
CA LEU A 39 -0.52 -3.49 -0.60
C LEU A 39 -1.74 -3.68 -1.47
N GLN A 40 -1.74 -3.04 -2.63
CA GLN A 40 -2.87 -3.16 -3.54
C GLN A 40 -2.43 -3.83 -4.84
N ASP A 41 -1.14 -3.74 -5.15
CA ASP A 41 -0.59 -4.36 -6.35
C ASP A 41 -0.23 -5.81 -6.05
N ASN A 42 0.12 -6.08 -4.79
CA ASN A 42 0.48 -7.43 -4.36
C ASN A 42 -0.72 -8.13 -3.72
N ASN A 43 -1.79 -7.37 -3.46
CA ASN A 43 -3.02 -7.91 -2.86
C ASN A 43 -2.95 -7.95 -1.34
N TRP A 44 -2.24 -7.01 -0.72
CA TRP A 44 -2.15 -6.96 0.72
C TRP A 44 -1.46 -8.19 1.30
N ASP A 45 -0.34 -8.57 0.69
CA ASP A 45 0.44 -9.70 1.19
C ASP A 45 1.11 -9.27 2.48
N TYR A 46 1.53 -8.01 2.47
CA TYR A 46 2.17 -7.38 3.62
C TYR A 46 3.68 -7.60 3.64
N THR A 47 4.14 -8.66 3.00
CA THR A 47 5.56 -8.96 2.99
C THR A 47 6.14 -8.78 1.59
N ARG A 48 5.50 -9.39 0.61
CA ARG A 48 5.95 -9.30 -0.77
C ARG A 48 5.76 -7.89 -1.30
N SER A 49 4.76 -7.18 -0.78
CA SER A 49 4.50 -5.81 -1.20
C SER A 49 5.57 -4.89 -0.64
N ALA A 50 5.60 -4.74 0.68
CA ALA A 50 6.59 -3.90 1.31
C ALA A 50 8.01 -4.38 1.00
N GLN A 51 8.15 -5.61 0.53
CA GLN A 51 9.46 -6.14 0.17
C GLN A 51 9.93 -5.51 -1.12
N ALA A 52 9.01 -5.36 -2.07
CA ALA A 52 9.32 -4.74 -3.35
C ALA A 52 9.38 -3.22 -3.21
N PHE A 53 8.73 -2.72 -2.17
CA PHE A 53 8.69 -1.30 -1.88
C PHE A 53 10.03 -0.85 -1.33
N THR A 54 10.64 -1.68 -0.49
CA THR A 54 11.92 -1.35 0.11
C THR A 54 13.00 -1.20 -0.96
N HIS A 55 12.79 -1.86 -2.10
CA HIS A 55 13.74 -1.80 -3.20
C HIS A 55 13.78 -0.40 -3.81
N LEU A 56 12.67 0.31 -3.71
CA LEU A 56 12.57 1.66 -4.26
C LEU A 56 12.93 2.72 -3.23
N LYS A 57 12.64 2.46 -1.95
CA LYS A 57 12.96 3.43 -0.90
C LYS A 57 14.47 3.53 -0.70
N ALA A 58 15.14 2.40 -0.78
CA ALA A 58 16.59 2.35 -0.61
C ALA A 58 17.30 2.71 -1.91
N LYS A 59 16.80 2.17 -3.02
CA LYS A 59 17.37 2.45 -4.33
C LYS A 59 16.71 3.66 -4.98
N GLY A 60 15.39 3.56 -5.20
CA GLY A 60 14.66 4.65 -5.80
C GLY A 60 14.65 5.89 -4.93
N GLU A 61 13.47 6.46 -4.74
CA GLU A 61 13.33 7.66 -3.92
C GLU A 61 11.89 8.16 -3.91
N ILE A 62 11.12 7.73 -2.92
CA ILE A 62 9.73 8.14 -2.80
C ILE A 62 9.66 9.55 -2.19
N PRO A 63 8.53 10.24 -2.40
CA PRO A 63 8.35 11.59 -1.84
C PRO A 63 8.40 11.56 -0.32
N GLU A 64 8.96 12.62 0.26
CA GLU A 64 9.07 12.70 1.71
C GLU A 64 7.69 12.76 2.36
N VAL A 65 6.73 13.34 1.64
CA VAL A 65 5.35 13.43 2.13
C VAL A 65 4.90 12.08 2.66
N ALA A 66 5.48 11.03 2.08
CA ALA A 66 5.16 9.67 2.48
C ALA A 66 5.89 9.31 3.77
N PHE A 67 7.17 9.68 3.84
CA PHE A 67 8.00 9.40 5.01
C PHE A 67 7.85 10.51 6.04
N MET A 68 6.62 10.88 6.35
CA MET A 68 6.36 11.94 7.33
C MET A 68 7.11 13.21 6.97
N LYS A 69 6.48 14.06 6.16
CA LYS A 69 7.08 15.32 5.74
C LYS A 69 6.67 16.46 6.66
N PRO A 1 -38.59 -9.54 -0.37
CA PRO A 1 -38.41 -9.01 -1.74
C PRO A 1 -37.13 -9.51 -2.40
N ALA A 2 -37.19 -10.71 -2.96
CA ALA A 2 -36.04 -11.32 -3.62
C ALA A 2 -34.86 -11.45 -2.64
N PRO A 3 -33.91 -12.36 -2.95
CA PRO A 3 -32.74 -12.57 -2.09
C PRO A 3 -31.76 -11.40 -2.14
N THR A 4 -30.69 -11.50 -1.37
CA THR A 4 -29.69 -10.45 -1.32
C THR A 4 -28.29 -11.04 -1.17
N PRO A 5 -27.28 -10.43 -1.83
CA PRO A 5 -25.89 -10.90 -1.76
C PRO A 5 -25.16 -10.39 -0.53
N SER A 6 -25.55 -10.91 0.64
CA SER A 6 -24.94 -10.50 1.90
C SER A 6 -25.31 -9.07 2.25
N SER A 7 -24.57 -8.47 3.17
CA SER A 7 -24.82 -7.10 3.60
C SER A 7 -24.10 -6.11 2.70
N SER A 8 -23.01 -6.56 2.08
CA SER A 8 -22.24 -5.71 1.19
C SER A 8 -21.80 -6.47 -0.05
N PRO A 9 -21.60 -5.77 -1.18
CA PRO A 9 -21.17 -6.40 -2.43
C PRO A 9 -19.74 -6.90 -2.38
N VAL A 10 -18.96 -6.34 -1.46
CA VAL A 10 -17.57 -6.74 -1.30
C VAL A 10 -16.70 -6.18 -2.44
N PRO A 11 -16.50 -4.86 -2.46
CA PRO A 11 -15.70 -4.21 -3.51
C PRO A 11 -14.32 -4.85 -3.66
N THR A 12 -13.47 -4.23 -4.47
CA THR A 12 -12.12 -4.74 -4.71
C THR A 12 -11.38 -4.93 -3.38
N LEU A 13 -11.40 -3.90 -2.55
CA LEU A 13 -10.72 -3.95 -1.25
C LEU A 13 -11.72 -4.25 -0.14
N SER A 14 -11.33 -3.92 1.09
CA SER A 14 -12.14 -4.15 2.27
C SER A 14 -11.36 -3.71 3.50
N PRO A 15 -11.84 -4.01 4.72
CA PRO A 15 -11.12 -3.64 5.95
C PRO A 15 -9.65 -4.05 5.88
N GLU A 16 -9.36 -5.05 5.06
CA GLU A 16 -8.01 -5.55 4.86
C GLU A 16 -7.00 -4.41 4.78
N GLN A 17 -7.38 -3.42 4.00
CA GLN A 17 -6.54 -2.28 3.75
C GLN A 17 -6.00 -1.66 5.00
N GLN A 18 -6.90 -1.24 5.86
CA GLN A 18 -6.50 -0.59 7.10
C GLN A 18 -5.92 -1.58 8.09
N GLU A 19 -6.22 -2.85 7.90
CA GLU A 19 -5.69 -3.88 8.76
C GLU A 19 -4.19 -3.96 8.55
N MET A 20 -3.76 -3.64 7.33
CA MET A 20 -2.36 -3.68 6.98
C MET A 20 -1.73 -2.29 7.00
N LEU A 21 -2.12 -1.45 6.04
CA LEU A 21 -1.60 -0.09 5.88
C LEU A 21 -1.00 0.48 7.16
N GLN A 22 -1.70 0.33 8.28
CA GLN A 22 -1.20 0.85 9.55
C GLN A 22 0.10 0.17 9.92
N ALA A 23 0.06 -1.14 10.09
CA ALA A 23 1.25 -1.90 10.44
C ALA A 23 2.26 -1.90 9.30
N PHE A 24 1.84 -1.45 8.12
CA PHE A 24 2.69 -1.40 6.95
C PHE A 24 3.40 -0.05 6.86
N SER A 25 2.85 0.95 7.54
CA SER A 25 3.45 2.28 7.54
C SER A 25 4.79 2.24 8.28
N THR A 26 4.85 1.42 9.32
CA THR A 26 6.06 1.28 10.12
C THR A 26 7.05 0.30 9.49
N GLN A 27 6.70 -0.29 8.35
CA GLN A 27 7.60 -1.25 7.68
C GLN A 27 8.99 -0.67 7.52
N SER A 28 9.18 0.15 6.50
CA SER A 28 10.47 0.78 6.27
C SER A 28 10.49 2.19 6.85
N GLY A 29 9.31 2.76 7.06
CA GLY A 29 9.22 4.09 7.62
C GLY A 29 8.39 5.06 6.78
N MET A 30 7.73 4.54 5.75
CA MET A 30 6.91 5.38 4.88
C MET A 30 5.74 5.99 5.65
N ASN A 31 4.76 6.50 4.91
CA ASN A 31 3.58 7.12 5.50
C ASN A 31 2.47 6.09 5.73
N LEU A 32 1.24 6.58 5.91
CA LEU A 32 0.10 5.71 6.12
C LEU A 32 -0.82 5.72 4.89
N GLU A 33 -0.34 6.27 3.77
CA GLU A 33 -1.15 6.34 2.56
C GLU A 33 -0.42 5.80 1.35
N TRP A 34 0.91 5.90 1.33
CA TRP A 34 1.68 5.39 0.21
C TRP A 34 1.84 3.89 0.37
N SER A 35 1.81 3.44 1.63
CA SER A 35 1.93 2.02 1.93
C SER A 35 0.85 1.23 1.21
N GLN A 36 -0.32 1.86 1.02
CA GLN A 36 -1.43 1.21 0.33
C GLN A 36 -1.01 0.68 -1.03
N LYS A 37 -0.33 1.53 -1.80
CA LYS A 37 0.15 1.14 -3.13
C LYS A 37 1.08 -0.06 -3.02
N CYS A 38 1.78 -0.14 -1.90
CA CYS A 38 2.71 -1.23 -1.65
C CYS A 38 1.95 -2.52 -1.38
N LEU A 39 0.77 -2.37 -0.79
CA LEU A 39 -0.06 -3.53 -0.45
C LEU A 39 -1.19 -3.71 -1.43
N GLN A 40 -1.10 -3.08 -2.57
CA GLN A 40 -2.13 -3.20 -3.59
C GLN A 40 -1.59 -3.87 -4.85
N ASP A 41 -0.26 -3.86 -5.00
CA ASP A 41 0.38 -4.47 -6.15
C ASP A 41 0.62 -5.95 -5.89
N ASN A 42 0.87 -6.28 -4.63
CA ASN A 42 1.12 -7.66 -4.23
C ASN A 42 -0.14 -8.29 -3.62
N ASN A 43 -1.21 -7.51 -3.48
CA ASN A 43 -2.48 -8.00 -2.95
C ASN A 43 -2.50 -8.04 -1.42
N TRP A 44 -1.83 -7.09 -0.77
CA TRP A 44 -1.83 -7.04 0.68
C TRP A 44 -1.19 -8.29 1.29
N ASP A 45 0.00 -8.63 0.84
CA ASP A 45 0.72 -9.76 1.38
C ASP A 45 1.30 -9.36 2.72
N TYR A 46 1.75 -8.11 2.76
CA TYR A 46 2.31 -7.49 3.94
C TYR A 46 3.80 -7.74 4.10
N THR A 47 4.29 -8.80 3.50
CA THR A 47 5.70 -9.14 3.59
C THR A 47 6.36 -8.93 2.23
N ARG A 48 5.69 -9.42 1.18
CA ARG A 48 6.19 -9.28 -0.17
C ARG A 48 5.94 -7.86 -0.68
N SER A 49 4.92 -7.21 -0.12
CA SER A 49 4.60 -5.85 -0.50
C SER A 49 5.70 -4.91 -0.03
N ALA A 50 5.80 -4.77 1.29
CA ALA A 50 6.83 -3.91 1.87
C ALA A 50 8.21 -4.26 1.36
N GLN A 51 8.43 -5.53 1.03
CA GLN A 51 9.72 -5.96 0.52
C GLN A 51 10.02 -5.27 -0.80
N ALA A 52 9.01 -5.19 -1.66
CA ALA A 52 9.16 -4.54 -2.95
C ALA A 52 9.13 -3.03 -2.81
N PHE A 53 8.57 -2.57 -1.69
CA PHE A 53 8.45 -1.15 -1.41
C PHE A 53 9.79 -0.57 -0.96
N THR A 54 10.61 -1.39 -0.31
CA THR A 54 11.91 -0.93 0.15
C THR A 54 12.82 -0.66 -1.03
N HIS A 55 12.57 -1.36 -2.13
CA HIS A 55 13.37 -1.18 -3.34
C HIS A 55 13.13 0.21 -3.92
N LEU A 56 11.94 0.75 -3.66
CA LEU A 56 11.58 2.07 -4.15
C LEU A 56 12.24 3.15 -3.31
N LYS A 57 12.28 2.92 -2.00
CA LYS A 57 12.87 3.87 -1.06
C LYS A 57 14.37 4.06 -1.31
N ALA A 58 14.99 3.08 -1.96
CA ALA A 58 16.42 3.14 -2.23
C ALA A 58 16.73 3.07 -3.72
N LYS A 59 15.78 3.44 -4.55
CA LYS A 59 15.98 3.40 -6.00
C LYS A 59 14.76 3.94 -6.74
N GLY A 60 13.59 3.58 -6.25
CA GLY A 60 12.35 4.02 -6.87
C GLY A 60 12.23 5.52 -6.93
N GLU A 61 11.20 6.06 -6.27
CA GLU A 61 10.98 7.51 -6.27
C GLU A 61 10.18 7.95 -5.05
N ILE A 62 10.25 7.17 -3.98
CA ILE A 62 9.53 7.51 -2.75
C ILE A 62 9.88 8.92 -2.31
N PRO A 63 8.90 9.84 -2.31
CA PRO A 63 9.13 11.22 -1.90
C PRO A 63 9.03 11.34 -0.38
N GLU A 64 9.69 12.35 0.17
CA GLU A 64 9.70 12.56 1.62
C GLU A 64 8.29 12.71 2.17
N VAL A 65 7.40 13.36 1.42
CA VAL A 65 6.01 13.55 1.84
C VAL A 65 5.47 12.29 2.55
N ALA A 66 5.98 11.14 2.14
CA ALA A 66 5.59 9.87 2.73
C ALA A 66 6.22 9.67 4.11
N PHE A 67 7.51 9.33 4.12
CA PHE A 67 8.25 9.10 5.35
C PHE A 67 7.92 10.16 6.41
N MET A 68 8.24 11.41 6.09
CA MET A 68 7.99 12.51 7.00
C MET A 68 8.45 13.83 6.38
N LYS A 69 7.50 14.71 6.10
CA LYS A 69 7.81 15.99 5.48
C LYS A 69 7.89 17.09 6.54
N PRO A 1 -16.17 6.13 -11.95
CA PRO A 1 -14.97 6.04 -11.07
C PRO A 1 -14.79 4.63 -10.50
N ALA A 2 -15.76 4.20 -9.68
CA ALA A 2 -15.70 2.88 -9.08
C ALA A 2 -16.86 2.66 -8.11
N PRO A 3 -16.96 3.50 -7.06
CA PRO A 3 -18.03 3.40 -6.07
C PRO A 3 -19.39 3.79 -6.64
N THR A 4 -20.06 2.82 -7.26
CA THR A 4 -21.37 3.07 -7.85
C THR A 4 -22.49 2.72 -6.87
N PRO A 5 -22.47 1.50 -6.32
CA PRO A 5 -23.48 1.04 -5.36
C PRO A 5 -23.63 2.01 -4.18
N SER A 6 -22.57 2.14 -3.40
CA SER A 6 -22.58 3.03 -2.24
C SER A 6 -21.18 3.15 -1.63
N SER A 7 -20.28 3.78 -2.36
CA SER A 7 -18.91 3.97 -1.89
C SER A 7 -18.23 2.61 -1.67
N SER A 8 -18.72 1.59 -2.36
CA SER A 8 -18.15 0.25 -2.23
C SER A 8 -18.00 -0.15 -0.76
N PRO A 9 -19.12 -0.48 -0.09
CA PRO A 9 -19.09 -0.88 1.33
C PRO A 9 -18.23 -2.12 1.57
N VAL A 10 -18.77 -3.29 1.25
CA VAL A 10 -18.04 -4.54 1.44
C VAL A 10 -17.21 -4.88 0.21
N PRO A 11 -17.80 -4.79 -1.00
CA PRO A 11 -17.09 -5.11 -2.25
C PRO A 11 -15.81 -4.30 -2.41
N THR A 12 -14.93 -4.75 -3.30
CA THR A 12 -13.67 -4.07 -3.54
C THR A 12 -12.93 -3.80 -2.24
N LEU A 13 -11.95 -4.65 -1.93
CA LEU A 13 -11.16 -4.52 -0.72
C LEU A 13 -12.04 -4.72 0.52
N SER A 14 -11.40 -4.83 1.68
CA SER A 14 -12.09 -5.04 2.94
C SER A 14 -11.28 -4.42 4.07
N PRO A 15 -11.62 -4.68 5.35
CA PRO A 15 -10.89 -4.12 6.49
C PRO A 15 -9.37 -4.31 6.34
N GLU A 16 -8.97 -5.30 5.56
CA GLU A 16 -7.57 -5.61 5.30
C GLU A 16 -6.75 -4.33 5.08
N GLN A 17 -7.41 -3.34 4.53
CA GLN A 17 -6.78 -2.08 4.19
C GLN A 17 -6.22 -1.33 5.37
N GLN A 18 -6.99 -1.21 6.42
CA GLN A 18 -6.54 -0.48 7.59
C GLN A 18 -5.78 -1.41 8.53
N GLU A 19 -6.03 -2.70 8.42
CA GLU A 19 -5.34 -3.67 9.23
C GLU A 19 -3.92 -3.86 8.72
N MET A 20 -3.70 -3.55 7.44
CA MET A 20 -2.40 -3.72 6.85
C MET A 20 -1.70 -2.40 6.56
N LEU A 21 -2.35 -1.52 5.81
CA LEU A 21 -1.77 -0.23 5.47
C LEU A 21 -1.18 0.46 6.70
N GLN A 22 -1.98 0.56 7.77
CA GLN A 22 -1.54 1.22 8.99
C GLN A 22 -0.30 0.54 9.57
N ALA A 23 -0.37 -0.78 9.75
CA ALA A 23 0.76 -1.52 10.29
C ALA A 23 1.84 -1.71 9.23
N PHE A 24 1.56 -1.25 8.00
CA PHE A 24 2.51 -1.37 6.91
C PHE A 24 3.36 -0.11 6.79
N SER A 25 2.81 1.01 7.28
CA SER A 25 3.53 2.27 7.23
C SER A 25 4.80 2.18 8.06
N THR A 26 4.68 1.58 9.24
CA THR A 26 5.83 1.41 10.13
C THR A 26 6.87 0.47 9.54
N GLN A 27 6.51 -0.25 8.47
CA GLN A 27 7.43 -1.19 7.83
C GLN A 27 8.84 -0.60 7.70
N SER A 28 9.03 0.22 6.67
CA SER A 28 10.31 0.85 6.43
C SER A 28 10.20 2.36 6.45
N GLY A 29 9.25 2.87 7.23
CA GLY A 29 9.06 4.30 7.34
C GLY A 29 7.95 4.83 6.44
N MET A 30 7.50 4.01 5.51
CA MET A 30 6.43 4.42 4.59
C MET A 30 5.25 5.02 5.35
N ASN A 31 4.51 5.90 4.66
CA ASN A 31 3.35 6.54 5.27
C ASN A 31 2.16 5.59 5.29
N LEU A 32 0.96 6.13 5.42
CA LEU A 32 -0.25 5.32 5.43
C LEU A 32 -1.04 5.49 4.13
N GLU A 33 -0.41 6.07 3.12
CA GLU A 33 -1.06 6.29 1.83
C GLU A 33 -0.22 5.80 0.66
N TRP A 34 1.10 5.87 0.80
CA TRP A 34 2.00 5.39 -0.24
C TRP A 34 2.23 3.90 -0.04
N SER A 35 2.18 3.49 1.22
CA SER A 35 2.36 2.11 1.60
C SER A 35 1.27 1.24 0.98
N GLN A 36 0.06 1.81 0.86
CA GLN A 36 -1.07 1.09 0.27
C GLN A 36 -0.74 0.58 -1.12
N LYS A 37 -0.04 1.39 -1.90
CA LYS A 37 0.34 1.03 -3.27
C LYS A 37 0.91 -0.37 -3.33
N CYS A 38 1.86 -0.66 -2.45
CA CYS A 38 2.49 -1.98 -2.41
C CYS A 38 1.47 -3.03 -2.01
N LEU A 39 0.64 -2.71 -1.02
CA LEU A 39 -0.38 -3.63 -0.56
C LEU A 39 -1.57 -3.68 -1.50
N GLN A 40 -1.52 -2.90 -2.56
CA GLN A 40 -2.63 -2.90 -3.50
C GLN A 40 -2.19 -3.50 -4.84
N ASP A 41 -0.87 -3.57 -5.06
CA ASP A 41 -0.33 -4.14 -6.28
C ASP A 41 0.01 -5.61 -6.06
N ASN A 42 0.35 -5.94 -4.81
CA ASN A 42 0.69 -7.32 -4.45
C ASN A 42 -0.50 -8.02 -3.79
N ASN A 43 -1.58 -7.27 -3.54
CA ASN A 43 -2.79 -7.82 -2.92
C ASN A 43 -2.73 -7.78 -1.39
N TRP A 44 -1.99 -6.83 -0.83
CA TRP A 44 -1.89 -6.72 0.62
C TRP A 44 -1.17 -7.91 1.23
N ASP A 45 0.02 -8.23 0.74
CA ASP A 45 0.80 -9.32 1.29
C ASP A 45 1.26 -8.93 2.67
N TYR A 46 1.69 -7.68 2.78
CA TYR A 46 2.14 -7.09 4.03
C TYR A 46 3.63 -7.33 4.28
N THR A 47 4.17 -8.38 3.69
CA THR A 47 5.58 -8.70 3.86
C THR A 47 6.32 -8.53 2.55
N ARG A 48 5.83 -9.18 1.51
CA ARG A 48 6.42 -9.10 0.18
C ARG A 48 6.21 -7.72 -0.40
N SER A 49 5.12 -7.08 0.01
CA SER A 49 4.79 -5.75 -0.46
C SER A 49 5.83 -4.73 -0.01
N ALA A 50 6.02 -4.64 1.30
CA ALA A 50 6.99 -3.69 1.86
C ALA A 50 8.38 -3.94 1.29
N GLN A 51 8.66 -5.18 0.87
CA GLN A 51 9.95 -5.50 0.30
C GLN A 51 10.15 -4.77 -1.02
N ALA A 52 9.07 -4.70 -1.80
CA ALA A 52 9.09 -4.01 -3.08
C ALA A 52 9.08 -2.50 -2.88
N PHE A 53 8.55 -2.06 -1.74
CA PHE A 53 8.47 -0.65 -1.42
C PHE A 53 9.87 -0.11 -1.09
N THR A 54 10.65 -0.91 -0.40
CA THR A 54 11.98 -0.49 -0.01
C THR A 54 12.87 -0.31 -1.24
N HIS A 55 12.77 -1.26 -2.17
CA HIS A 55 13.54 -1.17 -3.40
C HIS A 55 13.29 0.16 -4.09
N LEU A 56 12.10 0.72 -3.84
CA LEU A 56 11.72 2.00 -4.42
C LEU A 56 12.40 3.16 -3.69
N LYS A 57 12.30 3.18 -2.36
CA LYS A 57 12.93 4.25 -1.58
C LYS A 57 14.43 4.02 -1.42
N ALA A 58 14.95 2.94 -2.01
CA ALA A 58 16.37 2.64 -1.93
C ALA A 58 17.04 2.83 -3.30
N LYS A 59 16.24 2.72 -4.36
CA LYS A 59 16.75 2.89 -5.71
C LYS A 59 15.75 3.66 -6.58
N GLY A 60 14.48 3.31 -6.46
CA GLY A 60 13.45 3.98 -7.24
C GLY A 60 13.26 5.43 -6.82
N GLU A 61 12.10 5.73 -6.23
CA GLU A 61 11.81 7.08 -5.78
C GLU A 61 10.63 7.10 -4.82
N ILE A 62 10.83 7.73 -3.66
CA ILE A 62 9.79 7.84 -2.65
C ILE A 62 9.85 9.21 -1.98
N PRO A 63 8.83 10.06 -2.20
CA PRO A 63 8.79 11.39 -1.58
C PRO A 63 8.89 11.30 -0.07
N GLU A 64 9.59 12.26 0.54
CA GLU A 64 9.76 12.28 1.98
C GLU A 64 8.42 12.43 2.69
N VAL A 65 7.47 13.07 2.01
CA VAL A 65 6.13 13.29 2.57
C VAL A 65 5.57 11.97 3.11
N ALA A 66 6.04 10.87 2.55
CA ALA A 66 5.61 9.55 2.95
C ALA A 66 6.19 9.13 4.29
N PHE A 67 7.49 9.37 4.48
CA PHE A 67 8.18 9.00 5.71
C PHE A 67 7.86 9.96 6.86
N MET A 68 7.36 11.15 6.53
CA MET A 68 7.03 12.17 7.54
C MET A 68 6.87 13.54 6.89
N LYS A 69 7.98 14.26 6.77
CA LYS A 69 7.97 15.59 6.16
C LYS A 69 7.05 16.53 6.94
N PRO A 1 -25.47 -2.41 -3.48
CA PRO A 1 -26.73 -3.18 -3.62
C PRO A 1 -26.96 -3.68 -5.05
N ALA A 2 -27.40 -2.78 -5.92
CA ALA A 2 -27.66 -3.12 -7.32
C ALA A 2 -26.63 -2.46 -8.23
N PRO A 3 -26.22 -3.18 -9.30
CA PRO A 3 -25.24 -2.66 -10.26
C PRO A 3 -25.81 -1.53 -11.12
N THR A 4 -25.57 -0.29 -10.69
CA THR A 4 -26.07 0.87 -11.43
C THR A 4 -25.22 1.13 -12.67
N PRO A 5 -23.90 1.29 -12.49
CA PRO A 5 -22.98 1.55 -13.61
C PRO A 5 -22.70 0.29 -14.43
N SER A 6 -22.83 -0.87 -13.80
CA SER A 6 -22.60 -2.14 -14.47
C SER A 6 -21.22 -2.16 -15.14
N SER A 7 -20.31 -1.34 -14.61
CA SER A 7 -18.95 -1.27 -15.15
C SER A 7 -17.96 -0.85 -14.08
N SER A 8 -18.09 -1.44 -12.89
CA SER A 8 -17.20 -1.13 -11.77
C SER A 8 -16.53 -2.40 -11.24
N PRO A 9 -15.65 -3.01 -12.05
CA PRO A 9 -14.94 -4.23 -11.67
C PRO A 9 -13.68 -3.93 -10.85
N VAL A 10 -13.81 -3.06 -9.86
CA VAL A 10 -12.68 -2.71 -9.00
C VAL A 10 -12.42 -3.78 -7.95
N PRO A 11 -11.15 -4.06 -7.63
CA PRO A 11 -10.77 -5.06 -6.64
C PRO A 11 -11.49 -4.85 -5.32
N THR A 12 -12.21 -5.88 -4.86
CA THR A 12 -12.94 -5.80 -3.60
C THR A 12 -11.98 -5.79 -2.42
N LEU A 13 -12.21 -4.85 -1.49
CA LEU A 13 -11.36 -4.73 -0.31
C LEU A 13 -12.17 -5.02 0.96
N SER A 14 -11.46 -5.15 2.08
CA SER A 14 -12.08 -5.44 3.36
C SER A 14 -11.23 -4.83 4.48
N PRO A 15 -11.51 -5.15 5.75
CA PRO A 15 -10.73 -4.61 6.87
C PRO A 15 -9.22 -4.74 6.66
N GLU A 16 -8.83 -5.69 5.80
CA GLU A 16 -7.43 -5.93 5.48
C GLU A 16 -6.66 -4.63 5.26
N GLN A 17 -7.38 -3.64 4.79
CA GLN A 17 -6.80 -2.35 4.46
C GLN A 17 -6.22 -1.62 5.66
N GLN A 18 -6.95 -1.57 6.74
CA GLN A 18 -6.46 -0.89 7.92
C GLN A 18 -5.63 -1.82 8.79
N GLU A 19 -5.82 -3.11 8.62
CA GLU A 19 -5.07 -4.09 9.37
C GLU A 19 -3.65 -4.17 8.82
N MET A 20 -3.50 -3.81 7.54
CA MET A 20 -2.21 -3.87 6.89
C MET A 20 -1.61 -2.51 6.64
N LEU A 21 -2.34 -1.65 5.93
CA LEU A 21 -1.86 -0.30 5.62
C LEU A 21 -1.29 0.39 6.85
N GLN A 22 -2.04 0.35 7.96
CA GLN A 22 -1.60 0.99 9.19
C GLN A 22 -0.27 0.41 9.67
N ALA A 23 -0.21 -0.91 9.80
CA ALA A 23 1.02 -1.56 10.24
C ALA A 23 2.06 -1.60 9.13
N PHE A 24 1.68 -1.12 7.95
CA PHE A 24 2.58 -1.11 6.82
C PHE A 24 3.34 0.21 6.76
N SER A 25 2.72 1.28 7.25
CA SER A 25 3.35 2.58 7.26
C SER A 25 4.63 2.49 8.09
N THR A 26 4.53 1.83 9.23
CA THR A 26 5.68 1.63 10.10
C THR A 26 6.62 0.56 9.54
N GLN A 27 6.12 -0.24 8.60
CA GLN A 27 6.90 -1.31 7.97
C GLN A 27 8.33 -0.84 7.70
N SER A 28 8.49 0.06 6.75
CA SER A 28 9.80 0.60 6.43
C SER A 28 9.77 2.12 6.42
N GLY A 29 8.87 2.68 7.24
CA GLY A 29 8.74 4.11 7.34
C GLY A 29 7.73 4.70 6.36
N MET A 30 7.02 3.84 5.64
CA MET A 30 6.03 4.32 4.68
C MET A 30 4.88 5.05 5.36
N ASN A 31 4.19 5.89 4.60
CA ASN A 31 3.06 6.65 5.13
C ASN A 31 1.78 5.82 5.12
N LEU A 32 0.63 6.49 5.19
CA LEU A 32 -0.65 5.80 5.17
C LEU A 32 -1.33 5.91 3.81
N GLU A 33 -0.60 6.38 2.80
CA GLU A 33 -1.16 6.51 1.46
C GLU A 33 -0.26 5.91 0.37
N TRP A 34 1.05 5.90 0.61
CA TRP A 34 1.98 5.33 -0.34
C TRP A 34 2.13 3.84 -0.06
N SER A 35 1.98 3.49 1.22
CA SER A 35 2.07 2.11 1.65
C SER A 35 0.95 1.28 1.02
N GLN A 36 -0.23 1.89 0.87
CA GLN A 36 -1.37 1.21 0.30
C GLN A 36 -1.07 0.70 -1.12
N LYS A 37 -0.50 1.59 -1.94
CA LYS A 37 -0.18 1.24 -3.32
C LYS A 37 0.52 -0.11 -3.40
N CYS A 38 1.43 -0.37 -2.47
CA CYS A 38 2.14 -1.63 -2.44
C CYS A 38 1.21 -2.76 -2.04
N LEU A 39 0.37 -2.51 -1.05
CA LEU A 39 -0.59 -3.50 -0.58
C LEU A 39 -1.80 -3.57 -1.49
N GLN A 40 -1.81 -2.79 -2.54
CA GLN A 40 -2.95 -2.84 -3.46
C GLN A 40 -2.52 -3.39 -4.81
N ASP A 41 -1.22 -3.31 -5.10
CA ASP A 41 -0.67 -3.83 -6.35
C ASP A 41 -0.27 -5.29 -6.16
N ASN A 42 0.13 -5.62 -4.93
CA ASN A 42 0.53 -6.99 -4.60
C ASN A 42 -0.61 -7.76 -3.95
N ASN A 43 -1.71 -7.05 -3.62
CA ASN A 43 -2.90 -7.66 -3.01
C ASN A 43 -2.80 -7.71 -1.48
N TRP A 44 -2.09 -6.75 -0.89
CA TRP A 44 -1.98 -6.71 0.57
C TRP A 44 -1.21 -7.91 1.12
N ASP A 45 0.00 -8.12 0.61
CA ASP A 45 0.83 -9.22 1.09
C ASP A 45 1.38 -8.83 2.45
N TYR A 46 1.80 -7.58 2.54
CA TYR A 46 2.32 -7.00 3.77
C TYR A 46 3.82 -7.21 3.93
N THR A 47 4.34 -8.24 3.29
CA THR A 47 5.77 -8.53 3.38
C THR A 47 6.44 -8.26 2.03
N ARG A 48 5.92 -8.92 0.99
CA ARG A 48 6.45 -8.74 -0.35
C ARG A 48 6.18 -7.33 -0.85
N SER A 49 5.12 -6.73 -0.32
CA SER A 49 4.75 -5.37 -0.68
C SER A 49 5.77 -4.37 -0.16
N ALA A 50 5.91 -4.31 1.16
CA ALA A 50 6.87 -3.40 1.77
C ALA A 50 8.28 -3.73 1.34
N GLN A 51 8.52 -4.96 0.91
CA GLN A 51 9.84 -5.36 0.46
C GLN A 51 10.15 -4.69 -0.87
N ALA A 52 9.11 -4.54 -1.69
CA ALA A 52 9.25 -3.88 -2.98
C ALA A 52 9.24 -2.37 -2.81
N PHE A 53 8.66 -1.91 -1.72
CA PHE A 53 8.59 -0.48 -1.42
C PHE A 53 9.97 0.04 -1.02
N THR A 54 10.67 -0.73 -0.21
CA THR A 54 11.99 -0.32 0.25
C THR A 54 12.95 -0.24 -0.91
N HIS A 55 12.89 -1.21 -1.80
CA HIS A 55 13.76 -1.23 -2.97
C HIS A 55 13.59 0.07 -3.74
N LEU A 56 12.40 0.67 -3.63
CA LEU A 56 12.10 1.92 -4.30
C LEU A 56 12.75 3.10 -3.60
N LYS A 57 12.56 3.20 -2.28
CA LYS A 57 13.16 4.29 -1.51
C LYS A 57 14.64 4.04 -1.22
N ALA A 58 15.16 2.91 -1.72
CA ALA A 58 16.57 2.57 -1.52
C ALA A 58 17.33 2.66 -2.84
N LYS A 59 16.62 2.48 -3.95
CA LYS A 59 17.22 2.53 -5.27
C LYS A 59 16.34 3.32 -6.24
N GLY A 60 15.03 3.05 -6.19
CA GLY A 60 14.11 3.75 -7.07
C GLY A 60 13.92 5.20 -6.67
N GLU A 61 12.71 5.53 -6.19
CA GLU A 61 12.41 6.89 -5.77
C GLU A 61 11.15 6.93 -4.91
N ILE A 62 11.20 7.74 -3.85
CA ILE A 62 10.07 7.89 -2.94
C ILE A 62 10.07 9.29 -2.34
N PRO A 63 9.00 10.06 -2.56
CA PRO A 63 8.89 11.39 -1.98
C PRO A 63 9.04 11.33 -0.46
N GLU A 64 9.78 12.26 0.11
CA GLU A 64 10.01 12.27 1.55
C GLU A 64 8.69 12.20 2.31
N VAL A 65 7.68 12.93 1.83
CA VAL A 65 6.34 12.96 2.44
C VAL A 65 5.97 11.58 3.00
N ALA A 66 6.31 10.54 2.25
CA ALA A 66 6.02 9.16 2.67
C ALA A 66 6.48 8.94 4.10
N PHE A 67 7.79 9.09 4.33
CA PHE A 67 8.37 8.93 5.65
C PHE A 67 8.34 10.26 6.38
N MET A 68 7.15 10.85 6.49
CA MET A 68 6.99 12.15 7.14
C MET A 68 7.58 13.24 6.25
N LYS A 69 8.00 14.35 6.84
CA LYS A 69 8.59 15.45 6.07
C LYS A 69 7.51 16.17 5.26
N PRO A 1 -31.45 -22.69 3.14
CA PRO A 1 -30.14 -22.33 3.75
C PRO A 1 -29.48 -21.13 3.06
N ALA A 2 -29.73 -19.94 3.59
CA ALA A 2 -29.16 -18.72 3.03
C ALA A 2 -29.28 -17.55 4.01
N PRO A 3 -28.26 -17.35 4.87
CA PRO A 3 -28.27 -16.26 5.85
C PRO A 3 -28.13 -14.90 5.21
N THR A 4 -27.24 -14.80 4.21
CA THR A 4 -27.03 -13.54 3.51
C THR A 4 -27.08 -13.74 2.00
N PRO A 5 -28.29 -13.93 1.44
CA PRO A 5 -28.47 -14.13 0.00
C PRO A 5 -27.78 -13.06 -0.82
N SER A 6 -27.69 -11.86 -0.26
CA SER A 6 -27.05 -10.74 -0.95
C SER A 6 -26.05 -10.03 -0.04
N SER A 7 -24.86 -9.75 -0.57
CA SER A 7 -23.83 -9.08 0.20
C SER A 7 -22.59 -8.83 -0.67
N SER A 8 -22.32 -7.55 -0.93
CA SER A 8 -21.17 -7.17 -1.75
C SER A 8 -21.32 -7.70 -3.17
N PRO A 9 -21.86 -6.86 -4.08
CA PRO A 9 -22.06 -7.24 -5.48
C PRO A 9 -20.74 -7.37 -6.24
N VAL A 10 -19.70 -6.72 -5.72
CA VAL A 10 -18.38 -6.75 -6.35
C VAL A 10 -17.29 -6.41 -5.34
N PRO A 11 -16.13 -7.09 -5.44
CA PRO A 11 -15.00 -6.86 -4.52
C PRO A 11 -14.63 -5.39 -4.44
N THR A 12 -14.17 -4.96 -3.26
CA THR A 12 -13.77 -3.58 -3.05
C THR A 12 -12.99 -3.42 -1.75
N LEU A 13 -12.07 -4.35 -1.51
CA LEU A 13 -11.25 -4.32 -0.31
C LEU A 13 -12.08 -4.66 0.92
N SER A 14 -11.60 -4.25 2.10
CA SER A 14 -12.26 -4.52 3.35
C SER A 14 -11.37 -4.05 4.50
N PRO A 15 -11.70 -4.37 5.76
CA PRO A 15 -10.88 -3.96 6.91
C PRO A 15 -9.39 -4.27 6.67
N GLU A 16 -9.13 -5.25 5.80
CA GLU A 16 -7.77 -5.65 5.45
C GLU A 16 -6.88 -4.44 5.27
N GLN A 17 -7.39 -3.49 4.53
CA GLN A 17 -6.66 -2.30 4.18
C GLN A 17 -6.04 -1.61 5.36
N GLN A 18 -6.81 -1.41 6.40
CA GLN A 18 -6.31 -0.71 7.57
C GLN A 18 -5.52 -1.65 8.47
N GLU A 19 -5.78 -2.94 8.36
CA GLU A 19 -5.07 -3.92 9.16
C GLU A 19 -3.62 -3.98 8.70
N MET A 20 -3.41 -3.65 7.43
CA MET A 20 -2.07 -3.70 6.87
C MET A 20 -1.42 -2.33 6.76
N LEU A 21 -2.04 -1.44 5.96
CA LEU A 21 -1.53 -0.07 5.74
C LEU A 21 -0.79 0.48 6.96
N GLN A 22 -1.44 0.46 8.11
CA GLN A 22 -0.86 0.99 9.34
C GLN A 22 0.48 0.33 9.65
N ALA A 23 0.50 -1.01 9.65
CA ALA A 23 1.72 -1.74 9.95
C ALA A 23 2.67 -1.80 8.76
N PHE A 24 2.22 -1.32 7.60
CA PHE A 24 3.04 -1.32 6.41
C PHE A 24 3.89 -0.05 6.37
N SER A 25 3.35 1.02 6.93
CA SER A 25 4.05 2.29 6.97
C SER A 25 5.34 2.15 7.78
N THR A 26 5.24 1.42 8.89
CA THR A 26 6.38 1.19 9.76
C THR A 26 7.57 0.61 8.98
N GLN A 27 7.28 -0.02 7.84
CA GLN A 27 8.32 -0.61 7.01
C GLN A 27 9.54 0.31 6.89
N SER A 28 9.52 1.20 5.91
CA SER A 28 10.62 2.13 5.73
C SER A 28 10.23 3.53 6.20
N GLY A 29 9.25 3.58 7.10
CA GLY A 29 8.78 4.86 7.61
C GLY A 29 7.64 5.42 6.78
N MET A 30 7.35 4.77 5.66
CA MET A 30 6.29 5.18 4.73
C MET A 30 5.08 5.74 5.47
N ASN A 31 4.26 6.50 4.73
CA ASN A 31 3.04 7.08 5.30
C ASN A 31 1.97 6.01 5.38
N LEU A 32 0.81 6.36 5.94
CA LEU A 32 -0.28 5.40 6.06
C LEU A 32 -1.26 5.55 4.90
N GLU A 33 -0.75 6.00 3.76
CA GLU A 33 -1.59 6.19 2.58
C GLU A 33 -0.90 5.64 1.33
N TRP A 34 0.40 5.85 1.21
CA TRP A 34 1.14 5.35 0.07
C TRP A 34 1.28 3.84 0.20
N SER A 35 1.42 3.39 1.44
CA SER A 35 1.56 1.98 1.73
C SER A 35 0.42 1.18 1.11
N GLN A 36 -0.73 1.85 0.91
CA GLN A 36 -1.89 1.20 0.33
C GLN A 36 -1.56 0.68 -1.07
N LYS A 37 -1.00 1.55 -1.91
CA LYS A 37 -0.63 1.18 -3.27
C LYS A 37 0.24 -0.07 -3.28
N CYS A 38 1.18 -0.12 -2.35
CA CYS A 38 2.09 -1.26 -2.26
C CYS A 38 1.32 -2.52 -1.87
N LEU A 39 0.27 -2.34 -1.07
CA LEU A 39 -0.56 -3.45 -0.63
C LEU A 39 -1.78 -3.64 -1.52
N GLN A 40 -1.78 -2.99 -2.66
CA GLN A 40 -2.91 -3.10 -3.58
C GLN A 40 -2.46 -3.76 -4.88
N ASP A 41 -1.17 -3.63 -5.20
CA ASP A 41 -0.61 -4.23 -6.39
C ASP A 41 -0.23 -5.69 -6.11
N ASN A 42 0.11 -5.96 -4.86
CA ASN A 42 0.48 -7.30 -4.43
C ASN A 42 -0.71 -8.03 -3.82
N ASN A 43 -1.80 -7.28 -3.54
CA ASN A 43 -3.02 -7.83 -2.96
C ASN A 43 -2.97 -7.91 -1.44
N TRP A 44 -2.27 -6.98 -0.81
CA TRP A 44 -2.19 -6.95 0.64
C TRP A 44 -1.49 -8.19 1.20
N ASP A 45 -0.37 -8.55 0.60
CA ASP A 45 0.41 -9.69 1.08
C ASP A 45 1.08 -9.27 2.37
N TYR A 46 1.52 -8.02 2.38
CA TYR A 46 2.14 -7.38 3.52
C TYR A 46 3.65 -7.61 3.55
N THR A 47 4.11 -8.66 2.91
CA THR A 47 5.54 -8.96 2.89
C THR A 47 6.12 -8.74 1.50
N ARG A 48 5.46 -9.30 0.49
CA ARG A 48 5.92 -9.16 -0.88
C ARG A 48 5.74 -7.73 -1.37
N SER A 49 4.75 -7.04 -0.82
CA SER A 49 4.51 -5.66 -1.20
C SER A 49 5.60 -4.77 -0.64
N ALA A 50 5.61 -4.62 0.68
CA ALA A 50 6.63 -3.81 1.32
C ALA A 50 8.03 -4.27 0.91
N GLN A 51 8.14 -5.52 0.46
CA GLN A 51 9.43 -6.06 0.03
C GLN A 51 9.91 -5.30 -1.22
N ALA A 52 9.03 -5.18 -2.21
CA ALA A 52 9.38 -4.46 -3.43
C ALA A 52 9.50 -2.97 -3.16
N PHE A 53 8.81 -2.52 -2.11
CA PHE A 53 8.82 -1.13 -1.72
C PHE A 53 10.16 -0.75 -1.12
N THR A 54 10.84 -1.75 -0.55
CA THR A 54 12.15 -1.52 0.07
C THR A 54 13.16 -1.06 -0.98
N HIS A 55 13.01 -1.57 -2.20
CA HIS A 55 13.91 -1.23 -3.29
C HIS A 55 13.88 0.27 -3.55
N LEU A 56 12.76 0.90 -3.24
CA LEU A 56 12.59 2.33 -3.44
C LEU A 56 13.16 3.13 -2.27
N LYS A 57 13.25 2.49 -1.11
CA LYS A 57 13.80 3.15 0.07
C LYS A 57 15.31 3.02 0.11
N ALA A 58 15.85 2.06 -0.63
CA ALA A 58 17.29 1.85 -0.68
C ALA A 58 17.92 2.75 -1.74
N LYS A 59 17.12 3.10 -2.76
CA LYS A 59 17.57 3.96 -3.84
C LYS A 59 16.88 5.32 -3.77
N GLY A 60 15.55 5.31 -3.92
CA GLY A 60 14.80 6.54 -3.86
C GLY A 60 13.82 6.69 -5.02
N GLU A 61 12.61 6.17 -4.84
CA GLU A 61 11.58 6.25 -5.87
C GLU A 61 10.30 6.86 -5.30
N ILE A 62 9.93 6.44 -4.10
CA ILE A 62 8.75 6.93 -3.43
C ILE A 62 8.97 8.36 -2.93
N PRO A 63 7.98 9.25 -3.14
CA PRO A 63 8.06 10.63 -2.67
C PRO A 63 8.29 10.67 -1.16
N GLU A 64 9.15 11.57 -0.73
CA GLU A 64 9.46 11.73 0.68
C GLU A 64 8.23 12.12 1.48
N VAL A 65 7.29 12.79 0.83
CA VAL A 65 6.03 13.20 1.47
C VAL A 65 5.47 12.05 2.30
N ALA A 66 5.75 10.83 1.85
CA ALA A 66 5.31 9.62 2.54
C ALA A 66 6.03 9.46 3.87
N PHE A 67 7.35 9.55 3.84
CA PHE A 67 8.17 9.42 5.03
C PHE A 67 8.48 10.79 5.64
N MET A 68 7.45 11.64 5.72
CA MET A 68 7.62 12.97 6.28
C MET A 68 8.44 13.86 5.34
N LYS A 69 7.87 14.99 4.97
CA LYS A 69 8.56 15.93 4.08
C LYS A 69 9.11 17.12 4.86
N PRO A 1 -15.61 3.18 11.07
CA PRO A 1 -16.14 4.51 11.48
C PRO A 1 -15.02 5.52 11.71
N ALA A 2 -15.40 6.78 11.93
CA ALA A 2 -14.43 7.84 12.16
C ALA A 2 -13.55 8.06 10.93
N PRO A 3 -14.11 8.67 9.88
CA PRO A 3 -13.37 8.93 8.64
C PRO A 3 -12.31 10.01 8.82
N THR A 4 -11.13 9.60 9.29
CA THR A 4 -10.02 10.52 9.51
C THR A 4 -9.26 10.77 8.21
N PRO A 5 -8.87 9.68 7.51
CA PRO A 5 -8.12 9.79 6.26
C PRO A 5 -8.80 10.72 5.26
N SER A 6 -10.02 10.37 4.87
CA SER A 6 -10.78 11.16 3.91
C SER A 6 -12.23 10.67 3.82
N SER A 7 -13.04 11.39 3.07
CA SER A 7 -14.45 11.03 2.89
C SER A 7 -14.70 10.50 1.48
N SER A 8 -15.63 9.56 1.37
CA SER A 8 -15.96 8.97 0.08
C SER A 8 -17.15 8.02 0.20
N PRO A 9 -17.89 7.81 -0.90
CA PRO A 9 -19.06 6.91 -0.90
C PRO A 9 -18.74 5.54 -0.33
N VAL A 10 -17.85 4.82 -1.00
CA VAL A 10 -17.46 3.49 -0.55
C VAL A 10 -16.04 3.15 -1.01
N PRO A 11 -15.26 2.45 -0.16
CA PRO A 11 -13.88 2.07 -0.48
C PRO A 11 -13.83 0.99 -1.57
N THR A 12 -12.65 0.83 -2.17
CA THR A 12 -12.46 -0.17 -3.21
C THR A 12 -12.29 -1.56 -2.63
N LEU A 13 -11.18 -1.77 -1.91
CA LEU A 13 -10.90 -3.06 -1.29
C LEU A 13 -11.75 -3.25 -0.04
N SER A 14 -11.23 -4.01 0.92
CA SER A 14 -11.95 -4.28 2.16
C SER A 14 -11.12 -3.86 3.37
N PRO A 15 -11.58 -4.16 4.61
CA PRO A 15 -10.86 -3.79 5.83
C PRO A 15 -9.40 -4.21 5.79
N GLU A 16 -9.08 -5.19 4.94
CA GLU A 16 -7.72 -5.68 4.77
C GLU A 16 -6.73 -4.52 4.71
N GLN A 17 -7.22 -3.40 4.22
CA GLN A 17 -6.43 -2.22 4.07
C GLN A 17 -5.85 -1.75 5.38
N GLN A 18 -6.71 -1.29 6.24
CA GLN A 18 -6.26 -0.78 7.52
C GLN A 18 -5.66 -1.87 8.37
N GLU A 19 -5.99 -3.12 8.08
CA GLU A 19 -5.43 -4.23 8.82
C GLU A 19 -3.94 -4.28 8.56
N MET A 20 -3.55 -3.86 7.36
CA MET A 20 -2.16 -3.85 6.96
C MET A 20 -1.56 -2.46 6.98
N LEU A 21 -2.03 -1.61 6.08
CA LEU A 21 -1.56 -0.22 5.92
C LEU A 21 -0.96 0.35 7.22
N GLN A 22 -1.63 0.10 8.33
CA GLN A 22 -1.13 0.60 9.62
C GLN A 22 0.23 0.00 9.94
N ALA A 23 0.26 -1.33 10.04
CA ALA A 23 1.50 -2.03 10.34
C ALA A 23 2.48 -1.96 9.16
N PHE A 24 2.01 -1.47 8.01
CA PHE A 24 2.86 -1.35 6.84
C PHE A 24 3.55 0.01 6.82
N SER A 25 2.94 0.98 7.49
CA SER A 25 3.52 2.31 7.57
C SER A 25 4.82 2.25 8.35
N THR A 26 4.84 1.39 9.37
CA THR A 26 6.03 1.22 10.19
C THR A 26 7.15 0.52 9.42
N GLN A 27 6.82 -0.04 8.25
CA GLN A 27 7.80 -0.74 7.41
C GLN A 27 9.13 0.02 7.38
N SER A 28 9.28 0.96 6.46
CA SER A 28 10.49 1.76 6.38
C SER A 28 10.23 3.18 6.89
N GLY A 29 9.11 3.36 7.58
CA GLY A 29 8.75 4.67 8.10
C GLY A 29 7.79 5.40 7.16
N MET A 30 7.19 4.66 6.24
CA MET A 30 6.26 5.22 5.26
C MET A 30 5.10 5.94 5.96
N ASN A 31 4.19 6.50 5.14
CA ASN A 31 3.03 7.20 5.66
C ASN A 31 1.83 6.27 5.76
N LEU A 32 0.67 6.83 6.01
CA LEU A 32 -0.55 6.04 6.12
C LEU A 32 -1.38 6.14 4.84
N GLU A 33 -0.70 6.29 3.71
CA GLU A 33 -1.38 6.40 2.43
C GLU A 33 -0.55 5.85 1.27
N TRP A 34 0.77 6.01 1.33
CA TRP A 34 1.62 5.49 0.27
C TRP A 34 1.84 4.00 0.47
N SER A 35 1.67 3.54 1.71
CA SER A 35 1.82 2.13 2.03
C SER A 35 0.74 1.31 1.34
N GLN A 36 -0.40 1.96 1.03
CA GLN A 36 -1.50 1.29 0.36
C GLN A 36 -1.07 0.76 -1.00
N LYS A 37 -0.55 1.67 -1.84
CA LYS A 37 -0.10 1.29 -3.18
C LYS A 37 0.82 0.08 -3.11
N CYS A 38 1.68 0.06 -2.11
CA CYS A 38 2.61 -1.05 -1.93
C CYS A 38 1.85 -2.34 -1.67
N LEU A 39 0.81 -2.23 -0.85
CA LEU A 39 -0.02 -3.39 -0.51
C LEU A 39 -1.18 -3.55 -1.48
N GLN A 40 -1.12 -2.89 -2.61
CA GLN A 40 -2.18 -3.00 -3.59
C GLN A 40 -1.66 -3.65 -4.87
N ASP A 41 -0.36 -3.54 -5.10
CA ASP A 41 0.27 -4.14 -6.27
C ASP A 41 0.63 -5.59 -5.97
N ASN A 42 0.90 -5.87 -4.70
CA ASN A 42 1.25 -7.21 -4.26
C ASN A 42 0.02 -7.97 -3.73
N ASN A 43 -1.09 -7.24 -3.57
CA ASN A 43 -2.34 -7.83 -3.08
C ASN A 43 -2.37 -7.94 -1.55
N TRP A 44 -1.77 -6.97 -0.86
CA TRP A 44 -1.78 -6.98 0.59
C TRP A 44 -1.18 -8.24 1.16
N ASP A 45 0.01 -8.60 0.69
CA ASP A 45 0.70 -9.77 1.20
C ASP A 45 1.32 -9.40 2.54
N TYR A 46 1.82 -8.17 2.57
CA TYR A 46 2.43 -7.58 3.76
C TYR A 46 3.92 -7.89 3.88
N THR A 47 4.34 -8.98 3.26
CA THR A 47 5.74 -9.37 3.32
C THR A 47 6.38 -9.13 1.95
N ARG A 48 5.67 -9.52 0.90
CA ARG A 48 6.15 -9.32 -0.45
C ARG A 48 5.93 -7.88 -0.89
N SER A 49 4.94 -7.24 -0.29
CA SER A 49 4.64 -5.85 -0.60
C SER A 49 5.74 -4.96 -0.04
N ALA A 50 5.81 -4.88 1.29
CA ALA A 50 6.84 -4.07 1.93
C ALA A 50 8.23 -4.50 1.48
N GLN A 51 8.34 -5.71 0.94
CA GLN A 51 9.63 -6.21 0.49
C GLN A 51 10.06 -5.47 -0.78
N ALA A 52 9.10 -5.26 -1.68
CA ALA A 52 9.36 -4.55 -2.92
C ALA A 52 9.40 -3.04 -2.67
N PHE A 53 8.76 -2.62 -1.58
CA PHE A 53 8.72 -1.22 -1.22
C PHE A 53 10.08 -0.78 -0.68
N THR A 54 10.74 -1.68 0.06
CA THR A 54 12.04 -1.37 0.61
C THR A 54 13.01 -1.08 -0.51
N HIS A 55 13.06 -1.97 -1.49
CA HIS A 55 13.92 -1.79 -2.64
C HIS A 55 13.43 -0.61 -3.46
N LEU A 56 12.14 -0.32 -3.35
CA LEU A 56 11.52 0.78 -4.08
C LEU A 56 11.86 2.12 -3.42
N LYS A 57 12.27 2.09 -2.15
CA LYS A 57 12.61 3.30 -1.44
C LYS A 57 13.99 3.82 -1.87
N ALA A 58 14.93 2.91 -2.02
CA ALA A 58 16.28 3.26 -2.43
C ALA A 58 16.35 3.58 -3.92
N LYS A 59 15.41 3.01 -4.68
CA LYS A 59 15.36 3.23 -6.13
C LYS A 59 15.11 4.69 -6.44
N GLY A 60 14.24 5.33 -5.65
CA GLY A 60 13.93 6.73 -5.87
C GLY A 60 12.48 6.95 -6.24
N GLU A 61 11.63 5.99 -5.90
CA GLU A 61 10.20 6.08 -6.20
C GLU A 61 9.47 6.86 -5.13
N ILE A 62 9.30 6.23 -3.97
CA ILE A 62 8.61 6.86 -2.85
C ILE A 62 9.14 8.27 -2.61
N PRO A 63 8.25 9.27 -2.56
CA PRO A 63 8.64 10.63 -2.29
C PRO A 63 8.79 10.84 -0.80
N GLU A 64 9.62 11.79 -0.39
CA GLU A 64 9.86 12.03 1.02
C GLU A 64 8.58 12.33 1.79
N VAL A 65 7.61 12.95 1.13
CA VAL A 65 6.32 13.27 1.77
C VAL A 65 5.82 12.07 2.57
N ALA A 66 6.04 10.88 2.02
CA ALA A 66 5.64 9.64 2.67
C ALA A 66 6.39 9.48 3.98
N PHE A 67 7.71 9.65 3.92
CA PHE A 67 8.57 9.54 5.09
C PHE A 67 8.77 10.90 5.76
N MET A 68 7.68 11.66 5.88
CA MET A 68 7.74 12.98 6.50
C MET A 68 8.53 13.95 5.62
N LYS A 69 7.93 15.10 5.34
CA LYS A 69 8.58 16.11 4.51
C LYS A 69 8.99 17.31 5.35
N PRO A 1 -14.86 15.55 2.04
CA PRO A 1 -15.45 14.19 1.92
C PRO A 1 -16.59 13.96 2.93
N ALA A 2 -17.70 13.42 2.43
CA ALA A 2 -18.85 13.16 3.29
C ALA A 2 -20.01 12.58 2.48
N PRO A 3 -20.55 13.37 1.54
CA PRO A 3 -21.67 12.93 0.69
C PRO A 3 -21.26 11.86 -0.31
N THR A 4 -22.23 11.37 -1.07
CA THR A 4 -21.96 10.33 -2.07
C THR A 4 -22.73 10.61 -3.37
N PRO A 5 -22.26 11.61 -4.14
CA PRO A 5 -22.90 11.98 -5.41
C PRO A 5 -23.11 10.78 -6.33
N SER A 6 -22.00 10.14 -6.72
CA SER A 6 -22.06 8.98 -7.60
C SER A 6 -20.66 8.44 -7.87
N SER A 7 -20.04 7.85 -6.86
CA SER A 7 -18.70 7.29 -7.00
C SER A 7 -18.75 5.77 -7.11
N SER A 8 -18.15 5.24 -8.18
CA SER A 8 -18.13 3.81 -8.41
C SER A 8 -16.70 3.29 -8.50
N PRO A 9 -16.11 2.86 -7.37
CA PRO A 9 -14.74 2.34 -7.34
C PRO A 9 -14.62 0.99 -8.03
N VAL A 10 -13.74 0.92 -9.03
CA VAL A 10 -13.52 -0.31 -9.78
C VAL A 10 -12.85 -1.37 -8.92
N PRO A 11 -11.78 -0.99 -8.19
CA PRO A 11 -11.05 -1.93 -7.32
C PRO A 11 -11.99 -2.76 -6.45
N THR A 12 -11.41 -3.68 -5.69
CA THR A 12 -12.19 -4.53 -4.79
C THR A 12 -11.54 -4.62 -3.42
N LEU A 13 -11.04 -3.50 -2.94
CA LEU A 13 -10.40 -3.45 -1.63
C LEU A 13 -11.42 -3.61 -0.51
N SER A 14 -10.94 -3.71 0.72
CA SER A 14 -11.81 -3.89 1.88
C SER A 14 -11.04 -3.58 3.16
N PRO A 15 -11.63 -3.86 4.35
CA PRO A 15 -10.95 -3.60 5.63
C PRO A 15 -9.48 -4.02 5.62
N GLU A 16 -9.14 -4.98 4.76
CA GLU A 16 -7.77 -5.46 4.61
C GLU A 16 -6.78 -4.30 4.61
N GLN A 17 -7.08 -3.37 3.74
CA GLN A 17 -6.26 -2.20 3.51
C GLN A 17 -5.85 -1.47 4.76
N GLN A 18 -6.76 -1.35 5.69
CA GLN A 18 -6.48 -0.64 6.92
C GLN A 18 -5.81 -1.56 7.94
N GLU A 19 -6.06 -2.84 7.81
CA GLU A 19 -5.46 -3.81 8.71
C GLU A 19 -3.97 -3.84 8.47
N MET A 20 -3.57 -3.57 7.23
CA MET A 20 -2.18 -3.58 6.86
C MET A 20 -1.57 -2.19 6.87
N LEU A 21 -2.06 -1.33 5.97
CA LEU A 21 -1.58 0.05 5.82
C LEU A 21 -0.96 0.62 7.10
N GLN A 22 -1.73 0.60 8.19
CA GLN A 22 -1.22 1.14 9.46
C GLN A 22 0.03 0.39 9.89
N ALA A 23 -0.07 -0.94 9.96
CA ALA A 23 1.07 -1.75 10.37
C ALA A 23 2.10 -1.88 9.25
N PHE A 24 1.81 -1.28 8.09
CA PHE A 24 2.72 -1.34 6.97
C PHE A 24 3.52 -0.03 6.86
N SER A 25 3.00 1.04 7.47
CA SER A 25 3.68 2.32 7.45
C SER A 25 4.99 2.19 8.22
N THR A 26 4.93 1.48 9.33
CA THR A 26 6.12 1.26 10.16
C THR A 26 7.16 0.41 9.44
N GLN A 27 6.77 -0.21 8.31
CA GLN A 27 7.68 -1.04 7.53
C GLN A 27 9.07 -0.41 7.42
N SER A 28 9.23 0.48 6.44
CA SER A 28 10.50 1.17 6.26
C SER A 28 10.33 2.67 6.52
N GLY A 29 9.31 3.02 7.30
CA GLY A 29 9.07 4.42 7.60
C GLY A 29 7.92 5.00 6.79
N MET A 30 7.52 4.29 5.74
CA MET A 30 6.43 4.73 4.88
C MET A 30 5.25 5.28 5.67
N ASN A 31 4.46 6.14 5.02
CA ASN A 31 3.29 6.76 5.65
C ASN A 31 2.10 5.79 5.64
N LEU A 32 0.91 6.34 5.82
CA LEU A 32 -0.30 5.52 5.84
C LEU A 32 -1.10 5.65 4.53
N GLU A 33 -0.55 6.38 3.55
CA GLU A 33 -1.24 6.58 2.28
C GLU A 33 -0.40 6.11 1.09
N TRP A 34 0.92 6.14 1.24
CA TRP A 34 1.81 5.69 0.17
C TRP A 34 2.03 4.19 0.32
N SER A 35 1.89 3.70 1.55
CA SER A 35 2.06 2.29 1.83
C SER A 35 0.97 1.49 1.11
N GLN A 36 -0.18 2.12 0.89
CA GLN A 36 -1.29 1.47 0.20
C GLN A 36 -0.83 0.92 -1.15
N LYS A 37 -0.12 1.75 -1.91
CA LYS A 37 0.38 1.34 -3.21
C LYS A 37 1.36 0.18 -3.06
N CYS A 38 2.02 0.15 -1.92
CA CYS A 38 2.99 -0.90 -1.62
C CYS A 38 2.28 -2.21 -1.31
N LEU A 39 1.04 -2.10 -0.83
CA LEU A 39 0.25 -3.27 -0.47
C LEU A 39 -0.86 -3.53 -1.47
N GLN A 40 -0.76 -2.93 -2.63
CA GLN A 40 -1.77 -3.12 -3.66
C GLN A 40 -1.18 -3.83 -4.88
N ASP A 41 0.14 -3.71 -5.05
CA ASP A 41 0.82 -4.35 -6.15
C ASP A 41 1.17 -5.79 -5.79
N ASN A 42 1.35 -6.04 -4.49
CA ASN A 42 1.67 -7.36 -3.99
C ASN A 42 0.44 -8.09 -3.45
N ASN A 43 -0.70 -7.37 -3.37
CA ASN A 43 -1.95 -7.94 -2.90
C ASN A 43 -2.06 -7.94 -1.38
N TRP A 44 -1.48 -6.95 -0.72
CA TRP A 44 -1.57 -6.86 0.74
C TRP A 44 -0.98 -8.07 1.44
N ASP A 45 0.06 -8.67 0.84
CA ASP A 45 0.71 -9.80 1.48
C ASP A 45 1.19 -9.37 2.85
N TYR A 46 1.63 -8.12 2.90
CA TYR A 46 2.09 -7.48 4.12
C TYR A 46 3.54 -7.81 4.46
N THR A 47 4.07 -8.87 3.89
CA THR A 47 5.44 -9.27 4.14
C THR A 47 6.24 -9.13 2.86
N ARG A 48 5.74 -9.76 1.80
CA ARG A 48 6.38 -9.69 0.50
C ARG A 48 6.15 -8.31 -0.11
N SER A 49 5.11 -7.62 0.36
CA SER A 49 4.79 -6.29 -0.12
C SER A 49 5.86 -5.32 0.33
N ALA A 50 5.91 -5.06 1.64
CA ALA A 50 6.91 -4.17 2.20
C ALA A 50 8.30 -4.47 1.66
N GLN A 51 8.53 -5.72 1.25
CA GLN A 51 9.82 -6.10 0.70
C GLN A 51 10.09 -5.38 -0.61
N ALA A 52 9.13 -5.45 -1.52
CA ALA A 52 9.25 -4.78 -2.80
C ALA A 52 9.15 -3.27 -2.64
N PHE A 53 8.57 -2.84 -1.53
CA PHE A 53 8.40 -1.44 -1.23
C PHE A 53 9.76 -0.82 -0.89
N THR A 54 10.56 -1.55 -0.13
CA THR A 54 11.86 -1.05 0.26
C THR A 54 12.73 -0.76 -0.95
N HIS A 55 12.76 -1.70 -1.89
CA HIS A 55 13.52 -1.52 -3.11
C HIS A 55 13.04 -0.29 -3.87
N LEU A 56 11.79 0.07 -3.65
CA LEU A 56 11.18 1.22 -4.30
C LEU A 56 11.53 2.53 -3.60
N LYS A 57 11.78 2.47 -2.29
CA LYS A 57 12.13 3.67 -1.53
C LYS A 57 13.35 4.36 -2.13
N ALA A 58 14.27 3.55 -2.65
CA ALA A 58 15.50 4.09 -3.25
C ALA A 58 15.41 4.13 -4.76
N LYS A 59 15.08 2.98 -5.36
CA LYS A 59 14.98 2.88 -6.81
C LYS A 59 13.77 3.66 -7.33
N GLY A 60 12.61 3.40 -6.73
CA GLY A 60 11.40 4.10 -7.14
C GLY A 60 11.43 5.56 -6.81
N GLU A 61 10.25 6.14 -6.57
CA GLU A 61 10.14 7.55 -6.24
C GLU A 61 9.26 7.76 -5.01
N ILE A 62 9.86 7.67 -3.83
CA ILE A 62 9.12 7.86 -2.58
C ILE A 62 9.43 9.23 -1.98
N PRO A 63 8.54 10.20 -2.14
CA PRO A 63 8.74 11.52 -1.58
C PRO A 63 8.96 11.41 -0.08
N GLU A 64 9.77 12.30 0.48
CA GLU A 64 10.07 12.25 1.91
C GLU A 64 8.80 12.26 2.75
N VAL A 65 7.76 12.94 2.26
CA VAL A 65 6.49 13.00 3.00
C VAL A 65 6.08 11.61 3.48
N ALA A 66 6.25 10.62 2.61
CA ALA A 66 5.91 9.24 2.93
C ALA A 66 6.49 8.84 4.28
N PHE A 67 7.78 9.12 4.47
CA PHE A 67 8.47 8.79 5.72
C PHE A 67 8.30 9.91 6.76
N MET A 68 7.06 10.34 6.95
CA MET A 68 6.77 11.40 7.91
C MET A 68 7.69 12.60 7.70
N LYS A 69 7.58 13.22 6.54
CA LYS A 69 8.40 14.38 6.21
C LYS A 69 7.66 15.34 5.29
N PRO A 1 -5.55 -6.93 -21.74
CA PRO A 1 -5.35 -7.24 -20.30
C PRO A 1 -3.94 -7.78 -20.00
N ALA A 2 -3.18 -7.03 -19.23
CA ALA A 2 -1.82 -7.43 -18.87
C ALA A 2 -1.83 -8.57 -17.86
N PRO A 3 -2.52 -8.38 -16.71
CA PRO A 3 -2.61 -9.39 -15.66
C PRO A 3 -3.06 -10.74 -16.20
N THR A 4 -2.39 -11.80 -15.75
CA THR A 4 -2.71 -13.15 -16.19
C THR A 4 -3.77 -13.78 -15.28
N PRO A 5 -3.51 -13.80 -13.96
CA PRO A 5 -4.44 -14.37 -12.98
C PRO A 5 -5.86 -13.80 -13.13
N SER A 6 -6.00 -12.50 -12.89
CA SER A 6 -7.29 -11.84 -13.00
C SER A 6 -7.19 -10.39 -12.55
N SER A 7 -8.07 -9.55 -13.08
CA SER A 7 -8.09 -8.13 -12.73
C SER A 7 -9.31 -7.44 -13.33
N SER A 8 -10.09 -6.76 -12.49
CA SER A 8 -11.27 -6.06 -12.95
C SER A 8 -11.22 -4.58 -12.54
N PRO A 9 -11.70 -3.68 -13.41
CA PRO A 9 -11.70 -2.24 -13.14
C PRO A 9 -12.34 -1.92 -11.79
N VAL A 10 -13.18 -2.82 -11.30
CA VAL A 10 -13.86 -2.63 -10.03
C VAL A 10 -13.34 -3.60 -8.97
N PRO A 11 -12.38 -3.15 -8.14
CA PRO A 11 -11.79 -3.99 -7.09
C PRO A 11 -12.79 -4.28 -5.97
N THR A 12 -12.31 -4.95 -4.92
CA THR A 12 -13.15 -5.30 -3.79
C THR A 12 -12.33 -5.40 -2.51
N LEU A 13 -11.89 -4.25 -1.99
CA LEU A 13 -11.10 -4.22 -0.77
C LEU A 13 -11.96 -4.53 0.45
N SER A 14 -11.32 -4.72 1.59
CA SER A 14 -12.01 -5.02 2.84
C SER A 14 -11.19 -4.53 4.02
N PRO A 15 -11.57 -4.89 5.27
CA PRO A 15 -10.81 -4.46 6.45
C PRO A 15 -9.31 -4.68 6.30
N GLU A 16 -8.95 -5.63 5.43
CA GLU A 16 -7.56 -5.96 5.15
C GLU A 16 -6.70 -4.71 5.05
N GLN A 17 -7.26 -3.73 4.38
CA GLN A 17 -6.60 -2.48 4.12
C GLN A 17 -6.07 -1.80 5.36
N GLN A 18 -6.89 -1.69 6.36
CA GLN A 18 -6.48 -1.02 7.58
C GLN A 18 -5.66 -1.96 8.47
N GLU A 19 -5.86 -3.25 8.28
CA GLU A 19 -5.11 -4.23 9.06
C GLU A 19 -3.65 -4.17 8.66
N MET A 20 -3.41 -3.82 7.39
CA MET A 20 -2.06 -3.75 6.88
C MET A 20 -1.50 -2.34 6.85
N LEU A 21 -2.14 -1.47 6.06
CA LEU A 21 -1.69 -0.08 5.90
C LEU A 21 -1.07 0.51 7.17
N GLN A 22 -1.77 0.38 8.29
CA GLN A 22 -1.26 0.91 9.55
C GLN A 22 0.10 0.30 9.89
N ALA A 23 0.18 -1.02 9.84
CA ALA A 23 1.42 -1.73 10.15
C ALA A 23 2.39 -1.71 8.97
N PHE A 24 1.96 -1.15 7.84
CA PHE A 24 2.80 -1.08 6.66
C PHE A 24 3.53 0.25 6.61
N SER A 25 2.95 1.27 7.23
CA SER A 25 3.55 2.59 7.28
C SER A 25 4.87 2.51 8.03
N THR A 26 4.82 1.93 9.23
CA THR A 26 6.01 1.76 10.05
C THR A 26 6.91 0.65 9.49
N GLN A 27 6.41 -0.08 8.49
CA GLN A 27 7.16 -1.16 7.87
C GLN A 27 8.60 -0.74 7.60
N SER A 28 8.78 0.17 6.66
CA SER A 28 10.10 0.68 6.33
C SER A 28 10.11 2.20 6.30
N GLY A 29 9.18 2.81 7.03
CA GLY A 29 9.09 4.25 7.07
C GLY A 29 7.97 4.82 6.22
N MET A 30 7.24 3.95 5.52
CA MET A 30 6.16 4.41 4.65
C MET A 30 5.11 5.19 5.44
N ASN A 31 4.34 6.00 4.72
CA ASN A 31 3.28 6.79 5.33
C ASN A 31 1.98 5.99 5.40
N LEU A 32 0.88 6.67 5.71
CA LEU A 32 -0.42 6.02 5.79
C LEU A 32 -1.21 6.24 4.51
N GLU A 33 -0.50 6.37 3.39
CA GLU A 33 -1.16 6.60 2.11
C GLU A 33 -0.40 5.99 0.94
N TRP A 34 0.93 6.04 1.00
CA TRP A 34 1.74 5.46 -0.06
C TRP A 34 1.87 3.96 0.16
N SER A 35 1.78 3.56 1.43
CA SER A 35 1.86 2.16 1.80
C SER A 35 0.68 1.39 1.21
N GLN A 36 -0.42 2.09 0.96
CA GLN A 36 -1.61 1.45 0.39
C GLN A 36 -1.30 0.92 -1.02
N LYS A 37 -0.80 1.80 -1.88
CA LYS A 37 -0.46 1.41 -3.25
C LYS A 37 0.43 0.17 -3.24
N CYS A 38 1.36 0.13 -2.31
CA CYS A 38 2.27 -1.01 -2.18
C CYS A 38 1.49 -2.27 -1.85
N LEU A 39 0.49 -2.12 -1.00
CA LEU A 39 -0.34 -3.24 -0.58
C LEU A 39 -1.53 -3.45 -1.50
N GLN A 40 -1.53 -2.79 -2.64
CA GLN A 40 -2.61 -2.93 -3.59
C GLN A 40 -2.11 -3.57 -4.89
N ASP A 41 -0.81 -3.45 -5.13
CA ASP A 41 -0.20 -4.03 -6.33
C ASP A 41 0.21 -5.47 -6.03
N ASN A 42 0.52 -5.73 -4.77
CA ASN A 42 0.93 -7.07 -4.33
C ASN A 42 -0.26 -7.84 -3.75
N ASN A 43 -1.37 -7.12 -3.51
CA ASN A 43 -2.60 -7.72 -2.97
C ASN A 43 -2.59 -7.78 -1.45
N TRP A 44 -1.95 -6.81 -0.80
CA TRP A 44 -1.92 -6.77 0.65
C TRP A 44 -1.19 -7.95 1.26
N ASP A 45 -0.23 -8.50 0.53
CA ASP A 45 0.56 -9.60 1.06
C ASP A 45 1.19 -9.16 2.36
N TYR A 46 1.55 -7.87 2.38
CA TYR A 46 2.12 -7.23 3.55
C TYR A 46 3.61 -7.48 3.70
N THR A 47 4.14 -8.47 2.99
CA THR A 47 5.55 -8.76 3.07
C THR A 47 6.24 -8.50 1.74
N ARG A 48 5.64 -8.99 0.67
CA ARG A 48 6.18 -8.81 -0.68
C ARG A 48 6.01 -7.36 -1.12
N SER A 49 4.97 -6.71 -0.62
CA SER A 49 4.72 -5.32 -0.97
C SER A 49 5.76 -4.43 -0.30
N ALA A 50 5.73 -4.38 1.02
CA ALA A 50 6.69 -3.57 1.76
C ALA A 50 8.12 -4.01 1.48
N GLN A 51 8.30 -5.21 0.91
CA GLN A 51 9.64 -5.69 0.59
C GLN A 51 10.16 -4.98 -0.65
N ALA A 52 9.26 -4.76 -1.61
CA ALA A 52 9.61 -4.08 -2.85
C ALA A 52 9.66 -2.56 -2.61
N PHE A 53 8.95 -2.12 -1.58
CA PHE A 53 8.90 -0.71 -1.23
C PHE A 53 10.21 -0.30 -0.56
N THR A 54 10.71 -1.16 0.31
CA THR A 54 11.94 -0.88 1.03
C THR A 54 13.12 -0.89 0.07
N HIS A 55 13.14 -1.88 -0.81
CA HIS A 55 14.20 -1.99 -1.80
C HIS A 55 14.15 -0.80 -2.75
N LEU A 56 12.96 -0.21 -2.88
CA LEU A 56 12.76 0.94 -3.75
C LEU A 56 12.65 2.24 -2.95
N LYS A 57 12.69 2.15 -1.62
CA LYS A 57 12.58 3.34 -0.79
C LYS A 57 13.61 4.39 -1.22
N ALA A 58 14.79 3.93 -1.58
CA ALA A 58 15.86 4.82 -2.02
C ALA A 58 16.51 4.32 -3.31
N LYS A 59 15.77 3.50 -4.05
CA LYS A 59 16.28 2.95 -5.30
C LYS A 59 15.40 3.37 -6.48
N GLY A 60 14.09 3.30 -6.29
CA GLY A 60 13.17 3.67 -7.35
C GLY A 60 12.77 5.13 -7.28
N GLU A 61 11.70 5.42 -6.55
CA GLU A 61 11.22 6.80 -6.42
C GLU A 61 10.12 6.91 -5.37
N ILE A 62 10.49 7.32 -4.17
CA ILE A 62 9.53 7.50 -3.08
C ILE A 62 9.66 8.89 -2.49
N PRO A 63 8.67 9.77 -2.72
CA PRO A 63 8.69 11.11 -2.15
C PRO A 63 8.91 11.04 -0.64
N GLU A 64 9.73 11.94 -0.12
CA GLU A 64 10.01 11.96 1.31
C GLU A 64 8.76 12.20 2.12
N VAL A 65 7.79 12.88 1.51
CA VAL A 65 6.51 13.19 2.16
C VAL A 65 5.96 11.92 2.83
N ALA A 66 6.31 10.77 2.26
CA ALA A 66 5.87 9.47 2.78
C ALA A 66 6.52 9.18 4.13
N PHE A 67 7.84 9.35 4.20
CA PHE A 67 8.58 9.10 5.43
C PHE A 67 8.55 10.31 6.36
N MET A 68 7.38 10.89 6.57
CA MET A 68 7.23 12.04 7.44
C MET A 68 8.27 13.10 7.12
N LYS A 69 7.97 13.96 6.15
CA LYS A 69 8.89 15.02 5.75
C LYS A 69 8.15 16.35 5.60
N PRO A 1 -40.42 17.61 -10.89
CA PRO A 1 -39.86 16.39 -10.26
C PRO A 1 -38.76 15.75 -11.12
N ALA A 2 -37.68 15.34 -10.47
CA ALA A 2 -36.56 14.71 -11.17
C ALA A 2 -36.44 13.23 -10.80
N PRO A 3 -35.91 12.41 -11.71
CA PRO A 3 -35.74 10.97 -11.48
C PRO A 3 -34.65 10.68 -10.45
N THR A 4 -33.74 11.63 -10.27
CA THR A 4 -32.65 11.48 -9.32
C THR A 4 -31.92 10.15 -9.54
N PRO A 5 -31.25 10.01 -10.69
CA PRO A 5 -30.50 8.78 -11.01
C PRO A 5 -29.55 8.37 -9.90
N SER A 6 -29.14 9.34 -9.09
CA SER A 6 -28.23 9.08 -7.98
C SER A 6 -26.88 8.56 -8.49
N SER A 7 -25.82 9.33 -8.26
CA SER A 7 -24.49 8.95 -8.70
C SER A 7 -24.10 7.59 -8.15
N SER A 8 -22.98 7.04 -8.63
CA SER A 8 -22.51 5.75 -8.19
C SER A 8 -21.05 5.82 -7.74
N PRO A 9 -20.80 6.01 -6.44
CA PRO A 9 -19.45 6.09 -5.89
C PRO A 9 -18.57 4.94 -6.33
N VAL A 10 -17.29 5.00 -5.97
CA VAL A 10 -16.34 3.95 -6.33
C VAL A 10 -15.83 3.22 -5.08
N PRO A 11 -16.43 2.07 -4.75
CA PRO A 11 -16.02 1.28 -3.58
C PRO A 11 -14.64 0.68 -3.74
N THR A 12 -13.71 1.08 -2.88
CA THR A 12 -12.34 0.58 -2.92
C THR A 12 -12.28 -0.86 -2.43
N LEU A 13 -11.07 -1.30 -2.07
CA LEU A 13 -10.88 -2.66 -1.57
C LEU A 13 -11.69 -2.90 -0.30
N SER A 14 -11.19 -3.77 0.58
CA SER A 14 -11.90 -4.10 1.81
C SER A 14 -11.05 -3.78 3.04
N PRO A 15 -11.52 -4.14 4.25
CA PRO A 15 -10.79 -3.88 5.50
C PRO A 15 -9.33 -4.34 5.43
N GLU A 16 -9.05 -5.28 4.52
CA GLU A 16 -7.70 -5.79 4.33
C GLU A 16 -6.68 -4.66 4.33
N GLN A 17 -7.14 -3.49 3.92
CA GLN A 17 -6.30 -2.32 3.84
C GLN A 17 -5.74 -1.96 5.19
N GLN A 18 -6.61 -1.50 6.06
CA GLN A 18 -6.19 -1.08 7.38
C GLN A 18 -5.47 -2.21 8.10
N GLU A 19 -5.74 -3.44 7.70
CA GLU A 19 -5.04 -4.57 8.31
C GLU A 19 -3.55 -4.35 8.15
N MET A 20 -3.15 -4.04 6.92
CA MET A 20 -1.77 -3.80 6.58
C MET A 20 -1.34 -2.36 6.82
N LEU A 21 -1.90 -1.45 6.02
CA LEU A 21 -1.58 -0.03 6.05
C LEU A 21 -1.03 0.46 7.39
N GLN A 22 -1.63 -0.02 8.49
CA GLN A 22 -1.18 0.39 9.81
C GLN A 22 0.22 -0.15 10.08
N ALA A 23 0.36 -1.47 10.02
CA ALA A 23 1.65 -2.10 10.27
C ALA A 23 2.62 -1.93 9.10
N PHE A 24 2.15 -1.32 8.01
CA PHE A 24 2.97 -1.10 6.84
C PHE A 24 3.55 0.30 6.85
N SER A 25 2.85 1.22 7.50
CA SER A 25 3.31 2.59 7.59
C SER A 25 4.65 2.62 8.32
N THR A 26 4.73 1.92 9.44
CA THR A 26 5.96 1.85 10.22
C THR A 26 6.89 0.76 9.67
N GLN A 27 6.49 0.09 8.59
CA GLN A 27 7.29 -0.96 7.99
C GLN A 27 8.74 -0.50 7.79
N SER A 28 8.94 0.38 6.81
CA SER A 28 10.28 0.91 6.55
C SER A 28 10.29 2.42 6.73
N GLY A 29 9.31 2.94 7.46
CA GLY A 29 9.23 4.37 7.70
C GLY A 29 8.26 5.06 6.76
N MET A 30 7.49 4.29 5.99
CA MET A 30 6.53 4.86 5.05
C MET A 30 5.41 5.59 5.77
N ASN A 31 4.58 6.32 5.01
CA ASN A 31 3.46 7.05 5.58
C ASN A 31 2.25 6.14 5.74
N LEU A 32 1.08 6.74 5.96
CA LEU A 32 -0.15 5.98 6.13
C LEU A 32 -1.02 6.07 4.88
N GLU A 33 -0.42 6.46 3.76
CA GLU A 33 -1.16 6.59 2.51
C GLU A 33 -0.42 6.01 1.31
N TRP A 34 0.90 6.08 1.33
CA TRP A 34 1.70 5.53 0.24
C TRP A 34 1.85 4.03 0.45
N SER A 35 1.77 3.61 1.71
CA SER A 35 1.89 2.21 2.07
C SER A 35 0.75 1.38 1.48
N GLN A 36 -0.42 1.99 1.35
CA GLN A 36 -1.58 1.30 0.81
C GLN A 36 -1.34 0.90 -0.65
N LYS A 37 -0.58 1.71 -1.37
CA LYS A 37 -0.27 1.43 -2.77
C LYS A 37 0.74 0.30 -2.87
N CYS A 38 1.65 0.27 -1.90
CA CYS A 38 2.67 -0.77 -1.85
C CYS A 38 2.03 -2.12 -1.54
N LEU A 39 0.86 -2.06 -0.89
CA LEU A 39 0.13 -3.26 -0.53
C LEU A 39 -0.99 -3.56 -1.52
N GLN A 40 -0.94 -2.92 -2.67
CA GLN A 40 -1.96 -3.14 -3.69
C GLN A 40 -1.36 -3.81 -4.92
N ASP A 41 -0.04 -3.69 -5.08
CA ASP A 41 0.66 -4.29 -6.20
C ASP A 41 1.00 -5.74 -5.88
N ASN A 42 1.18 -6.03 -4.60
CA ASN A 42 1.50 -7.38 -4.15
C ASN A 42 0.27 -8.11 -3.62
N ASN A 43 -0.84 -7.37 -3.47
CA ASN A 43 -2.11 -7.94 -3.01
C ASN A 43 -2.22 -7.99 -1.48
N TRP A 44 -1.60 -7.02 -0.80
CA TRP A 44 -1.69 -6.96 0.65
C TRP A 44 -1.07 -8.16 1.35
N ASP A 45 -0.05 -8.75 0.75
CA ASP A 45 0.63 -9.87 1.38
C ASP A 45 1.19 -9.39 2.69
N TYR A 46 1.69 -8.15 2.66
CA TYR A 46 2.27 -7.46 3.80
C TYR A 46 3.76 -7.68 3.90
N THR A 47 4.17 -8.88 3.56
CA THR A 47 5.58 -9.23 3.61
C THR A 47 6.25 -8.98 2.26
N ARG A 48 5.68 -9.57 1.22
CA ARG A 48 6.20 -9.41 -0.13
C ARG A 48 5.92 -7.99 -0.63
N SER A 49 4.94 -7.33 -0.02
CA SER A 49 4.60 -5.97 -0.39
C SER A 49 5.68 -5.03 0.13
N ALA A 50 5.70 -4.83 1.44
CA ALA A 50 6.70 -3.97 2.05
C ALA A 50 8.10 -4.36 1.62
N GLN A 51 8.29 -5.60 1.17
CA GLN A 51 9.60 -6.05 0.74
C GLN A 51 10.00 -5.36 -0.56
N ALA A 52 9.07 -5.31 -1.50
CA ALA A 52 9.31 -4.65 -2.78
C ALA A 52 9.27 -3.13 -2.61
N PHE A 53 8.64 -2.68 -1.54
CA PHE A 53 8.52 -1.28 -1.25
C PHE A 53 9.86 -0.72 -0.80
N THR A 54 10.57 -1.48 0.03
CA THR A 54 11.86 -1.04 0.53
C THR A 54 12.81 -0.74 -0.62
N HIS A 55 12.86 -1.65 -1.58
CA HIS A 55 13.72 -1.48 -2.75
C HIS A 55 13.30 -0.24 -3.53
N LEU A 56 12.02 0.11 -3.41
CA LEU A 56 11.47 1.26 -4.11
C LEU A 56 11.75 2.57 -3.37
N LYS A 57 12.00 2.49 -2.06
CA LYS A 57 12.27 3.69 -1.26
C LYS A 57 13.47 4.46 -1.79
N ALA A 58 14.49 3.74 -2.22
CA ALA A 58 15.70 4.36 -2.74
C ALA A 58 15.88 4.12 -4.23
N LYS A 59 15.53 2.92 -4.69
CA LYS A 59 15.65 2.57 -6.09
C LYS A 59 14.49 3.12 -6.90
N GLY A 60 13.30 3.06 -6.32
CA GLY A 60 12.10 3.54 -6.98
C GLY A 60 11.94 5.05 -6.87
N GLU A 61 10.73 5.49 -6.55
CA GLU A 61 10.44 6.90 -6.42
C GLU A 61 9.46 7.17 -5.28
N ILE A 62 9.99 7.20 -4.05
CA ILE A 62 9.16 7.45 -2.87
C ILE A 62 9.34 8.89 -2.39
N PRO A 63 8.38 9.78 -2.69
CA PRO A 63 8.46 11.16 -2.25
C PRO A 63 8.67 11.21 -0.74
N GLU A 64 9.53 12.11 -0.29
CA GLU A 64 9.83 12.23 1.13
C GLU A 64 8.55 12.40 1.95
N VAL A 65 7.62 13.23 1.44
CA VAL A 65 6.33 13.49 2.09
C VAL A 65 5.83 12.25 2.83
N ALA A 66 6.10 11.09 2.27
CA ALA A 66 5.69 9.82 2.88
C ALA A 66 6.35 9.63 4.24
N PHE A 67 7.66 9.40 4.23
CA PHE A 67 8.41 9.20 5.47
C PHE A 67 8.19 10.35 6.44
N MET A 68 8.51 11.55 5.99
CA MET A 68 8.34 12.75 6.82
C MET A 68 8.46 14.00 5.96
N LYS A 69 7.87 15.09 6.45
CA LYS A 69 7.91 16.36 5.72
C LYS A 69 7.19 17.46 6.50
N PRO A 1 -24.46 -22.74 -9.58
CA PRO A 1 -24.89 -22.23 -10.91
C PRO A 1 -25.04 -20.71 -10.93
N ALA A 2 -23.96 -20.02 -11.28
CA ALA A 2 -23.97 -18.57 -11.34
C ALA A 2 -22.59 -18.03 -11.70
N PRO A 3 -21.55 -18.41 -10.93
CA PRO A 3 -20.18 -17.95 -11.17
C PRO A 3 -19.73 -18.18 -12.60
N THR A 4 -19.68 -19.45 -13.01
CA THR A 4 -19.28 -19.79 -14.37
C THR A 4 -17.81 -19.42 -14.62
N PRO A 5 -17.08 -20.26 -15.36
CA PRO A 5 -15.67 -20.02 -15.67
C PRO A 5 -15.43 -18.63 -16.25
N SER A 6 -16.33 -18.19 -17.12
CA SER A 6 -16.23 -16.88 -17.75
C SER A 6 -16.02 -15.80 -16.69
N SER A 7 -16.99 -15.64 -15.81
CA SER A 7 -16.92 -14.65 -14.75
C SER A 7 -15.59 -14.73 -14.01
N SER A 8 -14.73 -13.75 -14.20
CA SER A 8 -13.43 -13.71 -13.55
C SER A 8 -13.49 -12.88 -12.26
N PRO A 9 -12.77 -13.33 -11.21
CA PRO A 9 -12.74 -12.62 -9.93
C PRO A 9 -11.97 -11.31 -10.00
N VAL A 10 -12.62 -10.22 -9.61
CA VAL A 10 -12.00 -8.91 -9.63
C VAL A 10 -12.38 -8.10 -8.41
N PRO A 11 -12.04 -8.60 -7.20
CA PRO A 11 -12.36 -7.91 -5.95
C PRO A 11 -11.88 -6.47 -5.94
N THR A 12 -12.12 -5.77 -4.84
CA THR A 12 -11.71 -4.38 -4.71
C THR A 12 -10.86 -4.17 -3.45
N LEU A 13 -11.50 -4.15 -2.30
CA LEU A 13 -10.79 -3.97 -1.03
C LEU A 13 -11.76 -4.04 0.14
N SER A 14 -11.21 -4.01 1.35
CA SER A 14 -12.03 -4.09 2.56
C SER A 14 -11.19 -3.68 3.78
N PRO A 15 -11.70 -3.87 5.02
CA PRO A 15 -10.97 -3.51 6.24
C PRO A 15 -9.49 -3.90 6.16
N GLU A 16 -9.18 -4.93 5.36
CA GLU A 16 -7.82 -5.41 5.17
C GLU A 16 -6.86 -4.24 5.02
N GLN A 17 -7.22 -3.39 4.09
CA GLN A 17 -6.43 -2.24 3.71
C GLN A 17 -5.96 -1.41 4.88
N GLN A 18 -6.82 -1.22 5.84
CA GLN A 18 -6.47 -0.39 6.99
C GLN A 18 -5.76 -1.20 8.05
N GLU A 19 -5.98 -2.50 8.05
CA GLU A 19 -5.34 -3.37 9.01
C GLU A 19 -3.93 -3.73 8.55
N MET A 20 -3.61 -3.44 7.29
CA MET A 20 -2.30 -3.78 6.76
C MET A 20 -1.48 -2.56 6.34
N LEU A 21 -2.06 -1.63 5.58
CA LEU A 21 -1.30 -0.46 5.13
C LEU A 21 -0.89 0.40 6.33
N GLN A 22 -1.65 0.29 7.42
CA GLN A 22 -1.33 1.05 8.63
C GLN A 22 -0.10 0.45 9.31
N ALA A 23 -0.18 -0.83 9.62
CA ALA A 23 0.92 -1.52 10.25
C ALA A 23 2.06 -1.74 9.25
N PHE A 24 1.79 -1.43 7.97
CA PHE A 24 2.78 -1.58 6.91
C PHE A 24 3.59 -0.29 6.78
N SER A 25 3.01 0.82 7.22
CA SER A 25 3.68 2.11 7.16
C SER A 25 4.91 2.08 8.05
N THR A 26 4.76 1.51 9.24
CA THR A 26 5.87 1.41 10.18
C THR A 26 6.99 0.53 9.64
N GLN A 27 6.72 -0.22 8.57
CA GLN A 27 7.72 -1.10 7.97
C GLN A 27 9.08 -0.41 7.86
N SER A 28 9.28 0.33 6.77
CA SER A 28 10.53 1.04 6.57
C SER A 28 10.35 2.54 6.81
N GLY A 29 9.28 2.91 7.50
CA GLY A 29 9.02 4.32 7.78
C GLY A 29 8.06 4.95 6.79
N MET A 30 7.51 4.15 5.87
CA MET A 30 6.59 4.67 4.86
C MET A 30 5.42 5.42 5.51
N ASN A 31 4.68 6.17 4.69
CA ASN A 31 3.54 6.93 5.17
C ASN A 31 2.29 6.05 5.25
N LEU A 32 1.14 6.68 5.51
CA LEU A 32 -0.11 5.95 5.61
C LEU A 32 -0.91 6.09 4.32
N GLU A 33 -0.21 6.24 3.20
CA GLU A 33 -0.87 6.39 1.90
C GLU A 33 -0.08 5.74 0.78
N TRP A 34 1.24 5.81 0.84
CA TRP A 34 2.08 5.19 -0.18
C TRP A 34 2.18 3.69 0.07
N SER A 35 1.92 3.28 1.31
CA SER A 35 1.95 1.88 1.69
C SER A 35 0.79 1.12 1.03
N GLN A 36 -0.29 1.84 0.73
CA GLN A 36 -1.44 1.22 0.10
C GLN A 36 -1.07 0.66 -1.27
N LYS A 37 -0.47 1.50 -2.11
CA LYS A 37 -0.07 1.07 -3.45
C LYS A 37 0.86 -0.13 -3.39
N CYS A 38 1.71 -0.16 -2.36
CA CYS A 38 2.65 -1.25 -2.18
C CYS A 38 1.92 -2.54 -1.80
N LEU A 39 0.80 -2.37 -1.10
CA LEU A 39 0.00 -3.51 -0.66
C LEU A 39 -1.16 -3.76 -1.59
N GLN A 40 -1.15 -3.15 -2.75
CA GLN A 40 -2.23 -3.33 -3.71
C GLN A 40 -1.72 -4.04 -4.96
N ASP A 41 -0.42 -3.89 -5.23
CA ASP A 41 0.20 -4.54 -6.38
C ASP A 41 0.58 -5.98 -6.02
N ASN A 42 0.86 -6.19 -4.74
CA ASN A 42 1.24 -7.51 -4.25
C ASN A 42 0.03 -8.25 -3.68
N ASN A 43 -1.08 -7.52 -3.46
CA ASN A 43 -2.32 -8.09 -2.93
C ASN A 43 -2.36 -8.11 -1.41
N TRP A 44 -1.71 -7.14 -0.78
CA TRP A 44 -1.73 -7.05 0.68
C TRP A 44 -1.09 -8.26 1.36
N ASP A 45 0.02 -8.75 0.80
CA ASP A 45 0.72 -9.86 1.41
C ASP A 45 1.18 -9.41 2.79
N TYR A 46 1.69 -8.19 2.81
CA TYR A 46 2.16 -7.54 4.03
C TYR A 46 3.61 -7.88 4.34
N THR A 47 4.11 -8.99 3.83
CA THR A 47 5.48 -9.39 4.07
C THR A 47 6.29 -9.24 2.79
N ARG A 48 5.76 -9.81 1.71
CA ARG A 48 6.41 -9.73 0.41
C ARG A 48 6.21 -8.33 -0.18
N SER A 49 5.15 -7.67 0.25
CA SER A 49 4.84 -6.32 -0.22
C SER A 49 5.91 -5.35 0.27
N ALA A 50 5.99 -5.18 1.59
CA ALA A 50 6.98 -4.29 2.18
C ALA A 50 8.36 -4.51 1.57
N GLN A 51 8.60 -5.73 1.09
CA GLN A 51 9.88 -6.05 0.47
C GLN A 51 10.12 -5.20 -0.77
N ALA A 52 9.17 -5.25 -1.69
CA ALA A 52 9.26 -4.47 -2.92
C ALA A 52 9.14 -2.98 -2.61
N PHE A 53 8.57 -2.68 -1.44
CA PHE A 53 8.38 -1.31 -0.99
C PHE A 53 9.73 -0.69 -0.62
N THR A 54 10.60 -1.49 -0.04
CA THR A 54 11.91 -0.99 0.36
C THR A 54 12.73 -0.61 -0.86
N HIS A 55 12.81 -1.52 -1.83
CA HIS A 55 13.56 -1.27 -3.05
C HIS A 55 13.01 -0.03 -3.75
N LEU A 56 11.73 0.25 -3.51
CA LEU A 56 11.06 1.40 -4.11
C LEU A 56 11.43 2.69 -3.38
N LYS A 57 11.64 2.61 -2.07
CA LYS A 57 11.99 3.77 -1.28
C LYS A 57 13.28 4.42 -1.79
N ALA A 58 14.30 3.59 -1.98
CA ALA A 58 15.59 4.08 -2.46
C ALA A 58 15.69 4.00 -3.98
N LYS A 59 14.53 3.92 -4.64
CA LYS A 59 14.49 3.85 -6.10
C LYS A 59 14.17 5.21 -6.71
N GLY A 60 12.89 5.59 -6.65
CA GLY A 60 12.47 6.86 -7.19
C GLY A 60 11.36 7.50 -6.39
N GLU A 61 10.33 6.70 -6.07
CA GLU A 61 9.20 7.21 -5.29
C GLU A 61 9.58 7.40 -3.83
N ILE A 62 8.58 7.58 -2.98
CA ILE A 62 8.80 7.78 -1.54
C ILE A 62 9.93 8.77 -1.30
N PRO A 63 9.79 9.99 -1.83
CA PRO A 63 10.83 11.03 -1.71
C PRO A 63 10.78 11.81 -0.40
N GLU A 64 10.62 11.08 0.72
CA GLU A 64 10.56 11.68 2.06
C GLU A 64 9.15 12.10 2.41
N VAL A 65 8.40 12.53 1.41
CA VAL A 65 7.02 12.91 1.61
C VAL A 65 6.28 11.77 2.28
N ALA A 66 6.73 10.55 1.96
CA ALA A 66 6.15 9.35 2.54
C ALA A 66 6.70 9.13 3.95
N PHE A 67 7.97 9.49 4.14
CA PHE A 67 8.63 9.34 5.42
C PHE A 67 8.38 10.55 6.32
N MET A 68 7.13 10.99 6.41
CA MET A 68 6.78 12.14 7.24
C MET A 68 7.76 13.28 7.05
N LYS A 69 7.84 13.79 5.82
CA LYS A 69 8.74 14.89 5.48
C LYS A 69 8.75 15.96 6.57
N PRO A 1 -19.15 5.13 -12.73
CA PRO A 1 -18.01 6.08 -12.82
C PRO A 1 -17.49 6.24 -14.25
N ALA A 2 -17.05 5.13 -14.84
CA ALA A 2 -16.54 5.14 -16.21
C ALA A 2 -17.63 5.53 -17.21
N PRO A 3 -17.23 6.09 -18.36
CA PRO A 3 -18.19 6.50 -19.40
C PRO A 3 -18.84 5.30 -20.09
N THR A 4 -18.18 4.15 -20.03
CA THR A 4 -18.70 2.94 -20.65
C THR A 4 -18.96 1.87 -19.60
N PRO A 5 -19.93 0.96 -19.87
CA PRO A 5 -20.28 -0.11 -18.93
C PRO A 5 -19.19 -1.17 -18.83
N SER A 6 -18.34 -1.23 -19.85
CA SER A 6 -17.25 -2.20 -19.87
C SER A 6 -16.06 -1.69 -19.06
N SER A 7 -16.17 -1.76 -17.74
CA SER A 7 -15.10 -1.32 -16.85
C SER A 7 -15.54 -1.38 -15.39
N SER A 8 -14.68 -0.92 -14.50
CA SER A 8 -14.99 -0.92 -13.07
C SER A 8 -14.99 -2.34 -12.52
N PRO A 9 -13.85 -2.80 -11.97
CA PRO A 9 -13.72 -4.14 -11.41
C PRO A 9 -14.53 -4.32 -10.13
N VAL A 10 -15.07 -5.52 -9.93
CA VAL A 10 -15.87 -5.80 -8.74
C VAL A 10 -15.01 -5.76 -7.47
N PRO A 11 -13.84 -6.40 -7.48
CA PRO A 11 -12.94 -6.43 -6.32
C PRO A 11 -12.10 -5.16 -6.22
N THR A 12 -12.16 -4.50 -5.07
CA THR A 12 -11.40 -3.29 -4.84
C THR A 12 -10.57 -3.39 -3.56
N LEU A 13 -11.25 -3.67 -2.45
CA LEU A 13 -10.58 -3.81 -1.17
C LEU A 13 -11.59 -4.10 -0.05
N SER A 14 -11.16 -3.86 1.18
CA SER A 14 -11.99 -4.11 2.36
C SER A 14 -11.21 -3.65 3.59
N PRO A 15 -11.71 -3.93 4.81
CA PRO A 15 -11.01 -3.54 6.03
C PRO A 15 -9.55 -3.99 6.00
N GLU A 16 -9.28 -5.02 5.19
CA GLU A 16 -7.94 -5.58 5.02
C GLU A 16 -6.90 -4.47 4.92
N GLN A 17 -7.26 -3.47 4.15
CA GLN A 17 -6.40 -2.36 3.90
C GLN A 17 -5.86 -1.75 5.17
N GLN A 18 -6.75 -1.24 5.98
CA GLN A 18 -6.35 -0.59 7.21
C GLN A 18 -5.75 -1.59 8.19
N GLU A 19 -6.06 -2.87 8.00
CA GLU A 19 -5.50 -3.89 8.87
C GLU A 19 -4.00 -3.94 8.66
N MET A 20 -3.57 -3.62 7.44
CA MET A 20 -2.16 -3.63 7.10
C MET A 20 -1.56 -2.24 7.05
N LEU A 21 -2.02 -1.43 6.10
CA LEU A 21 -1.54 -0.06 5.88
C LEU A 21 -0.96 0.58 7.14
N GLN A 22 -1.61 0.37 8.28
CA GLN A 22 -1.15 0.94 9.53
C GLN A 22 0.23 0.39 9.90
N ALA A 23 0.30 -0.92 10.06
CA ALA A 23 1.56 -1.58 10.41
C ALA A 23 2.54 -1.59 9.23
N PHE A 24 2.05 -1.23 8.04
CA PHE A 24 2.87 -1.20 6.85
C PHE A 24 3.52 0.17 6.68
N SER A 25 2.91 1.19 7.26
CA SER A 25 3.44 2.53 7.19
C SER A 25 4.80 2.56 7.88
N THR A 26 4.84 1.97 9.07
CA THR A 26 6.07 1.88 9.84
C THR A 26 6.97 0.75 9.32
N GLN A 27 6.47 -0.01 8.34
CA GLN A 27 7.23 -1.12 7.77
C GLN A 27 8.66 -0.69 7.47
N SER A 28 8.82 0.16 6.46
CA SER A 28 10.14 0.67 6.12
C SER A 28 10.16 2.19 6.22
N GLY A 29 9.27 2.72 7.06
CA GLY A 29 9.19 4.15 7.27
C GLY A 29 8.18 4.84 6.38
N MET A 30 7.41 4.07 5.61
CA MET A 30 6.42 4.66 4.72
C MET A 30 5.30 5.34 5.48
N ASN A 31 4.33 5.87 4.75
CA ASN A 31 3.19 6.55 5.36
C ASN A 31 1.99 5.62 5.46
N LEU A 32 0.80 6.20 5.66
CA LEU A 32 -0.42 5.41 5.77
C LEU A 32 -1.30 5.56 4.52
N GLU A 33 -0.77 6.20 3.48
CA GLU A 33 -1.53 6.39 2.25
C GLU A 33 -0.79 5.88 1.02
N TRP A 34 0.54 5.91 1.07
CA TRP A 34 1.33 5.42 -0.05
C TRP A 34 1.53 3.92 0.11
N SER A 35 1.60 3.50 1.37
CA SER A 35 1.78 2.10 1.70
C SER A 35 0.62 1.28 1.12
N GLN A 36 -0.55 1.91 0.95
CA GLN A 36 -1.71 1.23 0.39
C GLN A 36 -1.38 0.66 -0.98
N LYS A 37 -0.82 1.50 -1.85
CA LYS A 37 -0.45 1.07 -3.19
C LYS A 37 0.58 -0.05 -3.13
N CYS A 38 1.42 -0.01 -2.10
CA CYS A 38 2.43 -1.02 -1.90
C CYS A 38 1.80 -2.35 -1.53
N LEU A 39 0.64 -2.27 -0.88
CA LEU A 39 -0.09 -3.45 -0.44
C LEU A 39 -1.27 -3.75 -1.36
N GLN A 40 -1.27 -3.17 -2.54
CA GLN A 40 -2.33 -3.40 -3.49
C GLN A 40 -1.81 -4.15 -4.70
N ASP A 41 -0.52 -3.99 -4.99
CA ASP A 41 0.11 -4.68 -6.10
C ASP A 41 0.50 -6.09 -5.67
N ASN A 42 0.72 -6.26 -4.37
CA ASN A 42 1.09 -7.56 -3.82
C ASN A 42 -0.08 -8.18 -3.05
N ASN A 43 -1.28 -7.68 -3.33
CA ASN A 43 -2.51 -8.18 -2.70
C ASN A 43 -2.45 -8.21 -1.17
N TRP A 44 -1.83 -7.20 -0.56
CA TRP A 44 -1.78 -7.12 0.89
C TRP A 44 -1.12 -8.34 1.51
N ASP A 45 0.07 -8.67 1.03
CA ASP A 45 0.82 -9.79 1.60
C ASP A 45 1.46 -9.31 2.89
N TYR A 46 1.85 -8.04 2.87
CA TYR A 46 2.44 -7.35 4.01
C TYR A 46 3.94 -7.51 4.07
N THR A 47 4.46 -8.55 3.45
CA THR A 47 5.90 -8.79 3.47
C THR A 47 6.48 -8.60 2.08
N ARG A 48 5.81 -9.17 1.09
CA ARG A 48 6.25 -9.06 -0.29
C ARG A 48 5.97 -7.64 -0.81
N SER A 49 4.96 -7.00 -0.24
CA SER A 49 4.61 -5.64 -0.63
C SER A 49 5.68 -4.67 -0.16
N ALA A 50 5.85 -4.57 1.15
CA ALA A 50 6.85 -3.68 1.72
C ALA A 50 8.25 -4.05 1.26
N GLN A 51 8.43 -5.31 0.86
CA GLN A 51 9.74 -5.76 0.38
C GLN A 51 10.04 -5.16 -0.98
N ALA A 52 8.99 -4.95 -1.76
CA ALA A 52 9.12 -4.36 -3.07
C ALA A 52 9.12 -2.83 -2.96
N PHE A 53 8.56 -2.34 -1.85
CA PHE A 53 8.49 -0.91 -1.61
C PHE A 53 9.89 -0.38 -1.26
N THR A 54 10.64 -1.16 -0.48
CA THR A 54 11.97 -0.73 -0.08
C THR A 54 12.85 -0.53 -1.30
N HIS A 55 12.83 -1.49 -2.21
CA HIS A 55 13.61 -1.38 -3.44
C HIS A 55 13.28 -0.07 -4.14
N LEU A 56 12.07 0.42 -3.89
CA LEU A 56 11.61 1.68 -4.48
C LEU A 56 12.20 2.89 -3.76
N LYS A 57 12.31 2.81 -2.43
CA LYS A 57 12.89 3.93 -1.67
C LYS A 57 14.40 3.80 -1.57
N ALA A 58 14.96 2.75 -2.16
CA ALA A 58 16.39 2.52 -2.15
C ALA A 58 16.98 2.74 -3.54
N LYS A 59 16.15 2.56 -4.56
CA LYS A 59 16.58 2.73 -5.94
C LYS A 59 15.54 3.53 -6.73
N GLY A 60 14.27 3.18 -6.54
CA GLY A 60 13.20 3.87 -7.23
C GLY A 60 13.13 5.34 -6.87
N GLU A 61 12.09 5.72 -6.12
CA GLU A 61 11.92 7.11 -5.70
C GLU A 61 10.72 7.27 -4.76
N ILE A 62 10.94 8.00 -3.66
CA ILE A 62 9.89 8.24 -2.68
C ILE A 62 10.12 9.59 -2.01
N PRO A 63 9.07 10.40 -1.86
CA PRO A 63 9.16 11.70 -1.21
C PRO A 63 8.98 11.57 0.29
N GLU A 64 9.53 12.51 1.03
CA GLU A 64 9.45 12.51 2.49
C GLU A 64 8.02 12.56 2.99
N VAL A 65 7.13 13.14 2.20
CA VAL A 65 5.72 13.24 2.59
C VAL A 65 5.21 11.89 3.05
N ALA A 66 5.80 10.84 2.48
CA ALA A 66 5.45 9.47 2.81
C ALA A 66 6.09 9.05 4.13
N PHE A 67 7.35 9.46 4.32
CA PHE A 67 8.10 9.13 5.53
C PHE A 67 7.82 10.14 6.64
N MET A 68 6.54 10.42 6.89
CA MET A 68 6.15 11.37 7.92
C MET A 68 6.77 12.75 7.66
N LYS A 69 5.95 13.66 7.13
CA LYS A 69 6.43 15.00 6.83
C LYS A 69 5.55 16.05 7.51
N PRO A 1 -32.23 -20.03 -1.92
CA PRO A 1 -31.24 -19.79 -0.82
C PRO A 1 -30.15 -18.80 -1.22
N ALA A 2 -29.45 -19.11 -2.32
CA ALA A 2 -28.39 -18.25 -2.82
C ALA A 2 -28.53 -17.99 -4.31
N PRO A 3 -29.37 -17.00 -4.69
CA PRO A 3 -29.59 -16.65 -6.09
C PRO A 3 -28.37 -16.00 -6.74
N THR A 4 -27.50 -15.44 -5.91
CA THR A 4 -26.29 -14.79 -6.39
C THR A 4 -25.22 -14.73 -5.30
N PRO A 5 -24.33 -15.74 -5.26
CA PRO A 5 -23.26 -15.80 -4.25
C PRO A 5 -22.46 -14.50 -4.20
N SER A 6 -21.80 -14.17 -5.30
CA SER A 6 -21.00 -12.96 -5.38
C SER A 6 -19.97 -12.91 -4.25
N SER A 7 -18.84 -13.59 -4.46
CA SER A 7 -17.77 -13.63 -3.46
C SER A 7 -16.80 -12.48 -3.66
N SER A 8 -16.11 -12.48 -4.80
CA SER A 8 -15.14 -11.43 -5.11
C SER A 8 -14.17 -11.24 -3.96
N PRO A 9 -13.30 -12.24 -3.70
CA PRO A 9 -12.32 -12.17 -2.62
C PRO A 9 -11.21 -11.18 -2.92
N VAL A 10 -10.67 -11.24 -4.13
CA VAL A 10 -9.59 -10.35 -4.54
C VAL A 10 -10.14 -9.04 -5.09
N PRO A 11 -11.14 -9.10 -5.99
CA PRO A 11 -11.75 -7.90 -6.57
C PRO A 11 -12.08 -6.84 -5.53
N THR A 12 -11.78 -5.59 -5.84
CA THR A 12 -12.05 -4.48 -4.94
C THR A 12 -11.34 -4.69 -3.61
N LEU A 13 -11.12 -3.60 -2.89
CA LEU A 13 -10.44 -3.65 -1.59
C LEU A 13 -11.45 -3.83 -0.46
N SER A 14 -10.95 -4.12 0.73
CA SER A 14 -11.79 -4.33 1.91
C SER A 14 -11.03 -3.88 3.15
N PRO A 15 -11.54 -4.15 4.36
CA PRO A 15 -10.87 -3.76 5.60
C PRO A 15 -9.38 -4.15 5.59
N GLU A 16 -9.04 -5.17 4.80
CA GLU A 16 -7.67 -5.65 4.66
C GLU A 16 -6.68 -4.50 4.61
N GLN A 17 -7.14 -3.41 4.05
CA GLN A 17 -6.34 -2.23 3.88
C GLN A 17 -5.84 -1.68 5.18
N GLN A 18 -6.74 -1.25 6.00
CA GLN A 18 -6.35 -0.68 7.28
C GLN A 18 -5.76 -1.74 8.20
N GLU A 19 -6.06 -3.00 7.92
CA GLU A 19 -5.51 -4.07 8.72
C GLU A 19 -4.00 -4.09 8.53
N MET A 20 -3.58 -3.76 7.31
CA MET A 20 -2.18 -3.75 6.95
C MET A 20 -1.58 -2.35 6.98
N LEU A 21 -2.03 -1.50 6.05
CA LEU A 21 -1.55 -0.12 5.90
C LEU A 21 -1.03 0.48 7.19
N GLN A 22 -1.71 0.23 8.30
CA GLN A 22 -1.28 0.76 9.58
C GLN A 22 0.05 0.14 10.00
N ALA A 23 0.08 -1.18 10.11
CA ALA A 23 1.29 -1.88 10.50
C ALA A 23 2.31 -1.95 9.35
N PHE A 24 1.92 -1.44 8.17
CA PHE A 24 2.81 -1.44 7.02
C PHE A 24 3.52 -0.09 6.88
N SER A 25 2.88 0.96 7.42
CA SER A 25 3.45 2.29 7.36
C SER A 25 4.73 2.35 8.17
N THR A 26 4.71 1.71 9.34
CA THR A 26 5.88 1.68 10.21
C THR A 26 6.99 0.79 9.63
N GLN A 27 6.71 0.10 8.52
CA GLN A 27 7.69 -0.78 7.89
C GLN A 27 9.05 -0.10 7.78
N SER A 28 9.31 0.57 6.66
CA SER A 28 10.58 1.26 6.48
C SER A 28 10.47 2.72 6.92
N GLY A 29 9.31 3.12 7.44
CA GLY A 29 9.12 4.47 7.88
C GLY A 29 8.20 5.27 6.96
N MET A 30 7.54 4.58 6.04
CA MET A 30 6.64 5.24 5.10
C MET A 30 5.39 5.75 5.80
N ASN A 31 4.58 6.53 5.07
CA ASN A 31 3.35 7.09 5.61
C ASN A 31 2.24 6.04 5.64
N LEU A 32 1.01 6.50 5.78
CA LEU A 32 -0.14 5.60 5.82
C LEU A 32 -0.97 5.68 4.53
N GLU A 33 -0.45 6.40 3.54
CA GLU A 33 -1.16 6.55 2.26
C GLU A 33 -0.32 6.04 1.10
N TRP A 34 1.00 6.09 1.22
CA TRP A 34 1.87 5.61 0.16
C TRP A 34 2.06 4.11 0.30
N SER A 35 1.90 3.61 1.52
CA SER A 35 2.03 2.19 1.80
C SER A 35 0.89 1.43 1.15
N GLN A 36 -0.24 2.11 0.95
CA GLN A 36 -1.41 1.50 0.33
C GLN A 36 -1.06 0.97 -1.07
N LYS A 37 -0.44 1.83 -1.87
CA LYS A 37 -0.06 1.45 -3.23
C LYS A 37 0.94 0.30 -3.20
N CYS A 38 1.69 0.21 -2.10
CA CYS A 38 2.68 -0.84 -1.94
C CYS A 38 2.00 -2.15 -1.58
N LEU A 39 0.83 -2.05 -0.95
CA LEU A 39 0.08 -3.23 -0.56
C LEU A 39 -1.09 -3.51 -1.51
N GLN A 40 -1.07 -2.88 -2.67
CA GLN A 40 -2.12 -3.08 -3.64
C GLN A 40 -1.57 -3.78 -4.88
N ASP A 41 -0.27 -3.64 -5.12
CA ASP A 41 0.38 -4.28 -6.26
C ASP A 41 0.77 -5.70 -5.90
N ASN A 42 1.01 -5.94 -4.62
CA ASN A 42 1.39 -7.26 -4.13
C ASN A 42 0.19 -8.02 -3.56
N ASN A 43 -0.95 -7.33 -3.42
CA ASN A 43 -2.18 -7.93 -2.91
C ASN A 43 -2.24 -7.95 -1.39
N TRP A 44 -1.64 -6.96 -0.73
CA TRP A 44 -1.68 -6.89 0.72
C TRP A 44 -1.05 -8.10 1.38
N ASP A 45 -0.06 -8.70 0.74
CA ASP A 45 0.62 -9.85 1.34
C ASP A 45 1.16 -9.44 2.68
N TYR A 46 1.63 -8.20 2.72
CA TYR A 46 2.16 -7.57 3.92
C TYR A 46 3.61 -7.92 4.19
N THR A 47 4.10 -8.99 3.58
CA THR A 47 5.48 -9.40 3.77
C THR A 47 6.24 -9.21 2.47
N ARG A 48 5.69 -9.75 1.40
CA ARG A 48 6.30 -9.62 0.08
C ARG A 48 6.04 -8.21 -0.46
N SER A 49 5.00 -7.56 0.07
CA SER A 49 4.66 -6.22 -0.36
C SER A 49 5.72 -5.25 0.15
N ALA A 50 5.75 -5.05 1.45
CA ALA A 50 6.74 -4.16 2.06
C ALA A 50 8.15 -4.47 1.54
N GLN A 51 8.36 -5.71 1.11
CA GLN A 51 9.67 -6.10 0.59
C GLN A 51 9.97 -5.34 -0.70
N ALA A 52 9.03 -5.34 -1.61
CA ALA A 52 9.19 -4.62 -2.88
C ALA A 52 9.14 -3.13 -2.65
N PHE A 53 8.55 -2.73 -1.52
CA PHE A 53 8.42 -1.32 -1.18
C PHE A 53 9.79 -0.76 -0.79
N THR A 54 10.57 -1.56 -0.07
CA THR A 54 11.89 -1.13 0.36
C THR A 54 12.78 -0.81 -0.83
N HIS A 55 12.81 -1.72 -1.79
CA HIS A 55 13.63 -1.53 -2.98
C HIS A 55 13.24 -0.23 -3.69
N LEU A 56 11.98 0.16 -3.51
CA LEU A 56 11.46 1.38 -4.13
C LEU A 56 11.85 2.63 -3.34
N LYS A 57 11.98 2.50 -2.02
CA LYS A 57 12.34 3.64 -1.17
C LYS A 57 13.58 4.33 -1.71
N ALA A 58 14.40 3.60 -2.44
CA ALA A 58 15.63 4.15 -3.00
C ALA A 58 15.60 4.18 -4.53
N LYS A 59 15.42 3.01 -5.14
CA LYS A 59 15.39 2.90 -6.59
C LYS A 59 14.14 3.57 -7.17
N GLY A 60 13.03 3.41 -6.47
CA GLY A 60 11.78 3.99 -6.92
C GLY A 60 11.80 5.50 -6.90
N GLU A 61 10.82 6.10 -6.23
CA GLU A 61 10.73 7.56 -6.14
C GLU A 61 9.95 7.98 -4.89
N ILE A 62 9.91 7.10 -3.90
CA ILE A 62 9.20 7.38 -2.65
C ILE A 62 9.53 8.79 -2.13
N PRO A 63 8.63 9.75 -2.35
CA PRO A 63 8.83 11.11 -1.86
C PRO A 63 9.02 11.12 -0.35
N GLU A 64 9.73 12.11 0.16
CA GLU A 64 9.98 12.21 1.59
C GLU A 64 8.70 12.41 2.37
N VAL A 65 7.69 13.02 1.75
CA VAL A 65 6.40 13.24 2.40
C VAL A 65 5.90 11.94 3.00
N ALA A 66 6.31 10.83 2.40
CA ALA A 66 5.94 9.51 2.85
C ALA A 66 6.60 9.20 4.20
N PHE A 67 7.89 9.48 4.29
CA PHE A 67 8.65 9.23 5.52
C PHE A 67 8.55 10.44 6.45
N MET A 68 7.34 10.93 6.68
CA MET A 68 7.12 12.07 7.56
C MET A 68 7.95 13.27 7.09
N LYS A 69 7.27 14.26 6.51
CA LYS A 69 7.95 15.46 6.02
C LYS A 69 7.36 16.71 6.67
N PRO A 1 -18.74 -20.29 -12.31
CA PRO A 1 -17.76 -21.37 -11.96
C PRO A 1 -18.15 -22.11 -10.68
N ALA A 2 -18.44 -21.36 -9.62
CA ALA A 2 -18.82 -21.93 -8.34
C ALA A 2 -19.09 -20.85 -7.31
N PRO A 3 -18.08 -20.02 -6.99
CA PRO A 3 -18.22 -18.94 -6.01
C PRO A 3 -19.11 -17.81 -6.51
N THR A 4 -18.94 -17.46 -7.79
CA THR A 4 -19.72 -16.38 -8.40
C THR A 4 -19.41 -15.04 -7.75
N PRO A 5 -18.41 -14.32 -8.27
CA PRO A 5 -18.02 -13.01 -7.73
C PRO A 5 -19.08 -11.93 -8.01
N SER A 6 -19.91 -12.17 -9.00
CA SER A 6 -20.97 -11.23 -9.36
C SER A 6 -20.37 -9.97 -9.98
N SER A 7 -21.23 -9.18 -10.63
CA SER A 7 -20.79 -7.94 -11.27
C SER A 7 -19.97 -7.09 -10.31
N SER A 8 -18.87 -6.55 -10.80
CA SER A 8 -17.99 -5.71 -10.00
C SER A 8 -16.74 -5.31 -10.77
N PRO A 9 -16.18 -4.12 -10.49
CA PRO A 9 -14.99 -3.62 -11.16
C PRO A 9 -13.74 -4.39 -10.77
N VAL A 10 -12.72 -4.35 -11.62
CA VAL A 10 -11.47 -5.05 -11.37
C VAL A 10 -10.94 -4.74 -9.96
N PRO A 11 -10.71 -3.45 -9.65
CA PRO A 11 -10.19 -3.06 -8.33
C PRO A 11 -11.15 -3.43 -7.20
N THR A 12 -10.60 -4.00 -6.13
CA THR A 12 -11.40 -4.41 -4.99
C THR A 12 -10.57 -4.43 -3.71
N LEU A 13 -11.22 -4.19 -2.57
CA LEU A 13 -10.53 -4.17 -1.29
C LEU A 13 -11.49 -4.54 -0.16
N SER A 14 -11.14 -4.14 1.06
CA SER A 14 -11.93 -4.43 2.24
C SER A 14 -11.16 -3.97 3.48
N PRO A 15 -11.62 -4.31 4.70
CA PRO A 15 -10.92 -3.92 5.92
C PRO A 15 -9.42 -4.23 5.84
N GLU A 16 -9.07 -5.19 4.99
CA GLU A 16 -7.68 -5.60 4.78
C GLU A 16 -6.76 -4.40 4.70
N GLN A 17 -7.19 -3.44 3.92
CA GLN A 17 -6.43 -2.25 3.66
C GLN A 17 -5.93 -1.55 4.92
N GLN A 18 -6.80 -1.42 5.88
CA GLN A 18 -6.44 -0.73 7.11
C GLN A 18 -5.70 -1.66 8.06
N GLU A 19 -5.97 -2.95 7.94
CA GLU A 19 -5.31 -3.92 8.78
C GLU A 19 -3.83 -3.93 8.47
N MET A 20 -3.50 -3.63 7.21
CA MET A 20 -2.12 -3.62 6.77
C MET A 20 -1.52 -2.23 6.77
N LEU A 21 -2.07 -1.36 5.92
CA LEU A 21 -1.58 0.02 5.78
C LEU A 21 -0.97 0.59 7.05
N GLN A 22 -1.72 0.56 8.14
CA GLN A 22 -1.23 1.10 9.40
C GLN A 22 0.03 0.37 9.85
N ALA A 23 -0.02 -0.96 9.84
CA ALA A 23 1.12 -1.76 10.25
C ALA A 23 2.14 -1.90 9.13
N PHE A 24 1.86 -1.30 7.97
CA PHE A 24 2.77 -1.36 6.83
C PHE A 24 3.61 -0.09 6.74
N SER A 25 3.08 0.99 7.29
CA SER A 25 3.78 2.27 7.27
C SER A 25 5.03 2.17 8.14
N THR A 26 4.88 1.53 9.29
CA THR A 26 5.99 1.36 10.23
C THR A 26 7.12 0.54 9.60
N GLN A 27 6.84 -0.13 8.48
CA GLN A 27 7.85 -0.95 7.82
C GLN A 27 9.15 -0.16 7.63
N SER A 28 9.29 0.52 6.50
CA SER A 28 10.49 1.30 6.26
C SER A 28 10.29 2.75 6.70
N GLY A 29 9.24 3.00 7.48
CA GLY A 29 8.96 4.34 7.95
C GLY A 29 7.99 5.10 7.05
N MET A 30 7.40 4.40 6.08
CA MET A 30 6.46 5.04 5.15
C MET A 30 5.38 5.82 5.87
N ASN A 31 4.42 6.33 5.10
CA ASN A 31 3.31 7.09 5.65
C ASN A 31 2.08 6.21 5.79
N LEU A 32 0.92 6.85 5.93
CA LEU A 32 -0.33 6.12 6.06
C LEU A 32 -1.18 6.30 4.81
N GLU A 33 -0.52 6.35 3.65
CA GLU A 33 -1.22 6.54 2.38
C GLU A 33 -0.41 6.04 1.19
N TRP A 34 0.91 6.18 1.24
CA TRP A 34 1.75 5.72 0.14
C TRP A 34 1.95 4.21 0.25
N SER A 35 1.87 3.71 1.49
CA SER A 35 2.02 2.30 1.74
C SER A 35 0.91 1.51 1.05
N GLN A 36 -0.23 2.15 0.85
CA GLN A 36 -1.37 1.51 0.20
C GLN A 36 -0.97 1.00 -1.18
N LYS A 37 -0.30 1.83 -1.96
CA LYS A 37 0.14 1.44 -3.29
C LYS A 37 1.12 0.28 -3.20
N CYS A 38 1.81 0.18 -2.08
CA CYS A 38 2.78 -0.89 -1.85
C CYS A 38 2.05 -2.20 -1.53
N LEU A 39 0.86 -2.07 -0.95
CA LEU A 39 0.06 -3.22 -0.58
C LEU A 39 -1.08 -3.47 -1.55
N GLN A 40 -1.02 -2.83 -2.70
CA GLN A 40 -2.07 -3.01 -3.69
C GLN A 40 -1.52 -3.69 -4.94
N ASP A 41 -0.21 -3.55 -5.17
CA ASP A 41 0.43 -4.17 -6.31
C ASP A 41 0.81 -5.61 -5.98
N ASN A 42 1.04 -5.87 -4.69
CA ASN A 42 1.40 -7.20 -4.23
C ASN A 42 0.18 -7.94 -3.66
N ASN A 43 -0.93 -7.23 -3.49
CA ASN A 43 -2.17 -7.80 -2.98
C ASN A 43 -2.22 -7.84 -1.45
N TRP A 44 -1.60 -6.87 -0.80
CA TRP A 44 -1.63 -6.80 0.65
C TRP A 44 -1.00 -8.02 1.30
N ASP A 45 0.03 -8.59 0.68
CA ASP A 45 0.71 -9.72 1.28
C ASP A 45 1.19 -9.32 2.65
N TYR A 46 1.64 -8.07 2.71
CA TYR A 46 2.11 -7.45 3.95
C TYR A 46 3.54 -7.81 4.30
N THR A 47 4.06 -8.87 3.71
CA THR A 47 5.42 -9.30 3.97
C THR A 47 6.24 -9.23 2.69
N ARG A 48 5.65 -9.76 1.62
CA ARG A 48 6.30 -9.74 0.31
C ARG A 48 6.09 -8.38 -0.34
N SER A 49 5.03 -7.69 0.06
CA SER A 49 4.74 -6.37 -0.47
C SER A 49 5.78 -5.38 0.03
N ALA A 50 5.75 -5.10 1.34
CA ALA A 50 6.72 -4.19 1.92
C ALA A 50 8.14 -4.54 1.50
N GLN A 51 8.37 -5.79 1.14
CA GLN A 51 9.71 -6.21 0.71
C GLN A 51 10.09 -5.50 -0.58
N ALA A 52 9.18 -5.55 -1.56
CA ALA A 52 9.41 -4.89 -2.83
C ALA A 52 9.34 -3.38 -2.69
N PHE A 53 8.67 -2.93 -1.63
CA PHE A 53 8.52 -1.51 -1.35
C PHE A 53 9.87 -0.92 -0.94
N THR A 54 10.61 -1.68 -0.13
CA THR A 54 11.90 -1.21 0.34
C THR A 54 12.82 -0.89 -0.83
N HIS A 55 12.89 -1.81 -1.79
CA HIS A 55 13.73 -1.61 -2.97
C HIS A 55 13.26 -0.37 -3.73
N LEU A 56 11.99 -0.03 -3.56
CA LEU A 56 11.40 1.12 -4.24
C LEU A 56 11.71 2.43 -3.52
N LYS A 57 11.96 2.37 -2.21
CA LYS A 57 12.26 3.58 -1.44
C LYS A 57 13.50 4.27 -1.98
N ALA A 58 14.43 3.48 -2.50
CA ALA A 58 15.68 4.02 -3.05
C ALA A 58 15.65 4.05 -4.57
N LYS A 59 15.35 2.90 -5.17
CA LYS A 59 15.30 2.79 -6.63
C LYS A 59 14.07 3.50 -7.18
N GLY A 60 12.93 3.26 -6.54
CA GLY A 60 11.69 3.89 -6.97
C GLY A 60 11.77 5.40 -6.99
N GLU A 61 11.00 6.04 -6.11
CA GLU A 61 11.00 7.50 -6.04
C GLU A 61 10.17 7.99 -4.86
N ILE A 62 10.15 7.21 -3.78
CA ILE A 62 9.40 7.59 -2.58
C ILE A 62 9.83 8.97 -2.10
N PRO A 63 8.91 9.94 -2.05
CA PRO A 63 9.23 11.27 -1.58
C PRO A 63 9.15 11.33 -0.05
N GLU A 64 9.87 12.26 0.54
CA GLU A 64 9.91 12.40 1.99
C GLU A 64 8.53 12.65 2.58
N VAL A 65 7.65 13.31 1.83
CA VAL A 65 6.30 13.59 2.30
C VAL A 65 5.68 12.35 2.95
N ALA A 66 6.11 11.19 2.47
CA ALA A 66 5.64 9.91 2.97
C ALA A 66 6.25 9.60 4.34
N PHE A 67 7.54 9.25 4.34
CA PHE A 67 8.24 8.89 5.56
C PHE A 67 7.95 9.88 6.68
N MET A 68 8.29 11.14 6.47
CA MET A 68 8.05 12.18 7.48
C MET A 68 7.90 13.55 6.85
N LYS A 69 9.02 14.20 6.55
CA LYS A 69 9.01 15.53 5.94
C LYS A 69 8.45 16.56 6.92
N PRO A 1 -15.20 21.04 -3.44
CA PRO A 1 -14.57 21.78 -4.57
C PRO A 1 -15.56 22.11 -5.68
N ALA A 2 -15.98 21.09 -6.43
CA ALA A 2 -16.93 21.28 -7.51
C ALA A 2 -18.02 20.22 -7.48
N PRO A 3 -19.27 20.59 -7.83
CA PRO A 3 -20.40 19.67 -7.84
C PRO A 3 -20.10 18.40 -8.62
N THR A 4 -20.75 17.30 -8.23
CA THR A 4 -20.56 16.02 -8.90
C THR A 4 -21.89 15.32 -9.13
N PRO A 5 -22.05 14.64 -10.28
CA PRO A 5 -23.29 13.93 -10.62
C PRO A 5 -23.62 12.85 -9.59
N SER A 6 -22.93 11.72 -9.69
CA SER A 6 -23.16 10.61 -8.76
C SER A 6 -21.85 9.92 -8.39
N SER A 7 -21.95 8.70 -7.88
CA SER A 7 -20.77 7.94 -7.49
C SER A 7 -20.95 6.46 -7.78
N SER A 8 -19.98 5.86 -8.46
CA SER A 8 -20.03 4.44 -8.80
C SER A 8 -18.85 3.69 -8.21
N PRO A 9 -18.99 3.19 -6.97
CA PRO A 9 -17.92 2.45 -6.29
C PRO A 9 -17.67 1.08 -6.92
N VAL A 10 -16.71 0.35 -6.39
CA VAL A 10 -16.37 -0.97 -6.89
C VAL A 10 -15.80 -1.86 -5.79
N PRO A 11 -16.66 -2.69 -5.15
CA PRO A 11 -16.24 -3.58 -4.08
C PRO A 11 -15.04 -4.44 -4.48
N THR A 12 -14.15 -4.69 -3.52
CA THR A 12 -12.96 -5.50 -3.77
C THR A 12 -12.07 -5.55 -2.54
N LEU A 13 -12.01 -4.44 -1.81
CA LEU A 13 -11.20 -4.37 -0.61
C LEU A 13 -12.05 -4.56 0.64
N SER A 14 -11.38 -4.73 1.78
CA SER A 14 -12.06 -4.95 3.06
C SER A 14 -11.21 -4.37 4.18
N PRO A 15 -11.55 -4.62 5.45
CA PRO A 15 -10.78 -4.11 6.59
C PRO A 15 -9.28 -4.36 6.41
N GLU A 16 -8.94 -5.39 5.64
CA GLU A 16 -7.56 -5.76 5.35
C GLU A 16 -6.68 -4.53 5.13
N GLN A 17 -7.30 -3.52 4.59
CA GLN A 17 -6.62 -2.29 4.25
C GLN A 17 -6.00 -1.62 5.44
N GLN A 18 -6.79 -1.36 6.45
CA GLN A 18 -6.28 -0.69 7.63
C GLN A 18 -5.52 -1.64 8.53
N GLU A 19 -5.80 -2.93 8.38
CA GLU A 19 -5.10 -3.92 9.17
C GLU A 19 -3.65 -4.00 8.72
N MET A 20 -3.41 -3.65 7.46
CA MET A 20 -2.07 -3.70 6.91
C MET A 20 -1.44 -2.31 6.81
N LEU A 21 -2.03 -1.45 5.99
CA LEU A 21 -1.53 -0.07 5.77
C LEU A 21 -0.80 0.49 6.99
N GLN A 22 -1.43 0.45 8.15
CA GLN A 22 -0.83 0.97 9.36
C GLN A 22 0.50 0.30 9.67
N ALA A 23 0.50 -1.02 9.71
CA ALA A 23 1.71 -1.77 10.01
C ALA A 23 2.67 -1.81 8.82
N PHE A 24 2.22 -1.34 7.67
CA PHE A 24 3.05 -1.32 6.47
C PHE A 24 3.84 -0.02 6.41
N SER A 25 3.29 1.04 7.00
CA SER A 25 3.95 2.32 7.02
C SER A 25 5.27 2.24 7.78
N THR A 26 5.26 1.50 8.89
CA THR A 26 6.46 1.34 9.71
C THR A 26 7.61 0.74 8.91
N GLN A 27 7.29 0.10 7.78
CA GLN A 27 8.31 -0.52 6.93
C GLN A 27 9.54 0.40 6.75
N SER A 28 9.57 1.16 5.66
CA SER A 28 10.69 2.07 5.42
C SER A 28 10.45 3.42 6.07
N GLY A 29 9.29 3.59 6.70
CA GLY A 29 8.97 4.85 7.34
C GLY A 29 7.95 5.66 6.55
N MET A 30 7.43 5.08 5.47
CA MET A 30 6.44 5.76 4.62
C MET A 30 5.24 6.24 5.44
N ASN A 31 4.17 6.62 4.74
CA ASN A 31 2.96 7.09 5.38
C ASN A 31 1.81 6.12 5.11
N LEU A 32 0.70 6.34 5.80
CA LEU A 32 -0.47 5.46 5.70
C LEU A 32 -1.25 5.60 4.38
N GLU A 33 -0.74 6.39 3.44
CA GLU A 33 -1.44 6.57 2.17
C GLU A 33 -0.66 5.99 0.99
N TRP A 34 0.66 5.94 1.11
CA TRP A 34 1.47 5.37 0.05
C TRP A 34 1.65 3.88 0.26
N SER A 35 1.37 3.41 1.49
CA SER A 35 1.47 2.00 1.80
C SER A 35 0.32 1.24 1.16
N GLN A 36 -0.79 1.94 0.90
CA GLN A 36 -1.95 1.33 0.29
C GLN A 36 -1.61 0.80 -1.11
N LYS A 37 -1.04 1.68 -1.93
CA LYS A 37 -0.67 1.30 -3.29
C LYS A 37 0.28 0.11 -3.28
N CYS A 38 1.15 0.07 -2.28
CA CYS A 38 2.11 -1.02 -2.15
C CYS A 38 1.40 -2.32 -1.79
N LEU A 39 0.30 -2.20 -1.04
CA LEU A 39 -0.47 -3.36 -0.63
C LEU A 39 -1.68 -3.59 -1.52
N GLN A 40 -1.69 -2.94 -2.67
CA GLN A 40 -2.80 -3.09 -3.59
C GLN A 40 -2.33 -3.73 -4.89
N ASP A 41 -1.04 -3.62 -5.17
CA ASP A 41 -0.45 -4.21 -6.36
C ASP A 41 -0.04 -5.65 -6.07
N ASN A 42 0.29 -5.92 -4.81
CA ASN A 42 0.68 -7.25 -4.39
C ASN A 42 -0.50 -8.02 -3.79
N ASN A 43 -1.61 -7.31 -3.55
CA ASN A 43 -2.82 -7.91 -2.98
C ASN A 43 -2.77 -7.98 -1.47
N TRP A 44 -2.14 -6.99 -0.82
CA TRP A 44 -2.07 -6.96 0.63
C TRP A 44 -1.37 -8.18 1.20
N ASP A 45 -0.26 -8.57 0.58
CA ASP A 45 0.52 -9.69 1.08
C ASP A 45 1.16 -9.27 2.38
N TYR A 46 1.57 -8.00 2.40
CA TYR A 46 2.18 -7.36 3.55
C TYR A 46 3.69 -7.53 3.58
N THR A 47 4.19 -8.57 2.95
CA THR A 47 5.61 -8.83 2.93
C THR A 47 6.18 -8.59 1.54
N ARG A 48 5.56 -9.21 0.55
CA ARG A 48 6.01 -9.06 -0.84
C ARG A 48 5.83 -7.62 -1.31
N SER A 49 4.81 -6.95 -0.77
CA SER A 49 4.55 -5.57 -1.15
C SER A 49 5.62 -4.67 -0.57
N ALA A 50 5.69 -4.58 0.76
CA ALA A 50 6.69 -3.76 1.41
C ALA A 50 8.10 -4.25 1.11
N GLN A 51 8.23 -5.44 0.53
CA GLN A 51 9.54 -5.98 0.19
C GLN A 51 10.03 -5.34 -1.10
N ALA A 52 9.11 -5.15 -2.04
CA ALA A 52 9.43 -4.52 -3.31
C ALA A 52 9.48 -3.00 -3.14
N PHE A 53 8.79 -2.51 -2.10
CA PHE A 53 8.74 -1.10 -1.80
C PHE A 53 10.05 -0.66 -1.15
N THR A 54 10.58 -1.50 -0.27
CA THR A 54 11.82 -1.21 0.42
C THR A 54 12.97 -1.16 -0.56
N HIS A 55 12.98 -2.11 -1.50
CA HIS A 55 14.00 -2.14 -2.53
C HIS A 55 13.96 -0.84 -3.32
N LEU A 56 12.77 -0.21 -3.32
CA LEU A 56 12.56 1.03 -4.03
C LEU A 56 12.94 2.24 -3.18
N LYS A 57 12.88 2.10 -1.85
CA LYS A 57 13.22 3.22 -0.97
C LYS A 57 14.73 3.45 -0.93
N ALA A 58 15.48 2.35 -0.82
CA ALA A 58 16.93 2.43 -0.78
C ALA A 58 17.52 2.66 -2.17
N LYS A 59 16.75 2.32 -3.21
CA LYS A 59 17.20 2.49 -4.59
C LYS A 59 16.27 3.43 -5.35
N GLY A 60 15.01 3.02 -5.50
CA GLY A 60 14.04 3.83 -6.21
C GLY A 60 13.82 5.18 -5.56
N GLU A 61 12.56 5.57 -5.37
CA GLU A 61 12.24 6.85 -4.76
C GLU A 61 10.77 6.95 -4.37
N ILE A 62 10.49 7.83 -3.41
CA ILE A 62 9.14 8.06 -2.91
C ILE A 62 9.08 9.42 -2.23
N PRO A 63 8.02 10.20 -2.48
CA PRO A 63 7.86 11.51 -1.87
C PRO A 63 8.04 11.43 -0.35
N GLU A 64 8.85 12.31 0.19
CA GLU A 64 9.13 12.35 1.62
C GLU A 64 7.85 12.61 2.41
N VAL A 65 6.89 13.27 1.75
CA VAL A 65 5.58 13.56 2.36
C VAL A 65 5.09 12.32 3.11
N ALA A 66 5.47 11.16 2.58
CA ALA A 66 5.12 9.88 3.17
C ALA A 66 5.97 9.58 4.40
N PHE A 67 7.28 9.77 4.27
CA PHE A 67 8.22 9.53 5.36
C PHE A 67 8.41 10.79 6.20
N MET A 68 7.30 11.44 6.55
CA MET A 68 7.36 12.66 7.34
C MET A 68 8.11 13.75 6.60
N LYS A 69 7.53 14.95 6.57
CA LYS A 69 8.15 16.08 5.89
C LYS A 69 8.00 17.36 6.70
N PRO A 1 -24.40 -10.66 -16.59
CA PRO A 1 -23.48 -10.51 -15.43
C PRO A 1 -23.95 -9.43 -14.45
N ALA A 2 -24.82 -9.82 -13.53
CA ALA A 2 -25.35 -8.89 -12.53
C ALA A 2 -24.22 -8.12 -11.85
N PRO A 3 -23.22 -8.84 -11.30
CA PRO A 3 -22.08 -8.22 -10.62
C PRO A 3 -21.42 -7.14 -11.47
N THR A 4 -20.29 -6.64 -10.98
CA THR A 4 -19.54 -5.60 -11.70
C THR A 4 -18.24 -6.16 -12.26
N PRO A 5 -18.26 -6.66 -13.51
CA PRO A 5 -17.08 -7.23 -14.16
C PRO A 5 -16.22 -6.16 -14.84
N SER A 6 -15.96 -5.08 -14.12
CA SER A 6 -15.15 -3.99 -14.65
C SER A 6 -14.67 -3.06 -13.53
N SER A 7 -13.42 -2.62 -13.62
CA SER A 7 -12.86 -1.73 -12.62
C SER A 7 -11.83 -0.79 -13.24
N SER A 8 -12.30 0.09 -14.11
CA SER A 8 -11.42 1.04 -14.79
C SER A 8 -10.84 2.03 -13.78
N PRO A 9 -11.69 2.85 -13.14
CA PRO A 9 -11.25 3.84 -12.16
C PRO A 9 -10.74 3.20 -10.87
N VAL A 10 -10.04 3.98 -10.06
CA VAL A 10 -9.50 3.49 -8.79
C VAL A 10 -10.57 2.76 -7.99
N PRO A 11 -10.51 1.40 -7.95
CA PRO A 11 -11.47 0.60 -7.22
C PRO A 11 -11.33 0.75 -5.71
N THR A 12 -12.15 0.02 -4.96
CA THR A 12 -12.11 0.08 -3.50
C THR A 12 -12.02 -1.32 -2.90
N LEU A 13 -10.88 -1.61 -2.29
CA LEU A 13 -10.67 -2.92 -1.66
C LEU A 13 -11.55 -3.09 -0.43
N SER A 14 -11.08 -3.87 0.54
CA SER A 14 -11.86 -4.13 1.75
C SER A 14 -11.06 -3.72 2.99
N PRO A 15 -11.57 -4.03 4.21
CA PRO A 15 -10.89 -3.68 5.46
C PRO A 15 -9.43 -4.12 5.46
N GLU A 16 -9.11 -5.11 4.63
CA GLU A 16 -7.76 -5.64 4.50
C GLU A 16 -6.74 -4.49 4.47
N GLN A 17 -7.18 -3.38 3.96
CA GLN A 17 -6.35 -2.20 3.82
C GLN A 17 -5.80 -1.73 5.13
N GLN A 18 -6.67 -1.31 6.00
CA GLN A 18 -6.25 -0.81 7.30
C GLN A 18 -5.62 -1.91 8.13
N GLU A 19 -6.01 -3.15 7.85
CA GLU A 19 -5.43 -4.27 8.58
C GLU A 19 -3.93 -4.29 8.33
N MET A 20 -3.53 -3.83 7.15
CA MET A 20 -2.14 -3.78 6.77
C MET A 20 -1.56 -2.38 6.87
N LEU A 21 -1.99 -1.51 5.96
CA LEU A 21 -1.54 -0.12 5.87
C LEU A 21 -1.00 0.43 7.20
N GLN A 22 -1.69 0.14 8.29
CA GLN A 22 -1.25 0.61 9.60
C GLN A 22 0.14 0.07 9.93
N ALA A 23 0.25 -1.25 10.00
CA ALA A 23 1.52 -1.89 10.32
C ALA A 23 2.52 -1.75 9.18
N PHE A 24 2.04 -1.40 7.99
CA PHE A 24 2.89 -1.25 6.83
C PHE A 24 3.57 0.13 6.84
N SER A 25 2.92 1.08 7.51
CA SER A 25 3.45 2.43 7.61
C SER A 25 4.75 2.40 8.42
N THR A 26 4.75 1.58 9.46
CA THR A 26 5.92 1.43 10.32
C THR A 26 7.03 0.64 9.62
N GLN A 27 6.76 0.14 8.42
CA GLN A 27 7.75 -0.63 7.65
C GLN A 27 9.14 0.02 7.74
N SER A 28 9.46 0.91 6.80
CA SER A 28 10.73 1.59 6.84
C SER A 28 10.60 2.92 7.57
N GLY A 29 9.37 3.42 7.62
CA GLY A 29 9.10 4.69 8.29
C GLY A 29 8.38 5.68 7.39
N MET A 30 7.67 5.17 6.38
CA MET A 30 6.93 6.02 5.45
C MET A 30 5.62 6.52 6.06
N ASN A 31 4.67 6.90 5.21
CA ASN A 31 3.37 7.39 5.67
C ASN A 31 2.33 6.28 5.73
N LEU A 32 1.07 6.67 5.90
CA LEU A 32 -0.03 5.71 5.99
C LEU A 32 -0.87 5.68 4.70
N GLU A 33 -0.46 6.43 3.68
CA GLU A 33 -1.20 6.47 2.43
C GLU A 33 -0.37 5.95 1.27
N TRP A 34 0.95 6.06 1.38
CA TRP A 34 1.84 5.58 0.33
C TRP A 34 2.12 4.10 0.53
N SER A 35 1.80 3.59 1.73
CA SER A 35 2.00 2.18 2.04
C SER A 35 0.95 1.33 1.33
N GLN A 36 -0.22 1.91 1.08
CA GLN A 36 -1.30 1.20 0.40
C GLN A 36 -0.86 0.74 -0.98
N LYS A 37 -0.25 1.64 -1.75
CA LYS A 37 0.22 1.31 -3.09
C LYS A 37 1.12 0.09 -3.05
N CYS A 38 1.96 0.01 -2.03
CA CYS A 38 2.87 -1.11 -1.87
C CYS A 38 2.09 -2.39 -1.60
N LEU A 39 0.98 -2.26 -0.88
CA LEU A 39 0.13 -3.39 -0.54
C LEU A 39 -1.00 -3.56 -1.53
N GLN A 40 -0.91 -2.91 -2.67
CA GLN A 40 -1.95 -3.02 -3.68
C GLN A 40 -1.39 -3.70 -4.93
N ASP A 41 -0.12 -3.43 -5.21
CA ASP A 41 0.55 -4.03 -6.36
C ASP A 41 0.88 -5.50 -6.06
N ASN A 42 1.09 -5.78 -4.78
CA ASN A 42 1.41 -7.13 -4.33
C ASN A 42 0.16 -7.86 -3.87
N ASN A 43 -0.94 -7.11 -3.66
CA ASN A 43 -2.21 -7.70 -3.24
C ASN A 43 -2.30 -7.90 -1.74
N TRP A 44 -1.67 -7.01 -0.96
CA TRP A 44 -1.73 -7.12 0.49
C TRP A 44 -1.21 -8.46 0.99
N ASP A 45 0.07 -8.71 0.75
CA ASP A 45 0.72 -9.94 1.19
C ASP A 45 1.42 -9.73 2.52
N TYR A 46 1.70 -8.46 2.81
CA TYR A 46 2.38 -8.08 4.03
C TYR A 46 3.60 -8.91 4.27
N THR A 47 4.50 -8.77 3.35
CA THR A 47 5.78 -9.45 3.39
C THR A 47 6.49 -9.22 2.08
N ARG A 48 5.83 -9.59 1.00
CA ARG A 48 6.36 -9.39 -0.34
C ARG A 48 6.11 -7.96 -0.78
N SER A 49 5.09 -7.33 -0.16
CA SER A 49 4.75 -5.96 -0.47
C SER A 49 5.81 -5.03 0.12
N ALA A 50 5.84 -4.93 1.44
CA ALA A 50 6.83 -4.09 2.11
C ALA A 50 8.24 -4.48 1.67
N GLN A 51 8.40 -5.70 1.18
CA GLN A 51 9.72 -6.16 0.73
C GLN A 51 10.13 -5.43 -0.54
N ALA A 52 9.20 -5.32 -1.49
CA ALA A 52 9.48 -4.62 -2.73
C ALA A 52 9.49 -3.11 -2.50
N PHE A 53 8.85 -2.68 -1.42
CA PHE A 53 8.78 -1.28 -1.07
C PHE A 53 10.15 -0.81 -0.62
N THR A 54 10.88 -1.65 0.10
CA THR A 54 12.21 -1.29 0.57
C THR A 54 13.07 -0.86 -0.60
N HIS A 55 13.14 -1.69 -1.63
CA HIS A 55 13.93 -1.38 -2.81
C HIS A 55 13.28 -0.23 -3.57
N LEU A 56 11.96 -0.12 -3.41
CA LEU A 56 11.19 0.93 -4.08
C LEU A 56 11.15 2.21 -3.24
N LYS A 57 11.79 2.19 -2.06
CA LYS A 57 11.81 3.38 -1.20
C LYS A 57 12.67 4.48 -1.81
N ALA A 58 13.96 4.19 -1.96
CA ALA A 58 14.88 5.17 -2.53
C ALA A 58 15.10 4.94 -4.02
N LYS A 59 14.78 3.75 -4.50
CA LYS A 59 14.94 3.42 -5.91
C LYS A 59 13.63 3.63 -6.66
N GLY A 60 12.53 3.23 -6.03
CA GLY A 60 11.23 3.38 -6.65
C GLY A 60 10.83 4.82 -6.84
N GLU A 61 9.67 5.19 -6.29
CA GLU A 61 9.17 6.55 -6.41
C GLU A 61 8.78 7.16 -5.06
N ILE A 62 8.80 6.36 -3.99
CA ILE A 62 8.44 6.86 -2.67
C ILE A 62 9.18 8.15 -2.34
N PRO A 63 8.49 9.30 -2.40
CA PRO A 63 9.10 10.56 -2.07
C PRO A 63 9.20 10.70 -0.55
N GLU A 64 10.09 11.57 -0.10
CA GLU A 64 10.29 11.76 1.32
C GLU A 64 8.98 12.14 2.03
N VAL A 65 8.05 12.72 1.27
CA VAL A 65 6.74 13.10 1.83
C VAL A 65 6.18 11.95 2.65
N ALA A 66 6.30 10.76 2.07
CA ALA A 66 5.85 9.54 2.72
C ALA A 66 6.56 9.36 4.06
N PHE A 67 7.87 9.55 4.04
CA PHE A 67 8.69 9.42 5.25
C PHE A 67 8.74 10.73 6.02
N MET A 68 7.58 11.34 6.23
CA MET A 68 7.49 12.60 6.96
C MET A 68 8.40 13.66 6.32
N LYS A 69 7.78 14.62 5.63
CA LYS A 69 8.54 15.68 4.98
C LYS A 69 8.12 17.05 5.51
N PRO A 1 -23.50 15.39 -7.18
CA PRO A 1 -23.74 15.40 -8.65
C PRO A 1 -22.43 15.49 -9.45
N ALA A 2 -21.96 14.35 -9.94
CA ALA A 2 -20.72 14.31 -10.71
C ALA A 2 -20.73 13.13 -11.69
N PRO A 3 -21.14 13.36 -12.94
CA PRO A 3 -21.19 12.32 -13.97
C PRO A 3 -19.80 11.88 -14.41
N THR A 4 -18.83 12.78 -14.27
CA THR A 4 -17.46 12.49 -14.66
C THR A 4 -17.40 11.99 -16.10
N PRO A 5 -17.14 12.90 -17.06
CA PRO A 5 -17.06 12.54 -18.49
C PRO A 5 -16.09 11.39 -18.73
N SER A 6 -14.96 11.41 -18.04
CA SER A 6 -13.95 10.36 -18.19
C SER A 6 -14.34 9.13 -17.38
N SER A 7 -14.71 8.06 -18.09
CA SER A 7 -15.11 6.82 -17.44
C SER A 7 -14.01 6.33 -16.49
N SER A 8 -14.34 6.28 -15.20
CA SER A 8 -13.39 5.83 -14.19
C SER A 8 -13.60 4.36 -13.85
N PRO A 9 -12.51 3.62 -13.58
CA PRO A 9 -12.59 2.20 -13.24
C PRO A 9 -13.20 1.97 -11.85
N VAL A 10 -13.05 0.75 -11.34
CA VAL A 10 -13.58 0.40 -10.03
C VAL A 10 -12.60 -0.47 -9.26
N PRO A 11 -11.77 0.16 -8.40
CA PRO A 11 -10.78 -0.57 -7.59
C PRO A 11 -11.40 -1.72 -6.82
N THR A 12 -10.57 -2.69 -6.47
CA THR A 12 -11.02 -3.86 -5.72
C THR A 12 -10.26 -4.02 -4.41
N LEU A 13 -10.81 -3.46 -3.34
CA LEU A 13 -10.17 -3.54 -2.03
C LEU A 13 -11.21 -3.74 -0.93
N SER A 14 -10.74 -4.06 0.27
CA SER A 14 -11.61 -4.30 1.42
C SER A 14 -10.87 -3.90 2.68
N PRO A 15 -11.40 -4.22 3.87
CA PRO A 15 -10.74 -3.88 5.14
C PRO A 15 -9.27 -4.27 5.14
N GLU A 16 -8.92 -5.25 4.30
CA GLU A 16 -7.55 -5.73 4.16
C GLU A 16 -6.55 -4.59 4.16
N GLN A 17 -7.00 -3.46 3.66
CA GLN A 17 -6.19 -2.29 3.56
C GLN A 17 -5.72 -1.81 4.90
N GLN A 18 -6.65 -1.38 5.70
CA GLN A 18 -6.30 -0.88 7.02
C GLN A 18 -5.66 -1.96 7.86
N GLU A 19 -5.90 -3.22 7.50
CA GLU A 19 -5.28 -4.32 8.22
C GLU A 19 -3.78 -4.15 8.14
N MET A 20 -3.29 -3.94 6.92
CA MET A 20 -1.89 -3.75 6.67
C MET A 20 -1.43 -2.32 6.88
N LEU A 21 -1.92 -1.43 6.01
CA LEU A 21 -1.57 0.00 6.01
C LEU A 21 -1.03 0.51 7.34
N GLN A 22 -1.68 0.14 8.44
CA GLN A 22 -1.22 0.57 9.76
C GLN A 22 0.15 -0.03 10.06
N ALA A 23 0.22 -1.35 10.06
CA ALA A 23 1.48 -2.03 10.33
C ALA A 23 2.44 -1.90 9.16
N PHE A 24 1.99 -1.28 8.06
CA PHE A 24 2.82 -1.10 6.89
C PHE A 24 3.38 0.31 6.83
N SER A 25 2.76 1.23 7.58
CA SER A 25 3.23 2.60 7.61
C SER A 25 4.56 2.66 8.34
N THR A 26 4.70 1.81 9.35
CA THR A 26 5.93 1.74 10.13
C THR A 26 6.91 0.72 9.53
N GLN A 27 6.63 0.23 8.32
CA GLN A 27 7.50 -0.73 7.67
C GLN A 27 8.94 -0.22 7.66
N SER A 28 9.28 0.57 6.64
CA SER A 28 10.62 1.13 6.54
C SER A 28 10.63 2.54 7.11
N GLY A 29 9.44 3.16 7.16
CA GLY A 29 9.32 4.52 7.67
C GLY A 29 8.38 5.37 6.85
N MET A 30 7.93 4.86 5.70
CA MET A 30 7.03 5.59 4.82
C MET A 30 5.84 6.20 5.57
N ASN A 31 4.97 6.86 4.82
CA ASN A 31 3.79 7.50 5.39
C ASN A 31 2.65 6.50 5.59
N LEU A 32 1.44 7.02 5.76
CA LEU A 32 0.26 6.19 5.96
C LEU A 32 -0.62 6.15 4.71
N GLU A 33 -0.16 6.75 3.61
CA GLU A 33 -0.93 6.78 2.37
C GLU A 33 -0.18 6.14 1.22
N TRP A 34 1.15 6.19 1.25
CA TRP A 34 1.94 5.58 0.19
C TRP A 34 2.08 4.08 0.45
N SER A 35 1.84 3.67 1.70
CA SER A 35 1.92 2.28 2.10
C SER A 35 0.80 1.46 1.46
N GLN A 36 -0.37 2.08 1.30
CA GLN A 36 -1.51 1.39 0.71
C GLN A 36 -1.22 0.96 -0.72
N LYS A 37 -0.44 1.76 -1.43
CA LYS A 37 -0.09 1.46 -2.81
C LYS A 37 0.96 0.36 -2.86
N CYS A 38 1.84 0.35 -1.87
CA CYS A 38 2.87 -0.67 -1.79
C CYS A 38 2.24 -2.02 -1.50
N LEU A 39 1.11 -1.99 -0.81
CA LEU A 39 0.38 -3.21 -0.46
C LEU A 39 -0.71 -3.52 -1.48
N GLN A 40 -0.62 -2.89 -2.64
CA GLN A 40 -1.61 -3.12 -3.68
C GLN A 40 -0.97 -3.83 -4.88
N ASP A 41 0.35 -3.72 -4.99
CA ASP A 41 1.09 -4.36 -6.08
C ASP A 41 1.37 -5.82 -5.74
N ASN A 42 1.51 -6.11 -4.45
CA ASN A 42 1.78 -7.47 -3.99
C ASN A 42 0.52 -8.15 -3.47
N ASN A 43 -0.58 -7.39 -3.39
CA ASN A 43 -1.87 -7.93 -2.93
C ASN A 43 -2.02 -7.95 -1.42
N TRP A 44 -1.40 -6.99 -0.73
CA TRP A 44 -1.54 -6.91 0.71
C TRP A 44 -1.00 -8.12 1.45
N ASP A 45 0.01 -8.77 0.89
CA ASP A 45 0.61 -9.91 1.57
C ASP A 45 1.15 -9.45 2.90
N TYR A 46 1.76 -8.27 2.86
CA TYR A 46 2.34 -7.60 4.03
C TYR A 46 3.80 -7.95 4.18
N THR A 47 4.11 -9.20 3.92
CA THR A 47 5.47 -9.68 4.02
C THR A 47 6.15 -9.58 2.67
N ARG A 48 5.41 -9.90 1.62
CA ARG A 48 5.90 -9.82 0.27
C ARG A 48 5.72 -8.41 -0.27
N SER A 49 4.74 -7.69 0.28
CA SER A 49 4.47 -6.32 -0.12
C SER A 49 5.60 -5.43 0.34
N ALA A 50 5.73 -5.26 1.65
CA ALA A 50 6.79 -4.44 2.21
C ALA A 50 8.16 -4.82 1.62
N GLN A 51 8.28 -6.05 1.12
CA GLN A 51 9.54 -6.49 0.54
C GLN A 51 9.83 -5.72 -0.74
N ALA A 52 8.84 -5.63 -1.62
CA ALA A 52 8.99 -4.90 -2.87
C ALA A 52 8.98 -3.40 -2.63
N PHE A 53 8.41 -3.00 -1.49
CA PHE A 53 8.33 -1.61 -1.12
C PHE A 53 9.71 -1.08 -0.76
N THR A 54 10.49 -1.91 -0.08
CA THR A 54 11.84 -1.51 0.31
C THR A 54 12.63 -1.05 -0.90
N HIS A 55 12.62 -1.86 -1.96
CA HIS A 55 13.32 -1.51 -3.18
C HIS A 55 12.65 -0.30 -3.81
N LEU A 56 11.36 -0.14 -3.52
CA LEU A 56 10.57 0.97 -4.05
C LEU A 56 10.85 2.28 -3.31
N LYS A 57 11.45 2.19 -2.12
CA LYS A 57 11.75 3.40 -1.35
C LYS A 57 12.84 4.22 -2.03
N ALA A 58 13.86 3.53 -2.53
CA ALA A 58 14.98 4.20 -3.20
C ALA A 58 14.71 4.37 -4.69
N LYS A 59 14.21 3.31 -5.33
CA LYS A 59 13.91 3.34 -6.75
C LYS A 59 12.55 3.96 -7.02
N GLY A 60 11.55 3.54 -6.27
CA GLY A 60 10.21 4.06 -6.43
C GLY A 60 10.14 5.55 -6.17
N GLU A 61 9.08 5.98 -5.49
CA GLU A 61 8.88 7.39 -5.18
C GLU A 61 9.41 7.72 -3.78
N ILE A 62 8.52 7.67 -2.77
CA ILE A 62 8.88 7.97 -1.38
C ILE A 62 9.95 9.07 -1.29
N PRO A 63 9.67 10.24 -1.88
CA PRO A 63 10.63 11.34 -1.90
C PRO A 63 10.62 12.21 -0.65
N GLU A 64 10.54 11.57 0.52
CA GLU A 64 10.53 12.25 1.81
C GLU A 64 9.12 12.67 2.20
N VAL A 65 8.30 12.95 1.21
CA VAL A 65 6.92 13.32 1.46
C VAL A 65 6.23 12.19 2.21
N ALA A 66 6.70 10.97 1.97
CA ALA A 66 6.14 9.79 2.63
C ALA A 66 6.72 9.63 4.03
N PHE A 67 8.02 9.36 4.07
CA PHE A 67 8.74 9.16 5.33
C PHE A 67 8.38 10.24 6.35
N MET A 68 8.72 11.48 6.04
CA MET A 68 8.45 12.61 6.92
C MET A 68 9.18 13.86 6.44
N LYS A 69 8.71 14.43 5.33
CA LYS A 69 9.32 15.63 4.77
C LYS A 69 9.49 16.71 5.84
N PRO A 1 -13.57 -13.75 -27.88
CA PRO A 1 -13.44 -12.28 -27.74
C PRO A 1 -14.74 -11.62 -27.27
N ALA A 2 -14.82 -11.34 -25.97
CA ALA A 2 -16.00 -10.72 -25.39
C ALA A 2 -15.83 -10.48 -23.90
N PRO A 3 -15.64 -11.56 -23.11
CA PRO A 3 -15.46 -11.46 -21.66
C PRO A 3 -14.12 -10.84 -21.29
N THR A 4 -13.06 -11.31 -21.94
CA THR A 4 -11.72 -10.80 -21.67
C THR A 4 -11.40 -10.83 -20.18
N PRO A 5 -10.76 -11.91 -19.70
CA PRO A 5 -10.40 -12.05 -18.29
C PRO A 5 -9.66 -10.84 -17.75
N SER A 6 -8.54 -10.50 -18.39
CA SER A 6 -7.74 -9.36 -17.98
C SER A 6 -7.29 -9.51 -16.53
N SER A 7 -6.58 -8.50 -16.02
CA SER A 7 -6.09 -8.53 -14.65
C SER A 7 -7.06 -7.80 -13.71
N SER A 8 -7.81 -8.57 -12.95
CA SER A 8 -8.77 -8.00 -12.00
C SER A 8 -9.70 -7.01 -12.71
N PRO A 9 -10.69 -7.52 -13.46
CA PRO A 9 -11.65 -6.66 -14.18
C PRO A 9 -12.60 -5.94 -13.24
N VAL A 10 -12.76 -6.47 -12.03
CA VAL A 10 -13.64 -5.87 -11.04
C VAL A 10 -13.03 -5.95 -9.64
N PRO A 11 -12.03 -5.12 -9.35
CA PRO A 11 -11.36 -5.09 -8.04
C PRO A 11 -12.26 -4.54 -6.94
N THR A 12 -11.78 -4.62 -5.71
CA THR A 12 -12.54 -4.13 -4.56
C THR A 12 -11.83 -4.45 -3.26
N LEU A 13 -11.31 -3.43 -2.59
CA LEU A 13 -10.61 -3.61 -1.32
C LEU A 13 -11.58 -3.98 -0.20
N SER A 14 -11.15 -3.77 1.03
CA SER A 14 -11.95 -4.09 2.21
C SER A 14 -11.13 -3.79 3.46
N PRO A 15 -11.62 -4.18 4.65
CA PRO A 15 -10.88 -3.94 5.90
C PRO A 15 -9.41 -4.33 5.77
N GLU A 16 -9.12 -5.24 4.86
CA GLU A 16 -7.77 -5.72 4.59
C GLU A 16 -6.79 -4.56 4.58
N GLN A 17 -7.16 -3.54 3.83
CA GLN A 17 -6.33 -2.37 3.66
C GLN A 17 -5.81 -1.83 4.96
N GLN A 18 -6.69 -1.68 5.92
CA GLN A 18 -6.30 -1.14 7.21
C GLN A 18 -5.51 -2.15 8.01
N GLU A 19 -5.73 -3.43 7.74
CA GLU A 19 -5.00 -4.48 8.41
C GLU A 19 -3.51 -4.24 8.21
N MET A 20 -3.14 -3.98 6.95
CA MET A 20 -1.76 -3.75 6.60
C MET A 20 -1.33 -2.30 6.80
N LEU A 21 -1.93 -1.40 6.04
CA LEU A 21 -1.61 0.03 6.05
C LEU A 21 -1.05 0.52 7.38
N GLN A 22 -1.58 0.01 8.48
CA GLN A 22 -1.09 0.41 9.80
C GLN A 22 0.33 -0.08 10.02
N ALA A 23 0.51 -1.40 9.93
CA ALA A 23 1.83 -2.00 10.12
C ALA A 23 2.75 -1.70 8.94
N PHE A 24 2.19 -1.08 7.89
CA PHE A 24 2.96 -0.74 6.71
C PHE A 24 3.36 0.74 6.74
N SER A 25 2.64 1.52 7.54
CA SER A 25 2.97 2.92 7.66
C SER A 25 4.31 3.03 8.36
N THR A 26 4.58 2.08 9.25
CA THR A 26 5.84 2.03 9.97
C THR A 26 6.76 0.95 9.37
N GLN A 27 6.34 0.36 8.24
CA GLN A 27 7.12 -0.68 7.57
C GLN A 27 8.58 -0.24 7.43
N SER A 28 8.83 0.69 6.51
CA SER A 28 10.17 1.21 6.30
C SER A 28 10.20 2.70 6.61
N GLY A 29 9.25 3.16 7.42
CA GLY A 29 9.18 4.58 7.76
C GLY A 29 8.24 5.35 6.86
N MET A 30 7.46 4.63 6.04
CA MET A 30 6.52 5.25 5.11
C MET A 30 5.45 6.04 5.86
N ASN A 31 4.42 6.46 5.12
CA ASN A 31 3.32 7.23 5.68
C ASN A 31 2.08 6.34 5.87
N LEU A 32 0.93 6.99 6.06
CA LEU A 32 -0.32 6.26 6.25
C LEU A 32 -1.22 6.40 5.02
N GLU A 33 -0.59 6.42 3.84
CA GLU A 33 -1.33 6.55 2.59
C GLU A 33 -0.56 6.01 1.40
N TRP A 34 0.76 6.18 1.40
CA TRP A 34 1.58 5.67 0.31
C TRP A 34 1.78 4.17 0.51
N SER A 35 1.72 3.75 1.79
CA SER A 35 1.89 2.36 2.15
C SER A 35 0.81 1.48 1.52
N GLN A 36 -0.38 2.04 1.30
CA GLN A 36 -1.46 1.28 0.69
C GLN A 36 -1.08 0.83 -0.73
N LYS A 37 -0.48 1.73 -1.49
CA LYS A 37 -0.08 1.40 -2.86
C LYS A 37 0.91 0.24 -2.87
N CYS A 38 1.79 0.21 -1.89
CA CYS A 38 2.77 -0.86 -1.78
C CYS A 38 2.08 -2.18 -1.47
N LEU A 39 0.92 -2.09 -0.84
CA LEU A 39 0.15 -3.27 -0.47
C LEU A 39 -0.96 -3.56 -1.47
N GLN A 40 -0.91 -2.93 -2.62
CA GLN A 40 -1.92 -3.14 -3.63
C GLN A 40 -1.31 -3.83 -4.86
N ASP A 41 0.02 -3.84 -4.94
CA ASP A 41 0.72 -4.48 -6.05
C ASP A 41 0.97 -5.96 -5.73
N ASN A 42 1.21 -6.23 -4.45
CA ASN A 42 1.47 -7.60 -4.01
C ASN A 42 0.19 -8.26 -3.47
N ASN A 43 -0.88 -7.48 -3.38
CA ASN A 43 -2.18 -7.98 -2.90
C ASN A 43 -2.29 -8.00 -1.39
N TRP A 44 -1.65 -7.04 -0.72
CA TRP A 44 -1.75 -6.96 0.73
C TRP A 44 -1.16 -8.17 1.45
N ASP A 45 -0.24 -8.86 0.80
CA ASP A 45 0.40 -10.00 1.45
C ASP A 45 1.07 -9.51 2.73
N TYR A 46 1.62 -8.31 2.62
CA TYR A 46 2.29 -7.61 3.72
C TYR A 46 3.77 -7.90 3.74
N THR A 47 4.13 -9.10 3.35
CA THR A 47 5.53 -9.51 3.34
C THR A 47 6.14 -9.29 1.97
N ARG A 48 5.34 -9.51 0.92
CA ARG A 48 5.81 -9.33 -0.44
C ARG A 48 5.66 -7.88 -0.88
N SER A 49 4.67 -7.20 -0.32
CA SER A 49 4.44 -5.80 -0.65
C SER A 49 5.56 -4.96 -0.06
N ALA A 50 5.61 -4.88 1.26
CA ALA A 50 6.66 -4.11 1.94
C ALA A 50 8.05 -4.52 1.44
N GLN A 51 8.17 -5.72 0.90
CA GLN A 51 9.46 -6.19 0.40
C GLN A 51 9.83 -5.46 -0.88
N ALA A 52 8.92 -5.45 -1.84
CA ALA A 52 9.14 -4.76 -3.10
C ALA A 52 9.09 -3.25 -2.90
N PHE A 53 8.54 -2.84 -1.76
CA PHE A 53 8.40 -1.44 -1.42
C PHE A 53 9.74 -0.87 -1.00
N THR A 54 10.50 -1.64 -0.21
CA THR A 54 11.78 -1.18 0.25
C THR A 54 12.74 -1.01 -0.91
N HIS A 55 12.78 -1.98 -1.79
CA HIS A 55 13.64 -1.91 -2.96
C HIS A 55 13.34 -0.64 -3.75
N LEU A 56 12.13 -0.14 -3.57
CA LEU A 56 11.69 1.07 -4.27
C LEU A 56 12.01 2.35 -3.49
N LYS A 57 12.04 2.26 -2.15
CA LYS A 57 12.33 3.45 -1.34
C LYS A 57 13.62 4.12 -1.81
N ALA A 58 14.58 3.32 -2.23
CA ALA A 58 15.86 3.83 -2.70
C ALA A 58 15.94 3.84 -4.22
N LYS A 59 15.72 2.67 -4.83
CA LYS A 59 15.77 2.56 -6.28
C LYS A 59 14.70 3.41 -6.95
N GLY A 60 13.46 3.25 -6.50
CA GLY A 60 12.36 4.01 -7.06
C GLY A 60 12.49 5.49 -6.78
N GLU A 61 11.99 5.92 -5.63
CA GLU A 61 12.05 7.33 -5.25
C GLU A 61 11.31 7.58 -3.95
N ILE A 62 10.00 7.39 -3.98
CA ILE A 62 9.16 7.61 -2.80
C ILE A 62 9.37 9.01 -2.24
N PRO A 63 8.41 9.91 -2.45
CA PRO A 63 8.50 11.28 -1.93
C PRO A 63 8.72 11.27 -0.42
N GLU A 64 9.45 12.26 0.08
CA GLU A 64 9.73 12.35 1.50
C GLU A 64 8.45 12.59 2.30
N VAL A 65 7.47 13.20 1.67
CA VAL A 65 6.17 13.46 2.31
C VAL A 65 5.66 12.17 2.95
N ALA A 66 6.07 11.04 2.37
CA ALA A 66 5.68 9.73 2.84
C ALA A 66 6.42 9.39 4.13
N PHE A 67 7.73 9.64 4.16
CA PHE A 67 8.55 9.36 5.33
C PHE A 67 8.50 10.51 6.32
N MET A 68 7.30 10.99 6.64
CA MET A 68 7.14 12.09 7.58
C MET A 68 7.99 13.28 7.17
N LYS A 69 7.42 14.16 6.35
CA LYS A 69 8.13 15.34 5.87
C LYS A 69 7.74 16.57 6.68
N PRO A 1 -17.83 15.11 -18.76
CA PRO A 1 -16.79 14.71 -19.75
C PRO A 1 -16.43 13.24 -19.64
N ALA A 2 -17.44 12.38 -19.51
CA ALA A 2 -17.23 10.95 -19.38
C ALA A 2 -16.59 10.59 -18.05
N PRO A 3 -17.41 10.28 -17.03
CA PRO A 3 -16.93 9.93 -15.70
C PRO A 3 -16.54 8.45 -15.58
N THR A 4 -16.47 7.76 -16.72
CA THR A 4 -16.11 6.35 -16.73
C THR A 4 -14.60 6.16 -16.69
N PRO A 5 -13.87 6.77 -17.64
CA PRO A 5 -12.41 6.67 -17.71
C PRO A 5 -11.75 6.96 -16.37
N SER A 6 -12.43 7.71 -15.53
CA SER A 6 -11.92 8.06 -14.21
C SER A 6 -11.98 6.86 -13.27
N SER A 7 -13.12 6.19 -13.27
CA SER A 7 -13.31 5.02 -12.40
C SER A 7 -14.07 3.92 -13.14
N SER A 8 -13.40 3.30 -14.11
CA SER A 8 -14.01 2.22 -14.89
C SER A 8 -13.78 0.87 -14.22
N PRO A 9 -12.51 0.56 -13.90
CA PRO A 9 -12.15 -0.72 -13.26
C PRO A 9 -13.00 -1.00 -12.02
N VAL A 10 -13.17 -2.28 -11.71
CA VAL A 10 -13.95 -2.69 -10.55
C VAL A 10 -13.05 -3.21 -9.43
N PRO A 11 -12.31 -2.31 -8.76
CA PRO A 11 -11.40 -2.69 -7.67
C PRO A 11 -12.15 -3.14 -6.42
N THR A 12 -11.64 -4.16 -5.75
CA THR A 12 -12.27 -4.68 -4.55
C THR A 12 -11.32 -4.56 -3.35
N LEU A 13 -11.88 -4.69 -2.15
CA LEU A 13 -11.09 -4.59 -0.94
C LEU A 13 -11.96 -4.83 0.30
N SER A 14 -11.32 -5.00 1.45
CA SER A 14 -12.00 -5.26 2.70
C SER A 14 -11.20 -4.65 3.84
N PRO A 15 -11.56 -4.93 5.11
CA PRO A 15 -10.83 -4.38 6.26
C PRO A 15 -9.31 -4.58 6.13
N GLU A 16 -8.92 -5.58 5.33
CA GLU A 16 -7.52 -5.90 5.09
C GLU A 16 -6.70 -4.63 4.90
N GLN A 17 -7.35 -3.63 4.36
CA GLN A 17 -6.71 -2.38 4.06
C GLN A 17 -6.17 -1.71 5.30
N GLN A 18 -7.05 -1.31 6.16
CA GLN A 18 -6.62 -0.63 7.37
C GLN A 18 -5.95 -1.58 8.35
N GLU A 19 -6.06 -2.87 8.10
CA GLU A 19 -5.42 -3.84 8.97
C GLU A 19 -3.94 -3.91 8.61
N MET A 20 -3.63 -3.61 7.36
CA MET A 20 -2.26 -3.64 6.88
C MET A 20 -1.65 -2.25 6.80
N LEU A 21 -2.22 -1.42 5.93
CA LEU A 21 -1.75 -0.05 5.69
C LEU A 21 -1.11 0.59 6.93
N GLN A 22 -1.86 0.64 8.02
CA GLN A 22 -1.35 1.26 9.25
C GLN A 22 -0.07 0.57 9.73
N ALA A 23 -0.10 -0.75 9.79
CA ALA A 23 1.06 -1.49 10.25
C ALA A 23 2.10 -1.66 9.14
N PHE A 24 1.79 -1.16 7.94
CA PHE A 24 2.70 -1.27 6.82
C PHE A 24 3.56 -0.01 6.74
N SER A 25 3.02 1.11 7.21
CA SER A 25 3.75 2.36 7.19
C SER A 25 5.00 2.24 8.05
N THR A 26 4.86 1.61 9.21
CA THR A 26 5.98 1.42 10.12
C THR A 26 7.04 0.49 9.54
N GLN A 27 6.68 -0.25 8.48
CA GLN A 27 7.61 -1.18 7.83
C GLN A 27 9.00 -0.57 7.69
N SER A 28 9.21 0.21 6.64
CA SER A 28 10.50 0.83 6.42
C SER A 28 10.40 2.36 6.50
N GLY A 29 9.34 2.85 7.15
CA GLY A 29 9.16 4.28 7.29
C GLY A 29 8.04 4.83 6.41
N MET A 30 7.48 3.99 5.55
CA MET A 30 6.40 4.43 4.66
C MET A 30 5.30 5.15 5.43
N ASN A 31 4.46 5.88 4.71
CA ASN A 31 3.36 6.62 5.32
C ASN A 31 2.11 5.75 5.39
N LEU A 32 0.95 6.38 5.53
CA LEU A 32 -0.31 5.65 5.60
C LEU A 32 -1.11 5.80 4.31
N GLU A 33 -0.50 6.37 3.27
CA GLU A 33 -1.19 6.56 1.99
C GLU A 33 -0.40 6.01 0.81
N TRP A 34 0.92 6.01 0.93
CA TRP A 34 1.77 5.46 -0.13
C TRP A 34 1.98 3.97 0.10
N SER A 35 1.89 3.58 1.36
CA SER A 35 2.05 2.19 1.76
C SER A 35 0.86 1.35 1.29
N GLN A 36 -0.31 1.97 1.17
CA GLN A 36 -1.50 1.26 0.72
C GLN A 36 -1.35 0.82 -0.73
N LYS A 37 -0.85 1.72 -1.57
CA LYS A 37 -0.64 1.41 -2.98
C LYS A 37 0.27 0.20 -3.12
N CYS A 38 1.22 0.10 -2.20
CA CYS A 38 2.15 -1.02 -2.20
C CYS A 38 1.40 -2.31 -1.88
N LEU A 39 0.42 -2.18 -1.01
CA LEU A 39 -0.39 -3.32 -0.61
C LEU A 39 -1.59 -3.50 -1.53
N GLN A 40 -1.59 -2.82 -2.65
CA GLN A 40 -2.68 -2.93 -3.60
C GLN A 40 -2.21 -3.55 -4.90
N ASP A 41 -0.92 -3.37 -5.20
CA ASP A 41 -0.33 -3.93 -6.41
C ASP A 41 0.11 -5.36 -6.14
N ASN A 42 0.47 -5.64 -4.89
CA ASN A 42 0.91 -6.96 -4.48
C ASN A 42 -0.25 -7.76 -3.87
N ASN A 43 -1.38 -7.09 -3.65
CA ASN A 43 -2.58 -7.72 -3.08
C ASN A 43 -2.53 -7.77 -1.56
N TRP A 44 -1.91 -6.77 -0.93
CA TRP A 44 -1.83 -6.72 0.51
C TRP A 44 -0.97 -7.83 1.08
N ASP A 45 0.21 -7.98 0.48
CA ASP A 45 1.20 -8.94 0.94
C ASP A 45 2.01 -8.23 1.99
N TYR A 46 1.39 -8.10 3.15
CA TYR A 46 1.99 -7.39 4.28
C TYR A 46 3.49 -7.59 4.40
N THR A 47 3.95 -8.73 3.94
CA THR A 47 5.38 -9.04 4.03
C THR A 47 6.08 -8.87 2.68
N ARG A 48 5.37 -9.19 1.60
CA ARG A 48 5.95 -9.10 0.26
C ARG A 48 6.00 -7.66 -0.27
N SER A 49 4.84 -7.02 -0.36
CA SER A 49 4.75 -5.65 -0.85
C SER A 49 5.81 -4.77 -0.21
N ALA A 50 5.82 -4.73 1.11
CA ALA A 50 6.80 -3.91 1.82
C ALA A 50 8.24 -4.28 1.46
N GLN A 51 8.49 -5.54 1.18
CA GLN A 51 9.84 -5.97 0.81
C GLN A 51 10.25 -5.33 -0.51
N ALA A 52 9.29 -5.21 -1.42
CA ALA A 52 9.54 -4.59 -2.71
C ALA A 52 9.50 -3.08 -2.61
N PHE A 53 8.87 -2.58 -1.54
CA PHE A 53 8.75 -1.16 -1.31
C PHE A 53 10.09 -0.60 -0.86
N THR A 54 10.81 -1.37 -0.05
CA THR A 54 12.10 -0.95 0.46
C THR A 54 13.09 -0.72 -0.68
N HIS A 55 13.15 -1.66 -1.60
CA HIS A 55 14.05 -1.54 -2.74
C HIS A 55 13.77 -0.26 -3.53
N LEU A 56 12.53 0.20 -3.44
CA LEU A 56 12.11 1.41 -4.15
C LEU A 56 12.47 2.68 -3.36
N LYS A 57 12.45 2.59 -2.03
CA LYS A 57 12.79 3.74 -1.20
C LYS A 57 14.10 4.39 -1.65
N ALA A 58 14.95 3.59 -2.26
CA ALA A 58 16.25 4.07 -2.74
C ALA A 58 16.34 4.03 -4.26
N LYS A 59 16.15 2.85 -4.83
CA LYS A 59 16.22 2.68 -6.28
C LYS A 59 15.15 3.52 -6.98
N GLY A 60 13.93 3.44 -6.48
CA GLY A 60 12.84 4.20 -7.06
C GLY A 60 12.94 5.68 -6.78
N GLU A 61 12.20 6.14 -5.78
CA GLU A 61 12.21 7.56 -5.41
C GLU A 61 11.50 7.77 -4.08
N ILE A 62 10.20 7.46 -4.05
CA ILE A 62 9.40 7.63 -2.84
C ILE A 62 9.57 9.02 -2.26
N PRO A 63 8.60 9.92 -2.48
CA PRO A 63 8.66 11.26 -1.94
C PRO A 63 8.85 11.20 -0.43
N GLU A 64 9.61 12.13 0.13
CA GLU A 64 9.87 12.13 1.57
C GLU A 64 8.57 12.29 2.35
N VAL A 65 7.61 13.00 1.77
CA VAL A 65 6.30 13.21 2.40
C VAL A 65 5.78 11.90 2.99
N ALA A 66 6.17 10.78 2.37
CA ALA A 66 5.75 9.46 2.82
C ALA A 66 6.38 9.11 4.16
N PHE A 67 7.68 9.29 4.25
CA PHE A 67 8.42 9.00 5.48
C PHE A 67 8.24 10.10 6.53
N MET A 68 7.40 11.10 6.22
CA MET A 68 7.15 12.21 7.15
C MET A 68 8.27 13.25 7.06
N LYS A 69 8.25 14.04 5.98
CA LYS A 69 9.26 15.06 5.77
C LYS A 69 8.60 16.41 5.46
#